data_8ASA
#
_entry.id   8ASA
#
_cell.length_a   86.708
_cell.length_b   90.772
_cell.length_c   91.676
_cell.angle_alpha   90.460
_cell.angle_beta   108.600
_cell.angle_gamma   109.710
#
_symmetry.space_group_name_H-M   'P 1'
#
loop_
_entity.id
_entity.type
_entity.pdbx_description
1 polymer Exostosin
2 non-polymer GLYCEROL
3 non-polymer 1,2-ETHANEDIOL
4 non-polymer 'MAGNESIUM ION'
5 non-polymer 'CALCIUM ION'
6 non-polymer BICINE
7 water water
#
_entity_poly.entity_id   1
_entity_poly.type   'polypeptide(L)'
_entity_poly.pdbx_seq_one_letter_code
;GPLGS(MSE)KLAELTLESDDFITSDKLFNFCKSTIFGAKYVKTDFIKFRQYQYIVSNCGWRDDTDVVFLENTPVLVTGH
SDYDISEREIDIIRLPNIRAWFCQNRNIPHPKVISFPLGITNKDEPNSEIHRIIGNTDRILEVSKTPKEIKNLVY(MSE)
NITVKNFPEERQRIVDLYSDKSWVTIGKGEVSEEGHRKFLED(MSE)YAHKFCFAPRGNGIDTHRLWESLYLRTIPIVKK
HIA(MSE)EQFTDLPILFVNDWENITEEYLNEQYDII(MSE)AKDWNLDKLKIDYWYQKILEYSQ
;
_entity_poly.pdbx_strand_id   A,B,C,D,E,F,G,H
#
# COMPACT_ATOMS: atom_id res chain seq x y z
N GLY A 4 65.96 18.26 61.71
CA GLY A 4 65.06 19.42 61.99
C GLY A 4 64.68 20.17 60.72
N SER A 5 64.11 21.37 60.85
CA SER A 5 63.86 22.30 59.73
C SER A 5 65.19 22.59 59.03
N LYS A 7 67.45 22.59 54.83
CA LYS A 7 67.42 22.78 53.40
C LYS A 7 67.34 21.41 52.73
N LEU A 8 66.71 21.33 51.56
CA LEU A 8 66.62 20.06 50.79
C LEU A 8 68.04 19.53 50.52
N ALA A 9 68.99 20.42 50.21
CA ALA A 9 70.41 20.09 49.89
C ALA A 9 71.08 19.38 51.07
N GLU A 10 70.62 19.63 52.30
CA GLU A 10 71.23 19.11 53.55
C GLU A 10 70.64 17.76 53.95
N LEU A 11 69.67 17.22 53.18
CA LEU A 11 68.97 15.94 53.49
C LEU A 11 69.99 14.80 53.50
N THR A 12 69.99 13.99 54.57
CA THR A 12 70.81 12.76 54.72
C THR A 12 69.90 11.60 55.11
N LEU A 13 70.07 10.45 54.48
CA LEU A 13 69.21 9.26 54.69
C LEU A 13 70.03 8.11 55.27
N GLU A 14 69.39 7.29 56.11
CA GLU A 14 69.86 5.94 56.53
C GLU A 14 68.92 4.91 55.89
N SER A 15 69.38 3.65 55.79
CA SER A 15 68.72 2.53 55.07
C SER A 15 67.29 2.31 55.58
N ASP A 16 66.97 2.73 56.82
CA ASP A 16 65.69 2.42 57.51
C ASP A 16 64.75 3.64 57.50
N ASP A 17 65.09 4.71 56.78
CA ASP A 17 64.37 6.01 56.83
C ASP A 17 63.16 6.02 55.88
N PHE A 18 63.23 5.23 54.80
CA PHE A 18 62.28 5.31 53.66
C PHE A 18 60.87 4.92 54.11
N ILE A 19 59.91 5.78 53.75
CA ILE A 19 58.46 5.51 53.96
C ILE A 19 58.00 4.51 52.88
N THR A 20 57.39 3.41 53.34
CA THR A 20 56.58 2.47 52.54
C THR A 20 55.30 2.21 53.34
N SER A 21 54.21 1.80 52.68
CA SER A 21 52.92 1.50 53.35
C SER A 21 53.02 0.18 54.12
N ASP A 22 53.93 -0.73 53.73
CA ASP A 22 54.17 -2.01 54.44
C ASP A 22 54.71 -1.71 55.85
N LYS A 23 55.59 -0.71 55.98
CA LYS A 23 56.21 -0.30 57.26
C LYS A 23 55.11 0.18 58.23
N LEU A 24 54.16 0.97 57.75
CA LEU A 24 52.98 1.40 58.53
C LEU A 24 52.06 0.21 58.83
N PHE A 25 51.77 -0.64 57.83
CA PHE A 25 50.91 -1.83 58.00
C PHE A 25 51.53 -2.75 59.06
N ASN A 26 52.84 -3.03 58.95
CA ASN A 26 53.58 -3.86 59.92
CA ASN A 26 53.57 -3.86 59.93
C ASN A 26 53.48 -3.21 61.31
N PHE A 27 53.69 -1.88 61.38
CA PHE A 27 53.66 -1.11 62.65
C PHE A 27 52.33 -1.36 63.38
N CYS A 28 51.23 -1.42 62.63
CA CYS A 28 49.85 -1.52 63.16
C CYS A 28 49.50 -2.95 63.61
N LYS A 29 50.28 -3.97 63.21
CA LYS A 29 50.01 -5.40 63.56
C LYS A 29 50.15 -5.59 65.07
N SER A 30 51.05 -4.84 65.71
CA SER A 30 51.24 -4.81 67.19
C SER A 30 50.11 -3.99 67.83
N THR A 31 49.06 -4.66 68.31
CA THR A 31 47.76 -4.06 68.75
C THR A 31 47.95 -3.25 70.04
N ILE A 32 49.12 -3.36 70.68
CA ILE A 32 49.54 -2.49 71.83
C ILE A 32 49.44 -1.02 71.39
N PHE A 33 49.76 -0.71 70.12
CA PHE A 33 49.81 0.67 69.57
C PHE A 33 48.41 1.18 69.22
N GLY A 34 47.38 0.33 69.31
CA GLY A 34 45.95 0.71 69.23
C GLY A 34 45.59 1.36 67.90
N ALA A 35 46.01 0.78 66.77
CA ALA A 35 45.74 1.27 65.41
C ALA A 35 45.45 0.09 64.47
N LYS A 36 44.38 0.18 63.67
CA LYS A 36 44.01 -0.86 62.68
C LYS A 36 44.25 -0.34 61.26
N TYR A 37 45.00 -1.14 60.47
CA TYR A 37 45.33 -0.90 59.05
C TYR A 37 44.39 -1.76 58.17
N VAL A 38 43.64 -1.09 57.30
CA VAL A 38 42.70 -1.74 56.33
C VAL A 38 43.04 -1.26 54.92
N LYS A 39 43.16 -2.18 53.96
CA LYS A 39 43.30 -1.88 52.51
C LYS A 39 42.05 -1.10 52.10
N THR A 40 42.20 0.02 51.39
CA THR A 40 41.11 1.00 51.13
C THR A 40 39.93 0.33 50.43
N ASP A 41 40.18 -0.63 49.54
CA ASP A 41 39.12 -1.38 48.81
C ASP A 41 38.02 -1.82 49.79
N PHE A 42 38.39 -2.30 50.98
CA PHE A 42 37.45 -2.92 51.96
C PHE A 42 36.66 -1.82 52.70
N ILE A 43 37.06 -0.56 52.54
CA ILE A 43 36.31 0.63 53.02
C ILE A 43 35.35 1.06 51.91
N LYS A 44 35.85 1.17 50.67
CA LYS A 44 35.08 1.65 49.50
C LYS A 44 33.93 0.67 49.21
N PHE A 45 34.14 -0.64 49.35
CA PHE A 45 33.16 -1.68 48.98
C PHE A 45 32.66 -2.43 50.23
N ARG A 46 32.55 -1.71 51.36
CA ARG A 46 32.03 -2.28 52.63
C ARG A 46 30.59 -2.77 52.41
N GLN A 47 30.24 -3.93 52.99
CA GLN A 47 28.88 -4.53 52.88
C GLN A 47 28.12 -4.26 54.18
N TYR A 48 28.79 -3.69 55.18
CA TYR A 48 28.22 -3.15 56.45
C TYR A 48 28.75 -1.74 56.65
N GLN A 49 27.93 -0.87 57.24
CA GLN A 49 28.28 0.56 57.45
C GLN A 49 29.57 0.67 58.28
N TYR A 50 29.68 -0.08 59.38
CA TYR A 50 30.74 0.14 60.41
C TYR A 50 31.54 -1.14 60.69
N ILE A 51 31.43 -2.15 59.82
CA ILE A 51 32.15 -3.45 59.97
C ILE A 51 32.87 -3.76 58.65
N VAL A 52 34.18 -3.94 58.70
CA VAL A 52 35.04 -4.22 57.52
C VAL A 52 36.02 -5.35 57.87
N SER A 53 36.69 -5.90 56.86
CA SER A 53 37.79 -6.89 57.02
C SER A 53 38.75 -6.83 55.82
N ASN A 54 40.02 -7.16 56.07
CA ASN A 54 41.05 -7.30 55.00
C ASN A 54 40.80 -8.59 54.22
N CYS A 55 39.89 -9.44 54.70
CA CYS A 55 39.41 -10.68 54.02
C CYS A 55 40.59 -11.51 53.51
N GLY A 56 41.67 -11.57 54.29
CA GLY A 56 42.83 -12.45 54.04
C GLY A 56 43.96 -11.73 53.31
N TRP A 57 43.74 -10.50 52.84
CA TRP A 57 44.83 -9.62 52.37
C TRP A 57 45.91 -9.57 53.45
N ARG A 58 47.19 -9.77 53.06
CA ARG A 58 48.36 -9.82 53.97
C ARG A 58 48.10 -10.87 55.08
N ASP A 59 47.31 -11.92 54.75
CA ASP A 59 46.88 -13.00 55.68
C ASP A 59 46.10 -12.41 56.88
N ASP A 60 45.38 -11.31 56.70
CA ASP A 60 44.57 -10.65 57.77
C ASP A 60 43.09 -10.92 57.53
N THR A 61 42.49 -11.78 58.36
CA THR A 61 41.07 -12.20 58.32
C THR A 61 40.28 -11.58 59.47
N ASP A 62 40.91 -10.82 60.36
CA ASP A 62 40.21 -10.17 61.50
C ASP A 62 39.06 -9.31 60.96
N VAL A 63 37.92 -9.36 61.64
CA VAL A 63 36.76 -8.46 61.37
C VAL A 63 36.98 -7.20 62.23
N VAL A 64 37.01 -6.02 61.60
CA VAL A 64 37.20 -4.72 62.27
C VAL A 64 35.83 -4.09 62.56
N PHE A 65 35.61 -3.71 63.82
CA PHE A 65 34.41 -2.99 64.31
C PHE A 65 34.82 -1.53 64.53
N LEU A 66 34.54 -0.68 63.53
CA LEU A 66 35.07 0.70 63.45
C LEU A 66 34.51 1.55 64.60
N GLU A 67 33.36 1.17 65.17
CA GLU A 67 32.75 1.83 66.36
C GLU A 67 33.63 1.61 67.60
N ASN A 68 34.57 0.66 67.55
CA ASN A 68 35.48 0.32 68.68
C ASN A 68 36.94 0.46 68.23
N THR A 69 37.20 1.20 67.14
CA THR A 69 38.56 1.41 66.58
C THR A 69 38.95 2.87 66.85
N PRO A 70 40.02 3.13 67.64
CA PRO A 70 40.39 4.50 68.00
C PRO A 70 41.19 5.22 66.92
N VAL A 71 42.08 4.50 66.23
CA VAL A 71 42.87 4.98 65.06
C VAL A 71 42.69 4.00 63.89
N LEU A 72 42.21 4.54 62.77
CA LEU A 72 42.11 3.84 61.46
C LEU A 72 43.21 4.35 60.52
N VAL A 73 43.84 3.43 59.77
CA VAL A 73 44.94 3.69 58.79
C VAL A 73 44.59 2.92 57.51
N THR A 74 44.51 3.61 56.37
CA THR A 74 44.14 3.00 55.06
C THR A 74 45.22 3.30 54.03
N GLY A 75 45.48 2.34 53.13
CA GLY A 75 46.45 2.47 52.03
C GLY A 75 46.49 1.21 51.20
N HIS A 76 47.59 1.01 50.47
CA HIS A 76 47.80 -0.10 49.48
C HIS A 76 46.71 -0.03 48.41
N SER A 77 46.39 1.18 47.94
CA SER A 77 45.27 1.47 47.01
C SER A 77 45.39 2.90 46.45
N ASP A 78 45.08 3.06 45.17
CA ASP A 78 44.90 4.37 44.47
C ASP A 78 43.53 4.97 44.79
N TYR A 79 42.66 4.26 45.52
CA TYR A 79 41.37 4.81 45.99
C TYR A 79 41.66 5.93 46.98
N ASP A 80 40.72 6.85 47.10
CA ASP A 80 40.84 8.04 47.98
C ASP A 80 39.87 7.88 49.15
N ILE A 81 40.04 8.70 50.19
CA ILE A 81 39.04 8.93 51.27
C ILE A 81 38.27 10.21 50.92
N SER A 82 36.96 10.10 50.70
CA SER A 82 36.08 11.18 50.17
C SER A 82 34.78 11.24 50.99
N GLU A 83 33.83 12.07 50.56
CA GLU A 83 32.51 12.29 51.22
C GLU A 83 31.79 10.95 51.43
N ARG A 84 32.03 9.95 50.58
CA ARG A 84 31.44 8.59 50.66
C ARG A 84 31.71 7.96 52.03
N GLU A 85 32.80 8.32 52.69
CA GLU A 85 33.27 7.72 53.97
C GLU A 85 32.91 8.61 55.17
N ILE A 86 32.12 9.67 54.96
CA ILE A 86 31.83 10.72 56.00
C ILE A 86 31.20 10.09 57.24
N ASP A 87 30.35 9.07 57.09
CA ASP A 87 29.66 8.37 58.21
C ASP A 87 30.69 7.69 59.12
N ILE A 88 31.76 7.13 58.55
CA ILE A 88 32.87 6.50 59.33
C ILE A 88 33.69 7.61 60.01
N ILE A 89 33.96 8.70 59.28
CA ILE A 89 34.76 9.87 59.76
C ILE A 89 34.06 10.49 60.99
N ARG A 90 32.73 10.55 60.98
CA ARG A 90 31.92 11.21 62.04
C ARG A 90 31.75 10.31 63.27
N LEU A 91 32.35 9.11 63.28
CA LEU A 91 32.30 8.20 64.46
C LEU A 91 33.10 8.85 65.60
N PRO A 92 32.48 9.12 66.76
CA PRO A 92 33.17 9.84 67.85
C PRO A 92 34.35 9.06 68.45
N ASN A 93 34.32 7.72 68.39
CA ASN A 93 35.39 6.84 68.93
C ASN A 93 36.65 6.95 68.07
N ILE A 94 36.53 7.35 66.80
CA ILE A 94 37.70 7.46 65.87
C ILE A 94 38.37 8.81 66.17
N ARG A 95 39.60 8.76 66.72
CA ARG A 95 40.37 9.97 67.10
C ARG A 95 41.13 10.49 65.88
N ALA A 96 41.48 9.60 64.95
CA ALA A 96 42.33 9.91 63.78
C ALA A 96 42.13 8.86 62.70
N TRP A 97 42.11 9.29 61.44
CA TRP A 97 42.15 8.43 60.23
C TRP A 97 43.37 8.83 59.37
N PHE A 98 44.45 8.05 59.47
CA PHE A 98 45.66 8.17 58.62
C PHE A 98 45.37 7.47 57.29
N CYS A 99 45.50 8.18 56.16
CA CYS A 99 45.11 7.63 54.84
C CYS A 99 46.09 8.06 53.74
N GLN A 100 46.25 7.22 52.72
CA GLN A 100 46.70 7.66 51.38
C GLN A 100 45.50 8.35 50.72
N ASN A 101 45.74 9.39 49.92
CA ASN A 101 44.75 9.99 48.98
C ASN A 101 43.58 10.60 49.76
N ARG A 102 43.88 11.39 50.79
CA ARG A 102 42.92 12.25 51.52
C ARG A 102 42.25 13.19 50.52
N ASN A 103 40.93 13.09 50.36
CA ASN A 103 40.14 13.83 49.35
C ASN A 103 38.83 14.31 49.99
N ILE A 104 38.92 14.77 51.23
CA ILE A 104 37.79 15.41 51.97
C ILE A 104 38.43 16.37 52.96
N PRO A 105 37.94 17.63 53.03
CA PRO A 105 38.53 18.64 53.93
C PRO A 105 38.09 18.52 55.39
N HIS A 106 38.37 17.36 56.02
CA HIS A 106 37.98 17.05 57.42
C HIS A 106 39.24 16.95 58.26
N PRO A 107 39.36 17.71 59.38
CA PRO A 107 40.58 17.72 60.19
C PRO A 107 40.94 16.38 60.86
N LYS A 108 39.99 15.45 60.98
CA LYS A 108 40.21 14.10 61.57
C LYS A 108 40.98 13.20 60.58
N VAL A 109 40.94 13.49 59.28
CA VAL A 109 41.63 12.69 58.24
C VAL A 109 43.01 13.29 58.02
N ILE A 110 44.06 12.48 58.24
CA ILE A 110 45.48 12.91 58.14
C ILE A 110 46.15 12.11 57.02
N SER A 111 46.57 12.82 55.97
CA SER A 111 47.43 12.34 54.87
C SER A 111 48.72 11.72 55.44
N PHE A 112 49.18 10.62 54.86
CA PHE A 112 50.60 10.19 54.99
C PHE A 112 51.13 9.93 53.59
N PRO A 113 52.45 10.10 53.38
CA PRO A 113 53.06 9.91 52.06
C PRO A 113 52.86 8.49 51.53
N LEU A 114 52.55 8.34 50.24
CA LEU A 114 52.58 7.01 49.59
C LEU A 114 53.99 6.43 49.80
N GLY A 115 55.03 7.26 49.63
CA GLY A 115 56.44 6.85 49.73
C GLY A 115 56.82 5.88 48.62
N ILE A 116 57.74 4.96 48.92
CA ILE A 116 58.40 4.05 47.93
C ILE A 116 57.60 2.77 47.80
N THR A 117 57.66 2.14 46.62
CA THR A 117 57.07 0.82 46.31
C THR A 117 57.41 -0.18 47.43
N ASN A 118 56.45 -1.04 47.78
CA ASN A 118 56.61 -2.15 48.76
C ASN A 118 57.37 -3.30 48.10
N LYS A 119 58.67 -3.43 48.41
CA LYS A 119 59.57 -4.42 47.77
C LYS A 119 59.07 -5.85 48.04
N ASP A 120 58.36 -6.08 49.16
CA ASP A 120 58.00 -7.43 49.67
C ASP A 120 56.62 -7.89 49.18
N GLU A 121 56.05 -7.25 48.14
CA GLU A 121 54.78 -7.70 47.51
C GLU A 121 55.05 -9.08 46.91
N PRO A 122 54.36 -10.16 47.37
CA PRO A 122 54.87 -11.53 47.28
C PRO A 122 55.47 -12.04 45.96
N ASN A 123 54.68 -12.11 44.88
CA ASN A 123 55.12 -12.72 43.59
C ASN A 123 55.21 -11.66 42.50
N SER A 124 55.67 -10.46 42.85
CA SER A 124 55.84 -9.32 41.90
C SER A 124 57.32 -8.96 41.80
N GLU A 125 57.94 -9.30 40.67
CA GLU A 125 59.35 -8.94 40.34
C GLU A 125 59.46 -7.41 40.23
N ILE A 126 58.44 -6.76 39.66
CA ILE A 126 58.40 -5.27 39.50
C ILE A 126 58.50 -4.62 40.89
N HIS A 127 57.73 -5.11 41.87
CA HIS A 127 57.70 -4.56 43.26
C HIS A 127 59.08 -4.75 43.90
N ARG A 128 59.74 -5.89 43.65
CA ARG A 128 61.08 -6.22 44.19
C ARG A 128 62.13 -5.24 43.67
N ILE A 129 62.08 -4.90 42.38
CA ILE A 129 63.07 -4.02 41.69
C ILE A 129 62.88 -2.56 42.15
N ILE A 130 61.70 -1.98 41.95
CA ILE A 130 61.42 -0.54 42.22
C ILE A 130 61.34 -0.30 43.74
N GLY A 131 61.15 -1.35 44.54
CA GLY A 131 61.03 -1.26 46.00
C GLY A 131 62.38 -1.24 46.69
N ASN A 132 63.46 -1.43 45.92
CA ASN A 132 64.86 -1.47 46.43
C ASN A 132 65.27 -0.07 46.89
N THR A 133 65.11 0.20 48.19
CA THR A 133 65.47 1.49 48.81
C THR A 133 67.00 1.61 48.92
N ASP A 134 67.74 0.50 49.01
CA ASP A 134 69.23 0.53 49.07
C ASP A 134 69.77 1.31 47.87
N ARG A 135 69.30 0.98 46.67
CA ARG A 135 69.71 1.64 45.40
C ARG A 135 69.43 3.14 45.49
N ILE A 136 68.27 3.54 46.04
CA ILE A 136 67.92 4.99 46.25
C ILE A 136 68.97 5.59 47.19
N LEU A 137 69.25 4.90 48.30
CA LEU A 137 70.21 5.34 49.34
C LEU A 137 71.59 5.52 48.72
N GLU A 138 72.05 4.54 47.94
CA GLU A 138 73.40 4.51 47.31
C GLU A 138 73.56 5.74 46.40
N VAL A 139 72.60 5.99 45.50
CA VAL A 139 72.63 7.11 44.52
C VAL A 139 72.67 8.44 45.28
N SER A 140 71.90 8.56 46.37
CA SER A 140 71.78 9.79 47.20
C SER A 140 73.11 10.13 47.89
N LYS A 141 74.04 9.18 47.96
CA LYS A 141 75.35 9.39 48.62
C LYS A 141 76.44 9.67 47.59
N THR A 142 76.14 9.54 46.29
CA THR A 142 77.06 9.95 45.19
C THR A 142 77.04 11.48 45.08
N PRO A 143 78.05 12.11 44.43
CA PRO A 143 77.99 13.53 44.10
C PRO A 143 76.80 13.88 43.19
N LYS A 144 76.00 14.86 43.59
CA LYS A 144 74.84 15.37 42.80
C LYS A 144 75.38 16.34 41.74
N GLU A 145 75.53 15.84 40.51
CA GLU A 145 76.07 16.55 39.33
C GLU A 145 74.91 16.84 38.37
N ILE A 146 74.50 18.11 38.26
CA ILE A 146 73.27 18.53 37.52
C ILE A 146 73.57 18.48 36.01
N LYS A 147 72.85 17.61 35.28
CA LYS A 147 72.96 17.48 33.81
C LYS A 147 71.91 18.38 33.13
N ASN A 148 70.73 18.59 33.74
CA ASN A 148 69.63 19.39 33.12
C ASN A 148 68.62 19.85 34.18
N LEU A 149 67.67 20.69 33.77
CA LEU A 149 66.71 21.38 34.68
C LEU A 149 65.63 20.39 35.16
N VAL A 150 64.98 19.67 34.24
CA VAL A 150 63.79 18.82 34.54
C VAL A 150 63.95 17.45 33.92
N TYR A 151 63.61 16.41 34.69
CA TYR A 151 63.51 15.01 34.23
C TYR A 151 62.04 14.71 33.96
N ASN A 153 59.81 11.42 32.88
CA ASN A 153 59.68 10.00 32.64
C ASN A 153 58.26 9.62 33.07
N ILE A 154 57.33 9.63 32.13
CA ILE A 154 55.86 9.64 32.40
C ILE A 154 55.17 8.69 31.43
N THR A 155 54.33 7.81 31.98
CA THR A 155 53.36 6.97 31.25
C THR A 155 52.03 7.73 31.26
N VAL A 156 51.62 8.24 30.09
CA VAL A 156 50.47 9.18 29.92
C VAL A 156 49.17 8.48 30.36
N LYS A 157 49.05 7.19 30.04
CA LYS A 157 47.88 6.31 30.36
C LYS A 157 47.37 6.49 31.79
N ASN A 158 48.26 6.63 32.78
CA ASN A 158 47.90 6.56 34.22
C ASN A 158 46.91 7.67 34.58
N PHE A 159 46.99 8.86 33.95
CA PHE A 159 46.00 9.95 34.12
C PHE A 159 46.19 11.00 33.01
N PRO A 160 45.70 10.77 31.75
CA PRO A 160 46.03 11.64 30.61
C PRO A 160 45.69 13.13 30.62
N GLU A 161 44.53 13.53 31.16
CA GLU A 161 44.07 14.95 31.15
C GLU A 161 45.20 15.86 31.68
N GLU A 162 46.08 15.36 32.54
CA GLU A 162 47.29 16.09 33.02
C GLU A 162 48.53 15.65 32.23
N ARG A 163 48.79 14.34 32.16
CA ARG A 163 50.08 13.79 31.70
C ARG A 163 50.26 14.00 30.19
N GLN A 164 49.16 14.04 29.42
CA GLN A 164 49.23 14.22 27.96
C GLN A 164 49.74 15.64 27.67
N ARG A 165 49.31 16.62 28.46
CA ARG A 165 49.75 18.04 28.37
C ARG A 165 51.26 18.14 28.64
N ILE A 166 51.76 17.47 29.68
CA ILE A 166 53.21 17.54 30.06
C ILE A 166 54.03 17.05 28.87
N VAL A 167 53.73 15.85 28.36
CA VAL A 167 54.45 15.26 27.19
C VAL A 167 54.31 16.19 25.98
N ASP A 168 53.10 16.64 25.66
CA ASP A 168 52.80 17.51 24.50
C ASP A 168 53.58 18.83 24.60
N LEU A 169 53.51 19.51 25.75
CA LEU A 169 54.07 20.86 25.92
C LEU A 169 55.61 20.84 26.01
N TYR A 170 56.23 19.83 26.64
CA TYR A 170 57.62 19.99 27.14
C TYR A 170 58.59 18.89 26.66
N SER A 171 58.14 17.93 25.86
CA SER A 171 59.00 16.81 25.38
C SER A 171 60.23 17.37 24.65
N ASP A 172 60.03 18.41 23.83
CA ASP A 172 61.02 18.91 22.84
C ASP A 172 61.89 20.03 23.42
N LYS A 173 61.74 20.38 24.70
CA LYS A 173 62.55 21.46 25.36
C LYS A 173 63.98 20.96 25.62
N SER A 174 64.97 21.81 25.33
CA SER A 174 66.41 21.56 25.57
C SER A 174 66.68 21.39 27.07
N TRP A 175 65.87 22.01 27.93
CA TRP A 175 66.02 21.98 29.41
C TRP A 175 65.27 20.79 30.01
N VAL A 176 64.76 19.88 29.18
CA VAL A 176 64.09 18.62 29.61
C VAL A 176 64.91 17.44 29.09
N THR A 177 65.15 16.44 29.94
CA THR A 177 65.67 15.12 29.51
C THR A 177 64.52 14.13 29.65
N ILE A 178 64.17 13.50 28.53
CA ILE A 178 63.22 12.36 28.42
C ILE A 178 63.91 11.13 28.99
N GLY A 179 63.27 10.45 29.94
CA GLY A 179 63.72 9.17 30.52
C GLY A 179 63.01 8.00 29.86
N LYS A 180 63.74 6.93 29.57
CA LYS A 180 63.24 5.69 28.91
C LYS A 180 63.31 4.53 29.92
N GLY A 181 62.22 4.31 30.66
CA GLY A 181 62.15 3.35 31.77
C GLY A 181 62.35 1.91 31.32
N GLU A 182 63.40 1.25 31.83
CA GLU A 182 63.65 -0.21 31.68
C GLU A 182 63.37 -0.86 33.04
N VAL A 183 62.40 -1.77 33.11
CA VAL A 183 62.03 -2.49 34.38
C VAL A 183 63.06 -3.61 34.58
N SER A 184 64.18 -3.28 35.21
CA SER A 184 65.28 -4.22 35.56
C SER A 184 66.13 -3.58 36.65
N GLU A 185 67.02 -4.37 37.26
CA GLU A 185 67.91 -3.93 38.37
C GLU A 185 68.81 -2.81 37.84
N GLU A 186 69.40 -3.00 36.66
CA GLU A 186 70.24 -1.99 35.95
C GLU A 186 69.37 -0.79 35.58
N GLY A 187 68.17 -1.03 35.04
CA GLY A 187 67.22 0.02 34.62
C GLY A 187 66.83 0.93 35.76
N HIS A 188 66.54 0.37 36.95
CA HIS A 188 66.17 1.11 38.17
C HIS A 188 67.32 2.05 38.57
N ARG A 189 68.54 1.52 38.66
CA ARG A 189 69.76 2.30 39.01
C ARG A 189 69.91 3.49 38.05
N LYS A 190 69.78 3.23 36.75
CA LYS A 190 69.94 4.24 35.67
C LYS A 190 68.88 5.35 35.86
N PHE A 191 67.64 4.96 36.13
CA PHE A 191 66.46 5.85 36.35
C PHE A 191 66.75 6.79 37.52
N LEU A 192 67.23 6.24 38.63
CA LEU A 192 67.53 7.00 39.87
C LEU A 192 68.67 7.98 39.59
N GLU A 193 69.75 7.52 38.95
CA GLU A 193 70.93 8.35 38.60
C GLU A 193 70.47 9.54 37.74
N ASP A 194 69.70 9.27 36.68
CA ASP A 194 69.11 10.31 35.79
C ASP A 194 68.38 11.37 36.64
N TYR A 196 68.50 11.94 39.79
CA TYR A 196 69.41 12.56 40.74
C TYR A 196 70.12 13.76 40.10
N ALA A 197 70.39 13.69 38.80
CA ALA A 197 71.18 14.69 38.04
C ALA A 197 70.28 15.83 37.52
N HIS A 198 69.04 15.94 37.98
CA HIS A 198 68.12 17.05 37.61
C HIS A 198 67.72 17.85 38.84
N LYS A 199 67.47 19.15 38.67
CA LYS A 199 66.99 20.05 39.76
C LYS A 199 65.51 19.77 40.02
N PHE A 200 64.79 19.34 38.98
CA PHE A 200 63.33 19.12 38.98
C PHE A 200 62.99 17.80 38.30
N CYS A 201 61.85 17.22 38.68
N CYS A 201 61.89 17.18 38.75
CA CYS A 201 61.27 16.08 37.97
CA CYS A 201 61.22 16.04 38.08
C CYS A 201 59.74 16.27 37.96
C CYS A 201 59.72 16.34 37.96
N PHE A 202 59.12 15.99 36.82
CA PHE A 202 57.65 16.04 36.63
C PHE A 202 57.05 14.89 37.44
N ALA A 203 56.19 15.20 38.42
CA ALA A 203 55.54 14.18 39.28
C ALA A 203 54.04 14.41 39.26
N PRO A 204 53.37 14.27 38.09
CA PRO A 204 51.92 14.39 38.03
C PRO A 204 51.25 13.19 38.72
N ARG A 205 50.03 13.41 39.20
CA ARG A 205 49.14 12.35 39.74
C ARG A 205 48.96 11.25 38.68
N GLY A 206 48.69 10.02 39.12
CA GLY A 206 48.43 8.87 38.23
C GLY A 206 47.01 8.34 38.43
N ASN A 207 46.86 7.01 38.50
CA ASN A 207 45.57 6.34 38.78
C ASN A 207 45.07 6.84 40.13
N GLY A 208 45.95 6.95 41.13
CA GLY A 208 45.70 7.67 42.39
C GLY A 208 46.27 9.08 42.34
N ILE A 209 45.93 9.93 43.32
CA ILE A 209 46.43 11.34 43.37
C ILE A 209 47.91 11.30 43.75
N ASP A 210 48.25 10.57 44.82
CA ASP A 210 49.64 10.41 45.27
C ASP A 210 50.34 9.42 44.33
N THR A 211 51.64 9.61 44.11
CA THR A 211 52.48 8.76 43.25
C THR A 211 53.82 8.52 43.95
N HIS A 212 54.51 7.46 43.55
CA HIS A 212 55.87 7.09 44.06
C HIS A 212 56.86 8.14 43.59
N ARG A 213 56.70 8.65 42.36
CA ARG A 213 57.65 9.60 41.74
C ARG A 213 57.90 10.80 42.67
N LEU A 214 56.85 11.32 43.29
CA LEU A 214 56.93 12.52 44.19
C LEU A 214 58.02 12.25 45.23
N TRP A 215 57.93 11.10 45.91
CA TRP A 215 58.76 10.71 47.08
C TRP A 215 60.16 10.32 46.63
N GLU A 216 60.26 9.52 45.56
CA GLU A 216 61.52 9.13 44.88
C GLU A 216 62.37 10.37 44.60
N SER A 217 61.75 11.41 44.03
CA SER A 217 62.35 12.73 43.73
C SER A 217 62.91 13.37 45.01
N LEU A 218 62.12 13.44 46.08
CA LEU A 218 62.50 14.20 47.31
C LEU A 218 63.68 13.51 48.03
N TYR A 219 63.76 12.17 48.00
CA TYR A 219 64.85 11.40 48.65
C TYR A 219 66.17 11.66 47.90
N LEU A 220 66.10 11.83 46.58
CA LEU A 220 67.26 12.14 45.69
C LEU A 220 67.54 13.65 45.68
N ARG A 221 66.83 14.42 46.50
CA ARG A 221 67.00 15.89 46.65
C ARG A 221 66.68 16.60 45.32
N THR A 222 65.86 15.99 44.48
CA THR A 222 65.32 16.60 43.25
C THR A 222 63.91 17.11 43.56
N ILE A 223 63.55 18.31 43.08
CA ILE A 223 62.24 18.96 43.39
C ILE A 223 61.18 18.38 42.45
N PRO A 224 60.15 17.68 42.99
CA PRO A 224 59.04 17.22 42.18
C PRO A 224 58.05 18.36 41.87
N ILE A 225 57.51 18.36 40.66
CA ILE A 225 56.47 19.31 40.22
C ILE A 225 55.14 18.56 40.20
N VAL A 226 54.15 19.08 40.93
CA VAL A 226 52.84 18.42 41.21
C VAL A 226 51.72 19.45 41.12
N LYS A 227 50.56 19.07 40.56
CA LYS A 227 49.36 19.94 40.46
CA LYS A 227 49.37 19.95 40.46
C LYS A 227 48.70 20.02 41.83
N LYS A 228 48.35 21.24 42.26
CA LYS A 228 47.65 21.51 43.55
C LYS A 228 46.43 20.59 43.66
N HIS A 229 46.24 20.01 44.85
CA HIS A 229 45.11 19.10 45.19
C HIS A 229 45.01 19.02 46.71
N ILE A 230 43.79 18.94 47.24
CA ILE A 230 43.51 18.78 48.70
C ILE A 230 44.36 17.65 49.27
N ALA A 231 44.59 16.59 48.49
CA ALA A 231 45.40 15.41 48.87
C ALA A 231 46.85 15.80 49.17
N GLU A 233 47.68 18.97 50.41
CA GLU A 233 47.65 20.24 51.12
C GLU A 233 48.38 20.17 52.46
N GLN A 234 48.63 18.97 52.99
CA GLN A 234 49.34 18.77 54.28
C GLN A 234 50.82 18.53 54.03
N PHE A 235 51.27 18.63 52.77
CA PHE A 235 52.67 18.39 52.35
C PHE A 235 53.31 19.72 51.89
N THR A 236 52.67 20.84 52.20
CA THR A 236 53.13 22.20 51.78
C THR A 236 54.33 22.64 52.63
N ASP A 237 54.73 21.84 53.64
CA ASP A 237 56.00 22.06 54.38
C ASP A 237 57.08 21.11 53.83
N LEU A 238 56.90 20.53 52.64
CA LEU A 238 57.97 19.83 51.89
C LEU A 238 58.32 20.64 50.66
N PRO A 239 59.59 20.58 50.18
CA PRO A 239 60.00 21.33 48.99
C PRO A 239 59.46 20.71 47.69
N ILE A 240 58.14 20.77 47.52
CA ILE A 240 57.38 20.34 46.32
C ILE A 240 56.99 21.60 45.56
N LEU A 241 57.14 21.61 44.23
CA LEU A 241 56.67 22.75 43.38
C LEU A 241 55.21 22.46 43.00
N PHE A 242 54.28 23.17 43.65
CA PHE A 242 52.82 23.03 43.42
C PHE A 242 52.41 24.01 42.34
N VAL A 243 51.71 23.51 41.32
CA VAL A 243 51.30 24.31 40.13
C VAL A 243 49.77 24.35 40.08
N ASN A 244 49.21 25.47 39.58
CA ASN A 244 47.76 25.65 39.36
C ASN A 244 47.35 24.80 38.14
N ASP A 245 48.24 24.68 37.16
CA ASP A 245 48.01 23.90 35.92
C ASP A 245 49.37 23.52 35.34
N TRP A 246 49.39 22.93 34.15
CA TRP A 246 50.62 22.39 33.53
C TRP A 246 51.11 23.30 32.40
N GLU A 247 50.43 24.42 32.17
CA GLU A 247 50.70 25.33 31.03
C GLU A 247 51.63 26.46 31.45
N ASN A 248 52.56 26.85 30.58
CA ASN A 248 53.41 28.07 30.71
C ASN A 248 54.53 27.84 31.72
N ILE A 249 54.99 26.60 31.88
CA ILE A 249 56.28 26.32 32.56
C ILE A 249 57.38 26.76 31.59
N THR A 250 58.28 27.62 32.06
CA THR A 250 59.44 28.13 31.28
C THR A 250 60.71 27.87 32.10
N GLU A 251 61.85 28.04 31.44
CA GLU A 251 63.20 27.95 32.06
C GLU A 251 63.31 29.05 33.12
N GLU A 252 62.81 30.26 32.81
CA GLU A 252 62.80 31.43 33.72
C GLU A 252 61.97 31.12 34.98
N TYR A 253 60.75 30.63 34.81
CA TYR A 253 59.83 30.25 35.92
C TYR A 253 60.50 29.20 36.82
N LEU A 254 61.02 28.11 36.25
CA LEU A 254 61.66 27.01 37.03
C LEU A 254 62.93 27.49 37.74
N ASN A 255 63.76 28.32 37.08
CA ASN A 255 65.04 28.81 37.65
C ASN A 255 64.74 29.64 38.90
N GLU A 256 63.69 30.46 38.84
CA GLU A 256 63.24 31.30 39.99
C GLU A 256 62.73 30.39 41.12
N GLN A 257 61.92 29.38 40.79
CA GLN A 257 61.32 28.47 41.81
C GLN A 257 62.46 27.65 42.44
N TYR A 258 63.47 27.27 41.66
CA TYR A 258 64.69 26.60 42.18
C TYR A 258 65.34 27.47 43.26
N ASP A 259 65.61 28.75 42.96
CA ASP A 259 66.32 29.68 43.88
C ASP A 259 65.53 29.84 45.18
N ILE A 260 64.20 29.96 45.10
CA ILE A 260 63.29 30.15 46.26
C ILE A 260 63.24 28.87 47.11
N ILE A 261 63.00 27.71 46.48
CA ILE A 261 62.79 26.42 47.19
C ILE A 261 64.08 26.00 47.89
N ALA A 263 66.42 28.03 48.89
CA ALA A 263 66.72 29.01 49.91
C ALA A 263 65.94 28.72 51.19
N LYS A 264 64.74 28.14 51.07
CA LYS A 264 63.78 27.98 52.19
C LYS A 264 64.15 26.76 53.03
N ASP A 265 63.68 26.73 54.27
CA ASP A 265 63.85 25.59 55.22
C ASP A 265 62.57 24.75 55.17
N TRP A 266 62.71 23.42 55.21
CA TRP A 266 61.59 22.47 55.05
C TRP A 266 61.58 21.45 56.20
N ASN A 267 60.38 20.95 56.51
CA ASN A 267 60.14 19.89 57.52
C ASN A 267 60.47 18.52 56.88
N LEU A 268 61.74 18.25 56.61
CA LEU A 268 62.18 17.04 55.86
C LEU A 268 62.09 15.80 56.74
N ASP A 269 61.92 15.96 58.05
CA ASP A 269 61.64 14.85 59.01
C ASP A 269 60.44 14.03 58.52
N LYS A 270 59.47 14.68 57.87
CA LYS A 270 58.26 14.04 57.28
C LYS A 270 58.61 13.01 56.20
N LEU A 271 59.83 12.99 55.66
CA LEU A 271 60.27 11.98 54.67
C LEU A 271 60.71 10.69 55.39
N LYS A 272 60.84 10.75 56.72
CA LYS A 272 61.43 9.65 57.53
C LYS A 272 60.30 8.91 58.25
N ILE A 273 60.27 7.57 58.11
CA ILE A 273 59.15 6.71 58.62
C ILE A 273 58.96 6.96 60.13
N ASP A 274 60.04 7.18 60.89
CA ASP A 274 60.02 7.43 62.36
C ASP A 274 59.01 8.54 62.71
N TYR A 275 58.99 9.63 61.94
CA TYR A 275 58.02 10.74 62.08
C TYR A 275 56.60 10.18 62.22
N TRP A 276 56.22 9.25 61.31
CA TRP A 276 54.83 8.78 61.14
C TRP A 276 54.49 7.71 62.18
N TYR A 277 55.47 6.89 62.59
CA TYR A 277 55.33 5.98 63.76
C TYR A 277 54.92 6.84 64.98
N GLN A 278 55.71 7.88 65.28
CA GLN A 278 55.48 8.79 66.45
C GLN A 278 54.13 9.50 66.31
N LYS A 279 53.75 9.89 65.09
CA LYS A 279 52.48 10.62 64.81
C LYS A 279 51.30 9.70 65.15
N ILE A 280 51.38 8.42 64.81
CA ILE A 280 50.32 7.41 65.12
C ILE A 280 50.31 7.16 66.63
N LEU A 281 51.48 6.99 67.26
CA LEU A 281 51.63 6.78 68.72
C LEU A 281 51.04 7.97 69.48
N GLU A 282 51.08 9.17 68.91
CA GLU A 282 50.53 10.41 69.54
C GLU A 282 49.02 10.25 69.79
N TYR A 283 48.31 9.45 68.98
CA TYR A 283 46.85 9.21 69.11
C TYR A 283 46.56 7.84 69.76
N SER A 284 47.49 7.32 70.56
CA SER A 284 47.36 6.01 71.26
C SER A 284 46.60 6.18 72.57
N LEU B 3 -26.99 -32.91 -59.77
CA LEU B 3 -26.47 -33.82 -58.71
C LEU B 3 -26.21 -33.03 -57.43
N GLY B 4 -26.39 -33.67 -56.26
CA GLY B 4 -26.12 -33.08 -54.94
C GLY B 4 -27.11 -31.98 -54.56
N SER B 5 -28.19 -31.83 -55.33
CA SER B 5 -29.34 -30.93 -55.04
C SER B 5 -30.10 -31.48 -53.82
N LYS B 7 -33.47 -30.62 -50.64
CA LYS B 7 -34.49 -29.81 -50.00
C LYS B 7 -33.82 -29.11 -48.81
N LEU B 8 -34.19 -27.85 -48.55
CA LEU B 8 -33.66 -27.07 -47.40
C LEU B 8 -33.83 -27.89 -46.12
N ALA B 9 -34.96 -28.57 -45.96
CA ALA B 9 -35.30 -29.37 -44.75
C ALA B 9 -34.26 -30.48 -44.52
N GLU B 10 -33.57 -30.92 -45.58
CA GLU B 10 -32.63 -32.08 -45.60
C GLU B 10 -31.17 -31.64 -45.41
N LEU B 11 -30.92 -30.34 -45.25
CA LEU B 11 -29.56 -29.78 -45.00
C LEU B 11 -28.99 -30.43 -43.74
N THR B 12 -27.81 -31.04 -43.86
CA THR B 12 -27.01 -31.61 -42.73
C THR B 12 -25.63 -30.94 -42.74
N LEU B 13 -25.16 -30.50 -41.58
CA LEU B 13 -23.92 -29.70 -41.40
C LEU B 13 -22.90 -30.47 -40.54
N GLU B 14 -21.62 -30.34 -40.86
CA GLU B 14 -20.47 -30.70 -39.98
C GLU B 14 -19.87 -29.39 -39.45
N SER B 15 -19.13 -29.45 -38.33
CA SER B 15 -18.62 -28.24 -37.62
C SER B 15 -17.62 -27.47 -38.48
N ASP B 16 -17.07 -28.08 -39.54
CA ASP B 16 -16.06 -27.45 -40.43
C ASP B 16 -16.72 -26.88 -41.70
N ASP B 17 -18.05 -27.00 -41.84
CA ASP B 17 -18.78 -26.64 -43.09
C ASP B 17 -18.96 -25.12 -43.20
N PHE B 18 -18.98 -24.41 -42.06
CA PHE B 18 -19.44 -23.01 -41.97
C PHE B 18 -18.51 -22.10 -42.78
N ILE B 19 -19.10 -21.30 -43.68
CA ILE B 19 -18.40 -20.22 -44.42
C ILE B 19 -18.10 -19.06 -43.45
N THR B 20 -16.82 -18.71 -43.33
CA THR B 20 -16.32 -17.43 -42.75
C THR B 20 -15.28 -16.89 -43.74
N SER B 21 -15.03 -15.59 -43.73
CA SER B 21 -14.04 -14.95 -44.63
C SER B 21 -12.62 -15.32 -44.16
N ASP B 22 -12.40 -15.49 -42.85
CA ASP B 22 -11.12 -15.98 -42.27
C ASP B 22 -10.71 -17.33 -42.88
N LYS B 23 -11.65 -18.22 -43.15
CA LYS B 23 -11.35 -19.56 -43.74
C LYS B 23 -10.79 -19.37 -45.15
N LEU B 24 -11.35 -18.44 -45.93
CA LEU B 24 -10.91 -18.16 -47.33
C LEU B 24 -9.56 -17.42 -47.32
N PHE B 25 -9.36 -16.49 -46.39
CA PHE B 25 -8.07 -15.79 -46.16
C PHE B 25 -7.00 -16.83 -45.82
N ASN B 26 -7.32 -17.72 -44.88
CA ASN B 26 -6.41 -18.80 -44.42
C ASN B 26 -6.06 -19.72 -45.60
N PHE B 27 -7.03 -20.00 -46.47
CA PHE B 27 -6.84 -20.86 -47.67
C PHE B 27 -5.80 -20.23 -48.62
N CYS B 28 -5.89 -18.91 -48.85
CA CYS B 28 -5.05 -18.15 -49.82
C CYS B 28 -3.72 -17.75 -49.20
N LYS B 29 -3.59 -17.84 -47.87
CA LYS B 29 -2.48 -17.26 -47.05
C LYS B 29 -1.12 -17.68 -47.63
N SER B 30 -0.92 -18.98 -47.83
CA SER B 30 0.31 -19.58 -48.44
C SER B 30 0.61 -18.93 -49.80
N THR B 31 -0.42 -18.54 -50.55
CA THR B 31 -0.37 -18.02 -51.95
C THR B 31 0.14 -19.13 -52.90
N ILE B 32 0.20 -20.38 -52.43
CA ILE B 32 0.66 -21.58 -53.18
C ILE B 32 -0.15 -21.70 -54.48
N PHE B 33 -1.46 -21.44 -54.42
CA PHE B 33 -2.43 -21.62 -55.53
C PHE B 33 -2.35 -20.42 -56.50
N GLY B 34 -1.69 -19.33 -56.10
CA GLY B 34 -1.63 -18.07 -56.86
C GLY B 34 -2.84 -17.20 -56.62
N ALA B 35 -3.67 -17.57 -55.65
CA ALA B 35 -4.80 -16.74 -55.17
C ALA B 35 -4.28 -15.82 -54.05
N LYS B 36 -4.44 -14.51 -54.21
CA LYS B 36 -4.09 -13.53 -53.16
C LYS B 36 -5.36 -12.94 -52.54
N TYR B 37 -5.43 -12.96 -51.20
CA TYR B 37 -6.53 -12.37 -50.40
C TYR B 37 -6.13 -10.97 -49.93
N VAL B 38 -6.92 -9.98 -50.35
CA VAL B 38 -6.73 -8.55 -50.00
C VAL B 38 -8.00 -8.06 -49.31
N LYS B 39 -7.85 -7.44 -48.13
CA LYS B 39 -8.93 -6.69 -47.44
C LYS B 39 -9.40 -5.60 -48.41
N THR B 40 -10.72 -5.46 -48.61
CA THR B 40 -11.30 -4.63 -49.70
C THR B 40 -10.77 -3.19 -49.59
N ASP B 41 -10.60 -2.66 -48.36
CA ASP B 41 -10.16 -1.25 -48.10
C ASP B 41 -8.92 -0.90 -48.93
N PHE B 42 -7.97 -1.84 -49.04
CA PHE B 42 -6.68 -1.61 -49.73
C PHE B 42 -6.86 -1.61 -51.25
N ILE B 43 -8.03 -2.05 -51.74
CA ILE B 43 -8.44 -1.99 -53.18
C ILE B 43 -9.12 -0.64 -53.44
N LYS B 44 -10.09 -0.25 -52.60
CA LYS B 44 -10.87 1.00 -52.77
C LYS B 44 -9.94 2.22 -52.70
N PHE B 45 -8.94 2.19 -51.81
CA PHE B 45 -8.05 3.32 -51.47
C PHE B 45 -6.62 3.04 -51.94
N ARG B 46 -6.49 2.33 -53.07
CA ARG B 46 -5.18 1.98 -53.67
C ARG B 46 -4.47 3.26 -54.09
N GLN B 47 -3.15 3.35 -53.85
CA GLN B 47 -2.33 4.54 -54.18
C GLN B 47 -1.57 4.28 -55.48
N TYR B 48 -1.70 3.07 -56.02
CA TYR B 48 -1.19 2.63 -57.35
C TYR B 48 -2.33 1.91 -58.06
N GLN B 49 -2.34 1.91 -59.39
CA GLN B 49 -3.40 1.24 -60.19
C GLN B 49 -3.40 -0.28 -59.91
N TYR B 50 -2.24 -0.93 -59.96
CA TYR B 50 -2.13 -2.41 -59.98
C TYR B 50 -1.20 -2.94 -58.87
N ILE B 51 -0.91 -2.11 -57.87
CA ILE B 51 -0.02 -2.46 -56.73
C ILE B 51 -0.76 -2.15 -55.43
N VAL B 52 -1.00 -3.17 -54.60
CA VAL B 52 -1.74 -3.05 -53.32
C VAL B 52 -0.98 -3.81 -52.22
N SER B 53 -1.42 -3.64 -50.97
CA SER B 53 -0.88 -4.39 -49.81
C SER B 53 -1.90 -4.40 -48.67
N ASN B 54 -1.91 -5.49 -47.90
CA ASN B 54 -2.74 -5.63 -46.66
C ASN B 54 -2.13 -4.74 -45.57
N CYS B 55 -0.91 -4.24 -45.78
CA CYS B 55 -0.24 -3.20 -44.95
C CYS B 55 -0.24 -3.62 -43.48
N GLY B 56 -0.08 -4.92 -43.21
CA GLY B 56 0.09 -5.48 -41.86
C GLY B 56 -1.20 -6.03 -41.28
N TRP B 57 -2.34 -5.82 -41.95
CA TRP B 57 -3.59 -6.52 -41.61
C TRP B 57 -3.34 -8.04 -41.66
N ARG B 58 -3.74 -8.76 -40.61
CA ARG B 58 -3.47 -10.21 -40.43
C ARG B 58 -1.96 -10.46 -40.56
N ASP B 59 -1.14 -9.49 -40.10
CA ASP B 59 0.35 -9.54 -40.15
C ASP B 59 0.88 -9.70 -41.59
N ASP B 60 0.07 -9.37 -42.61
CA ASP B 60 0.47 -9.50 -44.04
C ASP B 60 0.96 -8.15 -44.55
N THR B 61 2.27 -8.05 -44.83
CA THR B 61 2.98 -6.83 -45.28
C THR B 61 3.49 -7.00 -46.71
N ASP B 62 3.22 -8.13 -47.36
CA ASP B 62 3.58 -8.38 -48.79
C ASP B 62 2.97 -7.29 -49.67
N VAL B 63 3.74 -6.77 -50.62
CA VAL B 63 3.25 -5.85 -51.69
C VAL B 63 2.78 -6.75 -52.85
N VAL B 64 1.52 -6.59 -53.26
CA VAL B 64 0.85 -7.44 -54.29
C VAL B 64 0.89 -6.72 -55.63
N PHE B 65 1.41 -7.41 -56.64
CA PHE B 65 1.47 -6.98 -58.06
C PHE B 65 0.35 -7.68 -58.81
N LEU B 66 -0.78 -6.99 -58.97
CA LEU B 66 -2.06 -7.55 -59.50
C LEU B 66 -1.88 -8.00 -60.96
N GLU B 67 -0.88 -7.47 -61.68
CA GLU B 67 -0.52 -7.90 -63.07
C GLU B 67 0.15 -9.28 -63.06
N ASN B 68 0.53 -9.79 -61.88
CA ASN B 68 1.16 -11.14 -61.71
C ASN B 68 0.32 -12.01 -60.76
N THR B 69 -0.95 -11.67 -60.52
CA THR B 69 -1.87 -12.43 -59.63
C THR B 69 -2.94 -13.12 -60.48
N PRO B 70 -2.93 -14.48 -60.58
CA PRO B 70 -3.95 -15.19 -61.37
C PRO B 70 -5.36 -15.17 -60.78
N VAL B 71 -5.48 -15.11 -59.45
CA VAL B 71 -6.77 -15.10 -58.71
C VAL B 71 -6.69 -14.05 -57.60
N LEU B 72 -7.63 -13.10 -57.59
CA LEU B 72 -7.80 -12.10 -56.50
C LEU B 72 -9.03 -12.47 -55.66
N VAL B 73 -8.92 -12.35 -54.34
CA VAL B 73 -10.01 -12.59 -53.35
C VAL B 73 -10.08 -11.36 -52.43
N THR B 74 -11.26 -10.77 -52.25
CA THR B 74 -11.45 -9.57 -51.40
C THR B 74 -12.62 -9.82 -50.45
N GLY B 75 -12.48 -9.37 -49.20
CA GLY B 75 -13.53 -9.43 -48.17
C GLY B 75 -13.09 -8.72 -46.90
N HIS B 76 -13.66 -9.12 -45.76
CA HIS B 76 -13.47 -8.52 -44.41
C HIS B 76 -13.80 -7.04 -44.45
N SER B 77 -14.87 -6.67 -45.17
CA SER B 77 -15.26 -5.27 -45.42
C SER B 77 -16.68 -5.20 -45.98
N ASP B 78 -17.41 -4.14 -45.61
CA ASP B 78 -18.76 -3.80 -46.14
C ASP B 78 -18.64 -3.14 -47.53
N TYR B 79 -17.42 -2.81 -47.96
CA TYR B 79 -17.17 -2.18 -49.28
C TYR B 79 -17.54 -3.19 -50.39
N ASP B 80 -17.91 -2.65 -51.55
CA ASP B 80 -18.35 -3.46 -52.72
C ASP B 80 -17.23 -3.42 -53.76
N ILE B 81 -17.32 -4.29 -54.76
CA ILE B 81 -16.53 -4.23 -56.02
C ILE B 81 -17.44 -3.64 -57.10
N SER B 82 -17.06 -2.51 -57.69
CA SER B 82 -17.91 -1.67 -58.58
C SER B 82 -17.13 -1.28 -59.82
N GLU B 83 -17.70 -0.38 -60.63
CA GLU B 83 -17.07 0.21 -61.85
C GLU B 83 -15.68 0.78 -61.53
N ARG B 84 -15.50 1.37 -60.34
N ARG B 84 -15.52 1.38 -60.35
CA ARG B 84 -14.23 2.01 -59.90
CA ARG B 84 -14.26 1.99 -59.83
C ARG B 84 -13.07 1.01 -59.99
C ARG B 84 -13.09 1.01 -59.97
N GLU B 85 -13.35 -0.30 -59.88
CA GLU B 85 -12.33 -1.37 -59.93
C GLU B 85 -12.30 -2.03 -61.33
N ILE B 86 -12.93 -1.43 -62.34
CA ILE B 86 -13.05 -2.05 -63.70
C ILE B 86 -11.66 -2.27 -64.30
N ASP B 87 -10.70 -1.38 -64.02
CA ASP B 87 -9.32 -1.46 -64.57
C ASP B 87 -8.59 -2.71 -64.04
N ILE B 88 -8.82 -3.10 -62.79
CA ILE B 88 -8.21 -4.34 -62.21
C ILE B 88 -8.91 -5.56 -62.83
N ILE B 89 -10.24 -5.51 -62.94
CA ILE B 89 -11.08 -6.62 -63.49
C ILE B 89 -10.60 -6.95 -64.90
N ARG B 90 -10.23 -5.94 -65.68
CA ARG B 90 -9.86 -6.05 -67.12
C ARG B 90 -8.42 -6.57 -67.31
N LEU B 91 -7.64 -6.75 -66.23
CA LEU B 91 -6.28 -7.34 -66.34
C LEU B 91 -6.39 -8.74 -66.92
N PRO B 92 -5.86 -9.00 -68.14
CA PRO B 92 -5.91 -10.33 -68.75
C PRO B 92 -5.32 -11.48 -67.90
N ASN B 93 -4.38 -11.19 -67.00
CA ASN B 93 -3.71 -12.21 -66.15
C ASN B 93 -4.65 -12.70 -65.05
N ILE B 94 -5.64 -11.88 -64.67
CA ILE B 94 -6.58 -12.22 -63.57
C ILE B 94 -7.67 -13.13 -64.17
N ARG B 95 -7.72 -14.37 -63.69
CA ARG B 95 -8.62 -15.44 -64.19
C ARG B 95 -10.00 -15.28 -63.53
N ALA B 96 -10.01 -14.92 -62.24
CA ALA B 96 -11.24 -14.73 -61.43
C ALA B 96 -10.97 -13.75 -60.28
N TRP B 97 -11.95 -12.90 -59.98
CA TRP B 97 -12.02 -12.05 -58.75
C TRP B 97 -13.17 -12.57 -57.88
N PHE B 98 -12.86 -13.29 -56.80
CA PHE B 98 -13.81 -13.72 -55.75
C PHE B 98 -13.96 -12.56 -54.76
N CYS B 99 -15.18 -12.07 -54.53
CA CYS B 99 -15.44 -10.90 -53.65
C CYS B 99 -16.71 -11.08 -52.82
N GLN B 100 -16.70 -10.48 -51.63
CA GLN B 100 -17.93 -10.05 -50.93
C GLN B 100 -18.48 -8.84 -51.68
N ASN B 101 -19.79 -8.69 -51.72
CA ASN B 101 -20.50 -7.47 -52.20
C ASN B 101 -20.13 -7.19 -53.66
N ARG B 102 -20.34 -8.17 -54.55
CA ARG B 102 -20.22 -7.99 -56.01
C ARG B 102 -21.23 -6.94 -56.46
N ASN B 103 -20.77 -5.78 -56.95
CA ASN B 103 -21.66 -4.68 -57.38
C ASN B 103 -21.25 -4.21 -58.78
N ILE B 104 -20.96 -5.14 -59.68
CA ILE B 104 -20.68 -4.84 -61.12
C ILE B 104 -21.07 -6.07 -61.92
N PRO B 105 -21.83 -5.94 -63.03
CA PRO B 105 -22.28 -7.09 -63.79
C PRO B 105 -21.20 -7.62 -64.73
N HIS B 106 -20.08 -8.10 -64.18
CA HIS B 106 -18.92 -8.63 -64.96
C HIS B 106 -18.76 -10.11 -64.67
N PRO B 107 -18.65 -10.99 -65.71
CA PRO B 107 -18.57 -12.44 -65.49
C PRO B 107 -17.28 -12.91 -64.81
N LYS B 108 -16.23 -12.10 -64.81
CA LYS B 108 -14.94 -12.43 -64.14
C LYS B 108 -15.10 -12.31 -62.61
N VAL B 109 -16.08 -11.54 -62.14
CA VAL B 109 -16.30 -11.26 -60.69
C VAL B 109 -17.33 -12.27 -60.16
N ILE B 110 -16.92 -13.04 -59.14
CA ILE B 110 -17.66 -14.19 -58.55
C ILE B 110 -17.90 -13.89 -57.06
N SER B 111 -19.17 -13.67 -56.69
CA SER B 111 -19.64 -13.52 -55.28
C SER B 111 -19.32 -14.80 -54.51
N PHE B 112 -18.88 -14.64 -53.26
CA PHE B 112 -18.87 -15.72 -52.24
C PHE B 112 -19.66 -15.22 -51.04
N PRO B 113 -20.38 -16.12 -50.33
CA PRO B 113 -21.16 -15.73 -49.15
C PRO B 113 -20.29 -15.07 -48.06
N LEU B 114 -20.75 -13.94 -47.52
CA LEU B 114 -20.17 -13.34 -46.29
C LEU B 114 -20.02 -14.46 -45.26
N GLY B 115 -21.08 -15.27 -45.12
CA GLY B 115 -21.18 -16.37 -44.14
C GLY B 115 -21.22 -15.82 -42.73
N ILE B 116 -20.58 -16.53 -41.79
CA ILE B 116 -20.65 -16.26 -40.33
C ILE B 116 -19.47 -15.39 -39.91
N THR B 117 -19.70 -14.54 -38.90
CA THR B 117 -18.69 -13.71 -38.19
C THR B 117 -17.42 -14.52 -37.92
N ASN B 118 -16.26 -13.89 -38.07
CA ASN B 118 -14.91 -14.46 -37.79
C ASN B 118 -14.66 -14.44 -36.28
N LYS B 119 -14.76 -15.59 -35.62
CA LYS B 119 -14.59 -15.72 -34.14
C LYS B 119 -13.13 -15.40 -33.77
N ASP B 120 -12.18 -15.61 -34.69
CA ASP B 120 -10.73 -15.46 -34.43
C ASP B 120 -10.27 -14.01 -34.66
N GLU B 121 -11.20 -13.06 -34.85
CA GLU B 121 -10.86 -11.62 -34.97
C GLU B 121 -10.14 -11.19 -33.69
N PRO B 122 -8.79 -10.98 -33.73
CA PRO B 122 -8.00 -10.82 -32.51
C PRO B 122 -8.47 -9.68 -31.59
N ASN B 123 -8.61 -9.97 -30.30
CA ASN B 123 -8.87 -8.97 -29.24
C ASN B 123 -10.23 -8.29 -29.53
N SER B 124 -11.27 -9.09 -29.79
CA SER B 124 -12.66 -8.62 -30.05
C SER B 124 -13.68 -9.60 -29.48
N GLU B 125 -14.20 -9.31 -28.28
CA GLU B 125 -15.18 -10.15 -27.56
C GLU B 125 -16.42 -10.39 -28.44
N ILE B 126 -16.94 -9.34 -29.09
CA ILE B 126 -18.19 -9.40 -29.91
C ILE B 126 -18.04 -10.50 -30.96
N HIS B 127 -16.88 -10.58 -31.62
CA HIS B 127 -16.56 -11.55 -32.70
C HIS B 127 -16.48 -12.97 -32.12
N ARG B 128 -15.87 -13.11 -30.94
CA ARG B 128 -15.69 -14.42 -30.25
C ARG B 128 -17.07 -15.02 -29.97
N ILE B 129 -18.04 -14.19 -29.58
CA ILE B 129 -19.42 -14.61 -29.21
C ILE B 129 -20.21 -15.00 -30.46
N ILE B 130 -20.33 -14.08 -31.43
CA ILE B 130 -21.28 -14.19 -32.59
C ILE B 130 -20.69 -15.15 -33.63
N GLY B 131 -19.37 -15.37 -33.60
CA GLY B 131 -18.66 -16.26 -34.54
C GLY B 131 -18.72 -17.71 -34.09
N ASN B 132 -19.37 -18.00 -32.96
CA ASN B 132 -19.47 -19.36 -32.37
C ASN B 132 -20.36 -20.23 -33.27
N THR B 133 -19.75 -20.92 -34.23
CA THR B 133 -20.43 -21.79 -35.22
C THR B 133 -20.88 -23.10 -34.55
N ASP B 134 -20.21 -23.51 -33.47
CA ASP B 134 -20.58 -24.74 -32.69
C ASP B 134 -21.98 -24.56 -32.12
N ARG B 135 -22.33 -23.37 -31.63
CA ARG B 135 -23.70 -23.03 -31.11
C ARG B 135 -24.74 -23.11 -32.24
N ILE B 136 -24.39 -22.70 -33.47
CA ILE B 136 -25.32 -22.76 -34.65
C ILE B 136 -25.59 -24.23 -34.96
N LEU B 137 -24.54 -25.06 -34.98
CA LEU B 137 -24.63 -26.51 -35.29
C LEU B 137 -25.51 -27.19 -34.23
N GLU B 138 -25.26 -26.91 -32.95
CA GLU B 138 -26.06 -27.41 -31.79
C GLU B 138 -27.55 -27.15 -32.05
N VAL B 139 -27.92 -25.88 -32.24
CA VAL B 139 -29.34 -25.46 -32.41
C VAL B 139 -29.90 -26.19 -33.63
N SER B 140 -29.15 -26.24 -34.74
CA SER B 140 -29.53 -26.89 -36.03
C SER B 140 -29.88 -28.38 -35.87
N LYS B 141 -29.43 -29.03 -34.79
CA LYS B 141 -29.65 -30.49 -34.57
C LYS B 141 -30.84 -30.73 -33.63
N THR B 142 -31.26 -29.73 -32.85
CA THR B 142 -32.46 -29.81 -31.96
C THR B 142 -33.73 -29.88 -32.82
N PRO B 143 -34.89 -30.24 -32.22
CA PRO B 143 -36.17 -30.16 -32.93
C PRO B 143 -36.56 -28.74 -33.36
N LYS B 144 -36.76 -28.54 -34.67
CA LYS B 144 -37.26 -27.27 -35.24
C LYS B 144 -38.78 -27.20 -35.02
N GLU B 145 -39.20 -26.59 -33.91
CA GLU B 145 -40.61 -26.32 -33.59
C GLU B 145 -40.93 -24.88 -34.01
N ILE B 146 -41.81 -24.71 -35.01
CA ILE B 146 -42.21 -23.39 -35.58
C ILE B 146 -43.10 -22.67 -34.56
N LYS B 147 -42.62 -21.55 -34.01
CA LYS B 147 -43.35 -20.73 -33.01
C LYS B 147 -44.14 -19.62 -33.73
N ASN B 148 -43.61 -19.06 -34.82
CA ASN B 148 -44.31 -18.03 -35.63
C ASN B 148 -43.77 -18.05 -37.07
N LEU B 149 -44.32 -17.20 -37.93
CA LEU B 149 -44.03 -17.21 -39.40
C LEU B 149 -42.67 -16.54 -39.67
N VAL B 150 -42.43 -15.34 -39.11
CA VAL B 150 -41.26 -14.49 -39.47
C VAL B 150 -40.63 -13.90 -38.21
N TYR B 151 -39.30 -14.03 -38.11
CA TYR B 151 -38.46 -13.41 -37.06
C TYR B 151 -37.95 -12.06 -37.56
N ASN B 153 -35.43 -9.13 -36.20
CA ASN B 153 -34.46 -8.57 -35.28
C ASN B 153 -33.56 -7.64 -36.09
N ILE B 154 -33.92 -6.35 -36.14
CA ILE B 154 -33.39 -5.36 -37.13
C ILE B 154 -32.90 -4.11 -36.39
N THR B 155 -31.63 -3.73 -36.57
CA THR B 155 -31.08 -2.39 -36.25
C THR B 155 -31.25 -1.50 -37.49
N VAL B 156 -32.18 -0.54 -37.43
CA VAL B 156 -32.66 0.27 -38.58
C VAL B 156 -31.50 1.08 -39.18
N LYS B 157 -30.65 1.66 -38.33
CA LYS B 157 -29.61 2.67 -38.72
C LYS B 157 -28.60 2.07 -39.70
N ASN B 158 -28.44 0.75 -39.74
CA ASN B 158 -27.46 0.06 -40.63
C ASN B 158 -27.81 0.30 -42.11
N PHE B 159 -29.10 0.48 -42.43
CA PHE B 159 -29.60 0.85 -43.79
C PHE B 159 -31.08 1.25 -43.72
N PRO B 160 -31.40 2.47 -43.21
CA PRO B 160 -32.79 2.87 -42.95
C PRO B 160 -33.76 2.72 -44.12
N GLU B 161 -33.38 3.15 -45.32
CA GLU B 161 -34.34 3.33 -46.45
C GLU B 161 -35.05 1.99 -46.73
N GLU B 162 -34.42 0.85 -46.42
CA GLU B 162 -35.07 -0.48 -46.46
C GLU B 162 -35.53 -0.88 -45.05
N ARG B 163 -34.64 -0.78 -44.05
CA ARG B 163 -34.89 -1.33 -42.69
C ARG B 163 -36.03 -0.57 -42.00
N GLN B 164 -36.19 0.73 -42.25
CA GLN B 164 -37.25 1.55 -41.56
C GLN B 164 -38.62 1.07 -42.03
N ARG B 165 -38.75 0.73 -43.31
CA ARG B 165 -40.01 0.21 -43.92
C ARG B 165 -40.40 -1.12 -43.26
N ILE B 166 -39.45 -2.02 -43.09
CA ILE B 166 -39.72 -3.37 -42.48
C ILE B 166 -40.30 -3.14 -41.08
N VAL B 167 -39.63 -2.34 -40.25
CA VAL B 167 -40.03 -2.07 -38.83
C VAL B 167 -41.41 -1.41 -38.82
N ASP B 168 -41.62 -0.37 -39.63
CA ASP B 168 -42.90 0.39 -39.72
C ASP B 168 -44.05 -0.51 -40.18
N LEU B 169 -43.86 -1.30 -41.24
CA LEU B 169 -44.94 -2.12 -41.85
C LEU B 169 -45.31 -3.34 -40.99
N TYR B 170 -44.37 -4.04 -40.35
CA TYR B 170 -44.59 -5.44 -39.91
C TYR B 170 -44.31 -5.67 -38.42
N SER B 171 -43.95 -4.63 -37.67
CA SER B 171 -43.64 -4.72 -36.22
C SER B 171 -44.87 -5.25 -35.47
N ASP B 172 -46.07 -4.80 -35.87
CA ASP B 172 -47.33 -5.00 -35.11
C ASP B 172 -48.09 -6.24 -35.62
N LYS B 173 -47.53 -7.02 -36.56
CA LYS B 173 -48.21 -8.22 -37.13
C LYS B 173 -48.14 -9.38 -36.13
N SER B 174 -49.23 -10.13 -36.02
CA SER B 174 -49.38 -11.33 -35.16
C SER B 174 -48.46 -12.44 -35.65
N TRP B 175 -48.16 -12.46 -36.95
CA TRP B 175 -47.34 -13.50 -37.63
C TRP B 175 -45.85 -13.13 -37.63
N VAL B 176 -45.48 -12.06 -36.92
CA VAL B 176 -44.07 -11.59 -36.72
C VAL B 176 -43.73 -11.70 -35.23
N THR B 177 -42.54 -12.18 -34.88
CA THR B 177 -41.97 -12.02 -33.52
C THR B 177 -40.77 -11.07 -33.61
N ILE B 178 -40.83 -10.01 -32.81
CA ILE B 178 -39.70 -9.07 -32.54
C ILE B 178 -38.68 -9.79 -31.66
N GLY B 179 -37.43 -9.86 -32.12
CA GLY B 179 -36.29 -10.35 -31.33
C GLY B 179 -35.46 -9.20 -30.79
N LYS B 180 -35.53 -8.92 -29.49
CA LYS B 180 -34.63 -7.95 -28.80
C LYS B 180 -33.28 -8.64 -28.58
N GLY B 181 -32.23 -8.14 -29.24
CA GLY B 181 -30.88 -8.74 -29.22
C GLY B 181 -30.17 -8.49 -27.89
N GLU B 182 -29.56 -9.54 -27.35
CA GLU B 182 -28.65 -9.49 -26.16
C GLU B 182 -27.27 -9.99 -26.60
N VAL B 183 -26.24 -9.14 -26.52
CA VAL B 183 -24.83 -9.48 -26.85
C VAL B 183 -24.20 -10.17 -25.63
N SER B 184 -24.35 -11.49 -25.57
CA SER B 184 -23.69 -12.42 -24.62
C SER B 184 -23.77 -13.84 -25.21
N GLU B 185 -22.99 -14.79 -24.69
CA GLU B 185 -23.06 -16.23 -25.09
C GLU B 185 -24.49 -16.74 -24.92
N GLU B 186 -25.13 -16.42 -23.78
CA GLU B 186 -26.55 -16.72 -23.47
C GLU B 186 -27.46 -16.09 -24.54
N GLY B 187 -27.29 -14.79 -24.79
CA GLY B 187 -28.05 -14.01 -25.78
C GLY B 187 -27.93 -14.60 -27.19
N HIS B 188 -26.72 -15.00 -27.59
CA HIS B 188 -26.44 -15.56 -28.94
C HIS B 188 -27.26 -16.85 -29.11
N ARG B 189 -27.25 -17.74 -28.10
CA ARG B 189 -28.04 -19.00 -28.07
C ARG B 189 -29.53 -18.68 -28.27
N LYS B 190 -30.08 -17.76 -27.48
CA LYS B 190 -31.51 -17.36 -27.51
C LYS B 190 -31.87 -16.81 -28.90
N PHE B 191 -31.03 -15.91 -29.43
CA PHE B 191 -31.13 -15.36 -30.81
C PHE B 191 -31.23 -16.52 -31.81
N LEU B 192 -30.30 -17.48 -31.77
CA LEU B 192 -30.28 -18.62 -32.72
C LEU B 192 -31.53 -19.49 -32.53
N GLU B 193 -31.92 -19.74 -31.28
CA GLU B 193 -33.11 -20.56 -30.92
C GLU B 193 -34.38 -19.89 -31.47
N ASP B 194 -34.54 -18.58 -31.28
CA ASP B 194 -35.75 -17.85 -31.76
C ASP B 194 -35.84 -17.98 -33.27
N TYR B 196 -34.43 -20.13 -35.34
CA TYR B 196 -34.64 -21.52 -35.71
C TYR B 196 -36.13 -21.85 -35.70
N ALA B 197 -36.87 -21.26 -34.75
CA ALA B 197 -38.29 -21.55 -34.48
C ALA B 197 -39.22 -20.75 -35.41
N HIS B 198 -38.69 -20.08 -36.45
CA HIS B 198 -39.51 -19.39 -37.48
C HIS B 198 -39.20 -19.95 -38.87
N LYS B 199 -40.19 -19.85 -39.77
CA LYS B 199 -40.12 -20.35 -41.17
C LYS B 199 -39.30 -19.36 -42.02
N PHE B 200 -39.45 -18.06 -41.73
CA PHE B 200 -38.74 -16.96 -42.41
C PHE B 200 -38.05 -16.07 -41.37
N CYS B 201 -36.99 -15.40 -41.82
CA CYS B 201 -36.28 -14.32 -41.12
C CYS B 201 -36.22 -13.11 -42.06
N PHE B 202 -36.45 -11.89 -41.57
CA PHE B 202 -36.11 -10.64 -42.30
C PHE B 202 -34.58 -10.52 -42.37
N ALA B 203 -34.01 -10.58 -43.57
CA ALA B 203 -32.56 -10.43 -43.78
C ALA B 203 -32.27 -9.28 -44.75
N PRO B 204 -32.66 -8.02 -44.42
CA PRO B 204 -32.29 -6.88 -45.24
C PRO B 204 -30.80 -6.57 -45.26
N ARG B 205 -30.30 -6.05 -46.38
CA ARG B 205 -28.93 -5.50 -46.50
C ARG B 205 -28.68 -4.50 -45.37
N GLY B 206 -27.41 -4.31 -45.00
CA GLY B 206 -26.99 -3.37 -43.93
C GLY B 206 -26.06 -2.30 -44.48
N ASN B 207 -25.00 -1.99 -43.72
CA ASN B 207 -23.91 -1.05 -44.14
C ASN B 207 -23.26 -1.62 -45.40
N GLY B 208 -23.14 -2.96 -45.47
CA GLY B 208 -22.82 -3.68 -46.71
C GLY B 208 -24.05 -4.32 -47.31
N ILE B 209 -23.98 -4.70 -48.59
CA ILE B 209 -25.11 -5.38 -49.28
C ILE B 209 -25.36 -6.73 -48.59
N ASP B 210 -24.33 -7.57 -48.47
CA ASP B 210 -24.43 -8.91 -47.84
C ASP B 210 -24.43 -8.72 -46.31
N THR B 211 -25.11 -9.62 -45.59
CA THR B 211 -25.23 -9.60 -44.10
C THR B 211 -25.08 -11.03 -43.56
N HIS B 212 -24.63 -11.15 -42.32
CA HIS B 212 -24.49 -12.44 -41.59
C HIS B 212 -25.87 -13.09 -41.45
N ARG B 213 -26.91 -12.29 -41.23
CA ARG B 213 -28.28 -12.78 -40.98
C ARG B 213 -28.72 -13.73 -42.12
N LEU B 214 -28.42 -13.39 -43.38
CA LEU B 214 -28.83 -14.22 -44.55
C LEU B 214 -28.35 -15.66 -44.30
N TRP B 215 -27.09 -15.82 -43.88
CA TRP B 215 -26.38 -17.13 -43.80
C TRP B 215 -26.73 -17.86 -42.49
N GLU B 216 -26.72 -17.14 -41.36
CA GLU B 216 -27.23 -17.63 -40.04
C GLU B 216 -28.61 -18.26 -40.23
N SER B 217 -29.50 -17.59 -40.98
CA SER B 217 -30.87 -18.08 -41.29
C SER B 217 -30.79 -19.38 -42.12
N LEU B 218 -30.05 -19.39 -43.21
CA LEU B 218 -29.97 -20.59 -44.11
C LEU B 218 -29.39 -21.79 -43.35
N TYR B 219 -28.39 -21.60 -42.49
CA TYR B 219 -27.75 -22.71 -41.73
C TYR B 219 -28.76 -23.33 -40.76
N LEU B 220 -29.69 -22.52 -40.26
CA LEU B 220 -30.79 -22.94 -39.33
C LEU B 220 -32.03 -23.40 -40.12
N ARG B 221 -31.94 -23.45 -41.47
CA ARG B 221 -33.03 -23.89 -42.38
C ARG B 221 -34.26 -22.97 -42.19
N THR B 222 -34.02 -21.70 -41.90
CA THR B 222 -35.01 -20.59 -41.90
C THR B 222 -34.79 -19.79 -43.18
N ILE B 223 -35.87 -19.47 -43.91
CA ILE B 223 -35.78 -18.77 -45.22
C ILE B 223 -35.53 -17.28 -44.95
N PRO B 224 -34.39 -16.73 -45.42
CA PRO B 224 -34.14 -15.30 -45.32
C PRO B 224 -34.93 -14.55 -46.40
N ILE B 225 -35.54 -13.42 -46.05
CA ILE B 225 -36.18 -12.50 -47.02
C ILE B 225 -35.18 -11.36 -47.29
N VAL B 226 -34.80 -11.18 -48.55
CA VAL B 226 -33.74 -10.23 -49.00
C VAL B 226 -34.25 -9.48 -50.24
N LYS B 227 -33.91 -8.20 -50.37
CA LYS B 227 -34.22 -7.39 -51.58
C LYS B 227 -33.29 -7.83 -52.71
N LYS B 228 -33.86 -8.08 -53.89
CA LYS B 228 -33.09 -8.38 -55.13
C LYS B 228 -32.01 -7.31 -55.28
N HIS B 229 -30.80 -7.75 -55.66
CA HIS B 229 -29.60 -6.91 -55.88
C HIS B 229 -28.60 -7.73 -56.69
N ILE B 230 -27.80 -7.11 -57.56
CA ILE B 230 -26.80 -7.86 -58.40
C ILE B 230 -25.84 -8.65 -57.51
N ALA B 231 -25.56 -8.18 -56.29
CA ALA B 231 -24.70 -8.85 -55.28
C ALA B 231 -25.28 -10.20 -54.85
N GLU B 233 -27.33 -12.09 -57.02
CA GLU B 233 -27.91 -12.71 -58.19
C GLU B 233 -27.26 -14.07 -58.48
N GLN B 234 -26.08 -14.37 -57.91
CA GLN B 234 -25.39 -15.68 -58.08
C GLN B 234 -25.80 -16.63 -56.94
N PHE B 235 -26.80 -16.25 -56.15
CA PHE B 235 -27.30 -17.03 -54.99
C PHE B 235 -28.77 -17.44 -55.23
N THR B 236 -29.27 -17.29 -56.46
CA THR B 236 -30.67 -17.60 -56.84
C THR B 236 -30.89 -19.13 -56.85
N ASP B 237 -29.83 -19.93 -56.65
CA ASP B 237 -29.93 -21.41 -56.49
C ASP B 237 -29.86 -21.78 -54.99
N LEU B 238 -30.00 -20.81 -54.08
CA LEU B 238 -30.22 -21.07 -52.63
C LEU B 238 -31.64 -20.64 -52.27
N PRO B 239 -32.26 -21.28 -51.25
CA PRO B 239 -33.65 -21.01 -50.87
C PRO B 239 -33.78 -19.68 -50.11
N ILE B 240 -33.54 -18.58 -50.83
CA ILE B 240 -33.63 -17.17 -50.34
C ILE B 240 -34.90 -16.58 -50.96
N LEU B 241 -35.78 -15.99 -50.16
CA LEU B 241 -36.96 -15.29 -50.73
C LEU B 241 -36.48 -13.90 -51.17
N PHE B 242 -36.32 -13.72 -52.49
CA PHE B 242 -35.89 -12.45 -53.11
C PHE B 242 -37.13 -11.61 -53.44
N VAL B 243 -37.16 -10.38 -52.92
CA VAL B 243 -38.35 -9.48 -53.07
C VAL B 243 -37.94 -8.30 -53.97
N ASN B 244 -38.88 -7.83 -54.77
CA ASN B 244 -38.76 -6.58 -55.56
C ASN B 244 -38.73 -5.39 -54.59
N ASP B 245 -39.47 -5.46 -53.49
CA ASP B 245 -39.52 -4.37 -52.47
C ASP B 245 -40.04 -4.93 -51.14
N TRP B 246 -40.27 -4.07 -50.16
CA TRP B 246 -40.59 -4.48 -48.78
C TRP B 246 -42.09 -4.30 -48.49
N GLU B 247 -42.87 -3.89 -49.48
CA GLU B 247 -44.30 -3.53 -49.30
C GLU B 247 -45.20 -4.69 -49.73
N ASN B 248 -46.29 -4.92 -48.98
CA ASN B 248 -47.39 -5.87 -49.31
C ASN B 248 -46.99 -7.32 -49.01
N ILE B 249 -46.04 -7.55 -48.10
CA ILE B 249 -45.80 -8.89 -47.51
C ILE B 249 -47.01 -9.23 -46.64
N THR B 250 -47.74 -10.29 -47.00
CA THR B 250 -48.91 -10.81 -46.26
C THR B 250 -48.61 -12.24 -45.82
N GLU B 251 -49.42 -12.77 -44.89
CA GLU B 251 -49.41 -14.19 -44.46
C GLU B 251 -49.65 -15.08 -45.67
N GLU B 252 -50.64 -14.73 -46.49
CA GLU B 252 -51.05 -15.51 -47.68
C GLU B 252 -49.85 -15.64 -48.61
N TYR B 253 -49.15 -14.54 -48.86
CA TYR B 253 -47.96 -14.46 -49.75
C TYR B 253 -46.83 -15.36 -49.22
N LEU B 254 -46.48 -15.22 -47.94
CA LEU B 254 -45.36 -15.98 -47.30
C LEU B 254 -45.70 -17.46 -47.18
N ASN B 255 -46.97 -17.82 -46.89
CA ASN B 255 -47.40 -19.24 -46.78
C ASN B 255 -47.21 -19.89 -48.14
N GLU B 256 -47.50 -19.17 -49.23
CA GLU B 256 -47.35 -19.69 -50.62
C GLU B 256 -45.86 -19.85 -50.95
N GLN B 257 -45.04 -18.84 -50.64
CA GLN B 257 -43.58 -18.87 -50.92
C GLN B 257 -42.93 -19.95 -50.06
N TYR B 258 -43.40 -20.16 -48.82
CA TYR B 258 -42.95 -21.27 -47.95
C TYR B 258 -43.16 -22.61 -48.68
N ASP B 259 -44.38 -22.85 -49.18
CA ASP B 259 -44.75 -24.12 -49.87
C ASP B 259 -43.90 -24.29 -51.14
N ILE B 260 -43.71 -23.24 -51.93
CA ILE B 260 -42.90 -23.25 -53.17
C ILE B 260 -41.43 -23.55 -52.83
N ILE B 261 -40.87 -22.89 -51.82
CA ILE B 261 -39.40 -22.97 -51.49
C ILE B 261 -39.09 -24.33 -50.87
N ALA B 263 -40.68 -27.09 -51.35
CA ALA B 263 -40.91 -28.13 -52.34
C ALA B 263 -39.75 -28.23 -53.35
N LYS B 264 -38.92 -27.19 -53.51
CA LYS B 264 -37.87 -27.11 -54.57
C LYS B 264 -36.55 -27.74 -54.09
N ASP B 265 -35.71 -28.14 -55.05
CA ASP B 265 -34.31 -28.56 -54.82
C ASP B 265 -33.42 -27.33 -54.95
N TRP B 266 -32.37 -27.25 -54.12
CA TRP B 266 -31.43 -26.11 -54.01
C TRP B 266 -29.99 -26.64 -53.99
N ASN B 267 -29.05 -25.83 -54.48
CA ASN B 267 -27.59 -26.10 -54.49
C ASN B 267 -27.01 -25.80 -53.10
N LEU B 268 -27.41 -26.55 -52.06
CA LEU B 268 -27.10 -26.24 -50.64
C LEU B 268 -25.63 -26.54 -50.31
N ASP B 269 -24.88 -27.20 -51.22
CA ASP B 269 -23.40 -27.34 -51.15
C ASP B 269 -22.76 -25.95 -51.11
N LYS B 270 -23.41 -24.93 -51.69
CA LYS B 270 -22.92 -23.52 -51.68
C LYS B 270 -22.85 -22.98 -50.25
N LEU B 271 -23.52 -23.59 -49.27
CA LEU B 271 -23.43 -23.18 -47.84
C LEU B 271 -22.15 -23.74 -47.20
N LYS B 272 -21.42 -24.63 -47.89
CA LYS B 272 -20.30 -25.42 -47.31
C LYS B 272 -18.96 -24.89 -47.85
N ILE B 273 -18.03 -24.58 -46.93
CA ILE B 273 -16.76 -23.88 -47.24
C ILE B 273 -15.97 -24.65 -48.32
N ASP B 274 -16.01 -25.99 -48.27
CA ASP B 274 -15.30 -26.90 -49.23
C ASP B 274 -15.69 -26.53 -50.67
N TYR B 275 -16.95 -26.14 -50.91
CA TYR B 275 -17.44 -25.70 -52.24
C TYR B 275 -16.56 -24.56 -52.77
N TRP B 276 -16.22 -23.59 -51.91
CA TRP B 276 -15.50 -22.34 -52.30
C TRP B 276 -13.97 -22.58 -52.31
N TYR B 277 -13.46 -23.42 -51.42
CA TYR B 277 -12.07 -23.96 -51.53
C TYR B 277 -11.88 -24.50 -52.95
N GLN B 278 -12.80 -25.36 -53.41
CA GLN B 278 -12.73 -26.04 -54.73
C GLN B 278 -12.88 -25.04 -55.88
N LYS B 279 -13.81 -24.09 -55.80
CA LYS B 279 -14.03 -23.08 -56.89
C LYS B 279 -12.73 -22.30 -57.08
N ILE B 280 -12.08 -21.88 -55.99
CA ILE B 280 -10.81 -21.10 -56.01
C ILE B 280 -9.70 -21.94 -56.68
N LEU B 281 -9.60 -23.23 -56.34
CA LEU B 281 -8.61 -24.17 -56.93
C LEU B 281 -8.87 -24.34 -58.44
N GLU B 282 -10.14 -24.38 -58.86
CA GLU B 282 -10.54 -24.59 -60.28
C GLU B 282 -10.01 -23.43 -61.16
N TYR B 283 -9.84 -22.23 -60.58
CA TYR B 283 -9.36 -21.01 -61.30
C TYR B 283 -7.85 -20.81 -61.09
N SER B 284 -7.19 -21.74 -60.38
CA SER B 284 -5.76 -21.67 -60.01
C SER B 284 -4.89 -22.34 -61.08
N GLY C 4 34.09 12.74 -7.79
CA GLY C 4 35.04 12.73 -8.95
C GLY C 4 34.75 13.83 -9.97
N SER C 5 33.98 14.85 -9.59
CA SER C 5 33.53 15.92 -10.50
C SER C 5 34.68 16.88 -10.77
N LYS C 7 38.03 19.71 -8.81
CA LYS C 7 39.07 19.95 -7.84
C LYS C 7 38.64 21.06 -6.89
N LEU C 8 39.15 21.05 -5.65
CA LEU C 8 38.74 22.00 -4.59
C LEU C 8 38.90 23.44 -5.10
N ALA C 9 40.02 23.77 -5.74
CA ALA C 9 40.35 25.14 -6.21
C ALA C 9 39.35 25.62 -7.28
N GLU C 10 38.70 24.69 -8.01
CA GLU C 10 37.67 24.99 -9.05
C GLU C 10 36.31 25.32 -8.43
N LEU C 11 36.13 25.11 -7.11
CA LEU C 11 34.82 25.32 -6.42
C LEU C 11 34.35 26.76 -6.65
N THR C 12 33.11 26.92 -7.12
CA THR C 12 32.42 28.23 -7.26
C THR C 12 31.05 28.12 -6.57
N LEU C 13 30.60 29.22 -5.98
CA LEU C 13 29.44 29.27 -5.05
C LEU C 13 28.42 30.32 -5.51
N GLU C 14 27.14 29.97 -5.46
CA GLU C 14 26.00 30.91 -5.54
C GLU C 14 25.46 31.14 -4.12
N SER C 15 24.74 32.25 -3.92
CA SER C 15 24.26 32.73 -2.60
C SER C 15 23.40 31.66 -1.92
N ASP C 16 22.73 30.80 -2.69
CA ASP C 16 21.70 29.84 -2.20
C ASP C 16 22.29 28.45 -1.98
N ASP C 17 23.57 28.23 -2.31
CA ASP C 17 24.22 26.89 -2.32
C ASP C 17 24.46 26.38 -0.89
N PHE C 18 24.71 27.29 0.05
CA PHE C 18 25.13 27.01 1.45
C PHE C 18 24.16 26.03 2.12
N ILE C 19 24.71 25.00 2.76
CA ILE C 19 23.94 24.07 3.63
C ILE C 19 23.74 24.74 4.99
N THR C 20 22.49 24.85 5.42
CA THR C 20 22.08 25.12 6.83
C THR C 20 21.01 24.08 7.17
N SER C 21 20.87 23.74 8.46
CA SER C 21 19.89 22.73 8.93
C SER C 21 18.47 23.27 8.71
N ASP C 22 18.30 24.60 8.79
CA ASP C 22 17.01 25.31 8.55
C ASP C 22 16.51 25.00 7.13
N LYS C 23 17.39 25.05 6.13
CA LYS C 23 17.02 24.76 4.72
C LYS C 23 16.42 23.35 4.64
N LEU C 24 17.00 22.37 5.34
CA LEU C 24 16.48 20.97 5.34
C LEU C 24 15.13 20.90 6.09
N PHE C 25 15.01 21.54 7.25
CA PHE C 25 13.73 21.63 8.02
C PHE C 25 12.64 22.21 7.11
N ASN C 26 12.91 23.37 6.49
CA ASN C 26 11.97 24.11 5.61
C ASN C 26 11.61 23.24 4.40
N PHE C 27 12.56 22.46 3.89
CA PHE C 27 12.35 21.48 2.79
C PHE C 27 11.33 20.43 3.24
N CYS C 28 11.57 19.77 4.38
CA CYS C 28 10.70 18.70 4.92
C CYS C 28 9.27 19.25 5.13
N LYS C 29 9.15 20.44 5.72
CA LYS C 29 7.86 21.15 5.95
C LYS C 29 7.13 21.34 4.60
N SER C 30 7.84 21.84 3.59
CA SER C 30 7.26 22.35 2.31
C SER C 30 6.94 21.22 1.33
N THR C 31 7.35 19.97 1.60
CA THR C 31 7.08 18.83 0.68
C THR C 31 6.04 17.90 1.30
N ILE C 32 5.48 17.03 0.45
CA ILE C 32 4.35 16.12 0.77
C ILE C 32 4.77 14.69 0.42
N PHE C 33 6.09 14.44 0.38
CA PHE C 33 6.69 13.13 0.03
C PHE C 33 7.03 12.36 1.32
N GLY C 34 6.52 12.82 2.48
CA GLY C 34 6.42 12.04 3.72
C GLY C 34 7.58 12.24 4.68
N ALA C 35 8.66 12.92 4.25
CA ALA C 35 9.88 13.15 5.05
C ALA C 35 9.57 14.08 6.22
N LYS C 36 9.96 13.71 7.44
CA LYS C 36 9.70 14.52 8.65
C LYS C 36 11.01 14.87 9.35
N TYR C 37 11.15 16.15 9.72
CA TYR C 37 12.30 16.74 10.45
C TYR C 37 11.95 16.87 11.93
N VAL C 38 12.78 16.29 12.80
CA VAL C 38 12.64 16.39 14.28
C VAL C 38 13.96 16.91 14.86
N LYS C 39 13.91 17.94 15.70
CA LYS C 39 15.03 18.35 16.58
C LYS C 39 15.44 17.11 17.40
N THR C 40 16.74 16.82 17.47
CA THR C 40 17.28 15.54 18.01
C THR C 40 16.86 15.35 19.47
N ASP C 41 16.80 16.43 20.26
CA ASP C 41 16.37 16.38 21.69
C ASP C 41 15.12 15.52 21.82
N PHE C 42 14.13 15.71 20.92
CA PHE C 42 12.77 15.12 21.00
C PHE C 42 12.83 13.63 20.67
N ILE C 43 13.92 13.20 20.03
CA ILE C 43 14.23 11.75 19.84
C ILE C 43 14.90 11.24 21.13
N LYS C 44 16.00 11.86 21.55
CA LYS C 44 16.82 11.39 22.70
C LYS C 44 15.94 11.29 23.96
N PHE C 45 14.99 12.22 24.16
CA PHE C 45 14.13 12.29 25.39
C PHE C 45 12.67 11.98 25.05
N ARG C 46 12.44 10.99 24.18
CA ARG C 46 11.10 10.57 23.70
C ARG C 46 10.39 9.80 24.82
N GLN C 47 9.10 10.09 25.03
CA GLN C 47 8.28 9.53 26.13
C GLN C 47 7.48 8.33 25.60
N TYR C 48 7.56 8.09 24.30
CA TYR C 48 7.04 6.88 23.61
C TYR C 48 8.14 6.37 22.69
N GLN C 49 8.08 5.08 22.37
CA GLN C 49 9.07 4.41 21.49
C GLN C 49 9.02 5.02 20.09
N TYR C 50 7.82 5.10 19.49
CA TYR C 50 7.62 5.38 18.04
C TYR C 50 6.76 6.64 17.83
N ILE C 51 6.62 7.49 18.84
CA ILE C 51 5.78 8.74 18.79
C ILE C 51 6.61 9.90 19.36
N VAL C 52 6.81 10.95 18.57
CA VAL C 52 7.60 12.16 18.97
C VAL C 52 6.90 13.42 18.45
N SER C 53 7.34 14.58 18.93
CA SER C 53 6.82 15.91 18.52
C SER C 53 7.91 16.97 18.70
N ASN C 54 7.92 17.98 17.84
CA ASN C 54 8.82 19.16 17.99
C ASN C 54 8.31 20.06 19.12
N CYS C 55 7.08 19.82 19.60
CA CYS C 55 6.50 20.45 20.82
C CYS C 55 6.55 21.98 20.71
N GLY C 56 6.35 22.52 19.50
CA GLY C 56 6.26 23.97 19.25
C GLY C 56 7.57 24.56 18.72
N TRP C 57 8.67 23.80 18.78
CA TRP C 57 9.95 24.20 18.15
C TRP C 57 9.69 24.50 16.67
N ARG C 58 10.10 25.70 16.21
CA ARG C 58 9.82 26.20 14.84
C ARG C 58 8.30 26.16 14.60
N ASP C 59 7.51 26.46 15.64
CA ASP C 59 6.02 26.49 15.60
C ASP C 59 5.46 25.17 15.06
N ASP C 60 6.14 24.05 15.29
CA ASP C 60 5.67 22.71 14.84
C ASP C 60 5.18 21.92 16.06
N THR C 61 3.85 21.79 16.18
CA THR C 61 3.17 21.06 17.28
C THR C 61 2.53 19.77 16.74
N ASP C 62 2.87 19.37 15.50
CA ASP C 62 2.43 18.07 14.94
C ASP C 62 3.02 16.94 15.78
N VAL C 63 2.23 15.90 16.06
CA VAL C 63 2.74 14.62 16.66
C VAL C 63 3.15 13.71 15.50
N VAL C 64 4.40 13.21 15.54
CA VAL C 64 5.02 12.41 14.46
C VAL C 64 4.91 10.93 14.84
N PHE C 65 4.24 10.15 13.98
CA PHE C 65 4.05 8.68 14.12
C PHE C 65 5.08 8.00 13.22
N LEU C 66 6.21 7.60 13.82
CA LEU C 66 7.45 7.19 13.13
C LEU C 66 7.25 5.89 12.35
N GLU C 67 6.23 5.09 12.70
CA GLU C 67 5.88 3.83 11.99
C GLU C 67 5.12 4.18 10.69
N ASN C 68 4.75 5.45 10.50
CA ASN C 68 4.07 5.95 9.27
C ASN C 68 5.00 6.92 8.51
N THR C 69 6.24 7.10 8.96
CA THR C 69 7.25 8.01 8.35
C THR C 69 8.18 7.17 7.47
N PRO C 70 8.33 7.52 6.17
CA PRO C 70 9.27 6.82 5.28
C PRO C 70 10.72 7.34 5.36
N VAL C 71 10.90 8.63 5.62
CA VAL C 71 12.24 9.30 5.75
C VAL C 71 12.21 10.22 6.98
N LEU C 72 13.03 9.90 7.99
CA LEU C 72 13.24 10.75 9.19
C LEU C 72 14.49 11.60 8.97
N VAL C 73 14.42 12.88 9.33
CA VAL C 73 15.57 13.82 9.33
C VAL C 73 15.69 14.42 10.74
N THR C 74 16.89 14.46 11.30
CA THR C 74 17.14 15.02 12.66
C THR C 74 18.36 15.93 12.64
N GLY C 75 18.33 16.98 13.46
CA GLY C 75 19.43 17.95 13.59
C GLY C 75 19.07 19.10 14.52
N HIS C 76 19.73 20.25 14.35
CA HIS C 76 19.66 21.43 15.26
C HIS C 76 20.06 21.01 16.69
N SER C 77 21.06 20.14 16.83
CA SER C 77 21.51 19.59 18.13
C SER C 77 22.89 18.93 18.02
N ASP C 78 23.67 19.03 19.10
CA ASP C 78 25.02 18.41 19.28
C ASP C 78 24.88 16.93 19.68
N TYR C 79 23.68 16.48 20.03
CA TYR C 79 23.37 15.05 20.30
C TYR C 79 23.58 14.24 19.01
N ASP C 80 23.81 12.93 19.17
CA ASP C 80 24.10 11.98 18.07
C ASP C 80 22.97 10.97 17.91
N ILE C 81 22.97 10.25 16.80
CA ILE C 81 22.11 9.05 16.57
C ILE C 81 22.99 7.82 16.84
N SER C 82 22.66 7.05 17.86
CA SER C 82 23.50 5.98 18.44
C SER C 82 22.68 4.72 18.67
N GLU C 83 23.25 3.73 19.37
CA GLU C 83 22.63 2.41 19.65
C GLU C 83 21.26 2.63 20.32
N ARG C 84 21.12 3.68 21.13
CA ARG C 84 19.87 4.02 21.88
C ARG C 84 18.68 4.15 20.92
N GLU C 85 18.91 4.49 19.64
CA GLU C 85 17.85 4.74 18.63
C GLU C 85 17.67 3.51 17.72
N ILE C 86 18.29 2.37 18.03
CA ILE C 86 18.29 1.14 17.16
C ILE C 86 16.85 0.68 16.91
N ASP C 87 15.96 0.75 17.91
CA ASP C 87 14.54 0.34 17.79
C ASP C 87 13.86 1.15 16.67
N ILE C 88 14.09 2.47 16.62
CA ILE C 88 13.52 3.36 15.57
C ILE C 88 14.15 3.04 14.21
N ILE C 89 15.48 2.84 14.16
CA ILE C 89 16.22 2.56 12.90
C ILE C 89 15.59 1.32 12.25
N ARG C 90 15.20 0.33 13.06
CA ARG C 90 14.77 -1.02 12.59
C ARG C 90 13.32 -1.00 12.09
N LEU C 91 12.57 0.09 12.26
CA LEU C 91 11.22 0.24 11.66
C LEU C 91 11.30 -0.01 10.15
N PRO C 92 10.74 -1.13 9.62
CA PRO C 92 10.82 -1.42 8.19
C PRO C 92 10.35 -0.27 7.28
N ASN C 93 9.36 0.52 7.72
CA ASN C 93 8.75 1.63 6.95
C ASN C 93 9.73 2.79 6.75
N ILE C 94 10.68 3.00 7.67
CA ILE C 94 11.71 4.07 7.53
C ILE C 94 12.73 3.63 6.48
N ARG C 95 12.74 4.28 5.31
CA ARG C 95 13.63 3.93 4.18
C ARG C 95 15.03 4.49 4.45
N ALA C 96 15.10 5.64 5.12
CA ALA C 96 16.35 6.36 5.44
C ALA C 96 16.14 7.26 6.66
N TRP C 97 17.20 7.44 7.45
CA TRP C 97 17.31 8.42 8.55
C TRP C 97 18.45 9.39 8.20
N PHE C 98 18.13 10.60 7.75
CA PHE C 98 19.12 11.67 7.45
C PHE C 98 19.38 12.45 8.76
N CYS C 99 20.60 12.41 9.27
CA CYS C 99 20.92 12.94 10.64
C CYS C 99 22.27 13.64 10.63
N GLN C 100 22.41 14.67 11.47
CA GLN C 100 23.75 15.19 11.85
C GLN C 100 24.25 14.32 13.00
N ASN C 101 25.57 14.11 13.07
CA ASN C 101 26.23 13.38 14.18
C ASN C 101 25.77 11.92 14.17
N ARG C 102 25.89 11.27 13.00
CA ARG C 102 25.73 9.80 12.84
C ARG C 102 26.73 9.11 13.78
N ASN C 103 26.28 8.23 14.69
CA ASN C 103 27.16 7.55 15.66
C ASN C 103 26.71 6.09 15.86
N ILE C 104 26.33 5.43 14.78
CA ILE C 104 25.96 3.99 14.73
C ILE C 104 26.28 3.50 13.33
N PRO C 105 27.04 2.38 13.19
CA PRO C 105 27.44 1.89 11.87
C PRO C 105 26.31 1.09 11.20
N HIS C 106 25.22 1.77 10.82
CA HIS C 106 24.00 1.17 10.23
C HIS C 106 23.77 1.77 8.85
N PRO C 107 23.54 0.93 7.80
CA PRO C 107 23.42 1.43 6.43
C PRO C 107 22.23 2.38 6.21
N LYS C 108 21.16 2.25 7.01
CA LYS C 108 19.92 3.04 6.85
C LYS C 108 20.11 4.48 7.33
N VAL C 109 21.14 4.77 8.14
CA VAL C 109 21.40 6.12 8.71
C VAL C 109 22.43 6.86 7.83
N ILE C 110 22.06 8.02 7.30
CA ILE C 110 22.85 8.81 6.32
C ILE C 110 23.21 10.15 6.95
N SER C 111 24.51 10.41 7.14
CA SER C 111 25.03 11.72 7.59
C SER C 111 24.58 12.79 6.60
N PHE C 112 24.30 14.00 7.08
CA PHE C 112 24.24 15.22 6.22
C PHE C 112 25.09 16.28 6.90
N PRO C 113 25.80 17.12 6.12
CA PRO C 113 26.69 18.14 6.69
C PRO C 113 25.95 19.07 7.65
N LEU C 114 26.55 19.40 8.79
CA LEU C 114 26.04 20.44 9.72
C LEU C 114 25.95 21.75 8.92
N GLY C 115 26.98 22.07 8.14
CA GLY C 115 27.07 23.26 7.30
C GLY C 115 27.17 24.53 8.14
N ILE C 116 26.51 25.61 7.70
CA ILE C 116 26.67 26.97 8.27
C ILE C 116 25.56 27.22 9.30
N THR C 117 25.91 27.93 10.37
CA THR C 117 25.01 28.44 11.43
C THR C 117 23.74 29.02 10.78
N ASN C 118 22.57 28.67 11.32
CA ASN C 118 21.23 29.16 10.88
C ASN C 118 21.06 30.63 11.29
N LYS C 119 21.21 31.56 10.34
CA LYS C 119 21.15 33.02 10.64
C LYS C 119 19.74 33.40 11.11
N ASP C 120 18.71 32.69 10.66
CA ASP C 120 17.27 32.98 10.90
C ASP C 120 16.83 32.46 12.28
N GLU C 121 17.72 31.81 13.04
CA GLU C 121 17.46 31.38 14.44
C GLU C 121 16.84 32.56 15.20
N PRO C 122 15.51 32.52 15.51
CA PRO C 122 14.80 33.68 16.04
C PRO C 122 15.48 34.38 17.24
N ASN C 123 15.63 35.71 17.14
CA ASN C 123 16.03 36.61 18.24
C ASN C 123 17.42 36.25 18.79
N SER C 124 18.31 35.73 17.94
CA SER C 124 19.72 35.42 18.29
C SER C 124 20.66 36.29 17.45
N GLU C 125 21.31 37.27 18.09
CA GLU C 125 22.33 38.17 17.46
C GLU C 125 23.47 37.31 16.90
N ILE C 126 24.01 36.41 17.73
CA ILE C 126 25.22 35.58 17.42
C ILE C 126 24.93 34.70 16.18
N HIS C 127 23.73 34.12 16.08
CA HIS C 127 23.27 33.34 14.89
C HIS C 127 23.19 34.25 13.66
N ARG C 128 22.68 35.48 13.83
CA ARG C 128 22.56 36.48 12.73
C ARG C 128 23.94 36.66 12.11
N ILE C 129 24.92 37.01 12.95
CA ILE C 129 26.35 37.34 12.61
C ILE C 129 27.04 36.13 11.96
N ILE C 130 27.17 35.01 12.67
CA ILE C 130 28.03 33.86 12.24
C ILE C 130 27.34 33.09 11.11
N GLY C 131 26.02 33.24 10.96
CA GLY C 131 25.23 32.56 9.92
C GLY C 131 25.13 33.37 8.65
N ASN C 132 25.85 34.48 8.58
CA ASN C 132 25.83 35.38 7.39
C ASN C 132 26.56 34.67 6.25
N THR C 133 25.83 34.01 5.35
CA THR C 133 26.46 33.28 4.22
C THR C 133 27.01 34.31 3.23
N ASP C 134 26.40 35.50 3.13
CA ASP C 134 26.87 36.57 2.21
C ASP C 134 28.35 36.87 2.46
N ARG C 135 28.76 36.99 3.73
CA ARG C 135 30.17 37.36 4.06
C ARG C 135 31.13 36.25 3.58
N ILE C 136 30.79 34.97 3.76
CA ILE C 136 31.73 33.88 3.32
C ILE C 136 31.73 33.83 1.79
N LEU C 137 30.62 34.20 1.13
CA LEU C 137 30.51 34.25 -0.35
C LEU C 137 31.43 35.35 -0.90
N GLU C 138 31.38 36.55 -0.30
CA GLU C 138 32.23 37.73 -0.66
C GLU C 138 33.71 37.33 -0.57
N VAL C 139 34.09 36.69 0.53
CA VAL C 139 35.50 36.27 0.82
C VAL C 139 35.95 35.29 -0.27
N SER C 140 35.11 34.29 -0.60
CA SER C 140 35.41 33.15 -1.49
C SER C 140 35.67 33.64 -2.93
N LYS C 141 35.29 34.88 -3.24
CA LYS C 141 35.42 35.49 -4.58
C LYS C 141 36.65 36.42 -4.62
N THR C 142 37.18 36.84 -3.47
CA THR C 142 38.45 37.63 -3.37
C THR C 142 39.61 36.70 -3.74
N PRO C 143 40.78 37.23 -4.19
CA PRO C 143 41.92 36.39 -4.53
C PRO C 143 42.46 35.62 -3.31
N LYS C 144 42.76 34.33 -3.48
CA LYS C 144 43.26 33.44 -2.38
C LYS C 144 44.79 33.57 -2.28
N GLU C 145 45.26 34.41 -1.37
CA GLU C 145 46.71 34.71 -1.15
C GLU C 145 47.18 33.99 0.12
N ILE C 146 47.85 32.85 -0.04
CA ILE C 146 48.29 31.96 1.07
C ILE C 146 49.24 32.73 1.99
N LYS C 147 48.83 32.98 3.24
CA LYS C 147 49.63 33.66 4.30
C LYS C 147 50.49 32.60 5.03
N ASN C 148 49.89 31.46 5.41
CA ASN C 148 50.59 30.37 6.15
C ASN C 148 49.90 29.03 5.87
N LEU C 149 50.44 27.93 6.43
CA LEU C 149 50.04 26.54 6.10
C LEU C 149 48.71 26.19 6.78
N VAL C 150 48.58 26.44 8.09
CA VAL C 150 47.40 26.01 8.89
C VAL C 150 46.90 27.19 9.73
N TYR C 151 45.57 27.37 9.73
CA TYR C 151 44.84 28.33 10.61
C TYR C 151 44.39 27.59 11.87
N ASN C 153 42.04 28.38 15.15
CA ASN C 153 41.13 29.17 15.96
C ASN C 153 40.19 28.18 16.65
N ILE C 154 40.56 27.68 17.82
CA ILE C 154 39.79 26.60 18.50
C ILE C 154 39.66 26.92 19.98
N THR C 155 38.42 26.79 20.48
CA THR C 155 38.03 26.90 21.90
C THR C 155 38.10 25.50 22.52
N VAL C 156 39.07 25.28 23.41
CA VAL C 156 39.46 23.93 23.94
C VAL C 156 38.30 23.33 24.75
N LYS C 157 37.58 24.14 25.54
CA LYS C 157 36.39 23.76 26.36
C LYS C 157 35.47 22.75 25.65
N ASN C 158 35.17 22.98 24.38
CA ASN C 158 34.11 22.25 23.63
C ASN C 158 34.43 20.74 23.59
N PHE C 159 35.70 20.34 23.51
CA PHE C 159 36.15 18.92 23.54
C PHE C 159 37.65 18.84 23.82
N PRO C 160 38.08 19.04 25.09
CA PRO C 160 39.50 19.06 25.47
C PRO C 160 40.38 17.87 25.04
N GLU C 161 39.87 16.64 25.21
CA GLU C 161 40.56 15.37 24.85
C GLU C 161 41.37 15.55 23.55
N GLU C 162 40.75 16.19 22.55
CA GLU C 162 41.36 16.41 21.22
C GLU C 162 41.93 17.84 21.15
N ARG C 163 41.13 18.84 21.47
CA ARG C 163 41.47 20.26 21.20
C ARG C 163 42.64 20.71 22.08
N GLN C 164 42.81 20.13 23.26
CA GLN C 164 43.94 20.53 24.15
C GLN C 164 45.24 20.09 23.50
N ARG C 165 45.24 18.90 22.86
CA ARG C 165 46.45 18.35 22.19
C ARG C 165 46.83 19.29 21.05
N ILE C 166 45.87 19.74 20.25
CA ILE C 166 46.12 20.57 19.05
C ILE C 166 46.81 21.86 19.47
N VAL C 167 46.23 22.57 20.45
CA VAL C 167 46.78 23.83 21.00
C VAL C 167 48.16 23.54 21.63
N ASP C 168 48.31 22.47 22.42
CA ASP C 168 49.57 22.21 23.15
C ASP C 168 50.69 21.88 22.15
N LEU C 169 50.38 21.13 21.08
CA LEU C 169 51.39 20.63 20.11
C LEU C 169 51.74 21.72 19.08
N TYR C 170 50.78 22.50 18.58
CA TYR C 170 50.97 23.24 17.30
C TYR C 170 50.83 24.77 17.43
N SER C 171 50.64 25.32 18.64
CA SER C 171 50.44 26.77 18.89
C SER C 171 51.68 27.58 18.48
N ASP C 172 52.85 27.07 18.85
CA ASP C 172 54.14 27.79 18.76
C ASP C 172 54.82 27.52 17.42
N LYS C 173 54.19 26.79 16.48
CA LYS C 173 54.83 26.45 15.18
C LYS C 173 54.78 27.66 14.24
N SER C 174 55.86 27.90 13.49
CA SER C 174 55.95 29.00 12.49
C SER C 174 54.94 28.81 11.36
N TRP C 175 54.56 27.56 11.05
CA TRP C 175 53.66 27.23 9.91
C TRP C 175 52.19 27.23 10.37
N VAL C 176 51.92 27.72 11.58
CA VAL C 176 50.55 27.84 12.18
C VAL C 176 50.26 29.31 12.45
N THR C 177 49.05 29.76 12.13
CA THR C 177 48.50 31.08 12.51
C THR C 177 47.43 30.90 13.60
N ILE C 178 47.65 31.51 14.78
CA ILE C 178 46.65 31.58 15.89
C ILE C 178 45.60 32.63 15.52
N GLY C 179 44.32 32.24 15.56
CA GLY C 179 43.17 33.14 15.41
C GLY C 179 42.48 33.38 16.74
N LYS C 180 42.35 34.64 17.14
CA LYS C 180 41.58 35.07 18.34
C LYS C 180 40.29 35.73 17.85
N GLY C 181 39.17 35.01 17.96
CA GLY C 181 37.87 35.41 17.40
C GLY C 181 37.21 36.53 18.21
N GLU C 182 36.74 37.57 17.53
CA GLU C 182 35.79 38.59 18.05
C GLU C 182 34.44 38.32 17.39
N VAL C 183 33.38 38.15 18.20
CA VAL C 183 32.02 37.76 17.73
C VAL C 183 31.27 39.05 17.35
N SER C 184 31.43 39.49 16.10
CA SER C 184 30.86 40.76 15.57
C SER C 184 30.84 40.72 14.04
N GLU C 185 30.27 41.77 13.44
CA GLU C 185 30.14 41.99 11.97
C GLU C 185 31.53 41.94 11.32
N GLU C 186 32.46 42.77 11.82
CA GLU C 186 33.82 42.93 11.26
C GLU C 186 34.69 41.75 11.74
N GLY C 187 34.52 41.33 12.99
CA GLY C 187 35.17 40.15 13.58
C GLY C 187 34.97 38.92 12.71
N HIS C 188 33.74 38.68 12.26
CA HIS C 188 33.35 37.54 11.40
C HIS C 188 34.09 37.63 10.06
N ARG C 189 34.18 38.83 9.49
CA ARG C 189 34.87 39.08 8.19
C ARG C 189 36.34 38.68 8.32
N LYS C 190 37.02 39.14 9.38
CA LYS C 190 38.48 38.95 9.60
C LYS C 190 38.80 37.46 9.75
N PHE C 191 38.00 36.73 10.54
CA PHE C 191 38.10 35.26 10.76
C PHE C 191 38.04 34.53 9.41
N LEU C 192 37.04 34.84 8.58
CA LEU C 192 36.84 34.22 7.25
C LEU C 192 38.05 34.49 6.36
N GLU C 193 38.48 35.75 6.28
CA GLU C 193 39.65 36.21 5.47
C GLU C 193 40.91 35.48 5.92
N ASP C 194 41.16 35.39 7.24
CA ASP C 194 42.32 34.68 7.81
C ASP C 194 42.29 33.22 7.36
N TYR C 196 40.66 31.92 4.96
CA TYR C 196 40.77 31.89 3.51
C TYR C 196 42.24 31.90 3.07
N ALA C 197 43.11 32.54 3.86
CA ALA C 197 44.55 32.77 3.57
C ALA C 197 45.42 31.60 4.02
N HIS C 198 44.84 30.44 4.37
CA HIS C 198 45.61 29.24 4.75
C HIS C 198 45.20 28.06 3.85
N LYS C 199 46.12 27.12 3.63
CA LYS C 199 45.88 25.88 2.84
C LYS C 199 45.06 24.90 3.70
N PHE C 200 45.22 24.98 5.03
CA PHE C 200 44.60 24.04 6.00
C PHE C 200 43.99 24.81 7.17
N CYS C 201 42.96 24.19 7.75
CA CYS C 201 42.28 24.63 8.99
C CYS C 201 42.16 23.43 9.94
N PHE C 202 42.54 23.60 11.21
CA PHE C 202 42.21 22.64 12.30
C PHE C 202 40.69 22.68 12.52
N ALA C 203 39.99 21.59 12.24
CA ALA C 203 38.54 21.45 12.42
C ALA C 203 38.24 20.24 13.31
N PRO C 204 38.75 20.23 14.57
CA PRO C 204 38.46 19.13 15.49
C PRO C 204 36.97 19.17 15.88
N ARG C 205 36.44 18.02 16.26
CA ARG C 205 35.06 17.90 16.80
C ARG C 205 34.93 18.81 18.04
N GLY C 206 33.70 19.24 18.35
CA GLY C 206 33.37 20.04 19.56
C GLY C 206 32.44 19.27 20.48
N ASN C 207 31.45 19.94 21.08
CA ASN C 207 30.42 19.29 21.94
CA ASN C 207 30.44 19.26 21.95
C ASN C 207 29.71 18.21 21.11
N GLY C 208 29.39 18.54 19.86
CA GLY C 208 28.91 17.59 18.84
C GLY C 208 30.06 17.13 17.96
N ILE C 209 29.93 15.96 17.34
CA ILE C 209 31.00 15.36 16.50
C ILE C 209 31.25 16.30 15.30
N ASP C 210 30.18 16.68 14.61
CA ASP C 210 30.24 17.62 13.46
C ASP C 210 30.36 19.04 13.98
N THR C 211 31.04 19.93 13.24
CA THR C 211 31.24 21.35 13.59
C THR C 211 31.03 22.22 12.35
N HIS C 212 30.74 23.51 12.56
CA HIS C 212 30.60 24.50 11.47
C HIS C 212 31.96 24.70 10.80
N ARG C 213 33.06 24.70 11.57
CA ARG C 213 34.41 25.00 11.06
C ARG C 213 34.74 24.12 9.83
N LEU C 214 34.41 22.83 9.89
CA LEU C 214 34.67 21.87 8.79
C LEU C 214 34.13 22.45 7.48
N TRP C 215 32.86 22.85 7.50
CA TRP C 215 32.08 23.23 6.30
C TRP C 215 32.48 24.64 5.85
N GLU C 216 32.73 25.54 6.81
CA GLU C 216 33.22 26.92 6.58
C GLU C 216 34.55 26.87 5.83
N SER C 217 35.44 25.94 6.22
CA SER C 217 36.78 25.75 5.61
C SER C 217 36.64 25.29 4.16
N LEU C 218 35.83 24.25 3.91
CA LEU C 218 35.58 23.70 2.55
C LEU C 218 34.97 24.77 1.63
N TYR C 219 34.13 25.68 2.15
CA TYR C 219 33.49 26.76 1.34
C TYR C 219 34.56 27.76 0.89
N LEU C 220 35.58 27.99 1.72
CA LEU C 220 36.69 28.94 1.46
C LEU C 220 37.85 28.22 0.73
N ARG C 221 37.67 26.94 0.41
CA ARG C 221 38.63 26.11 -0.37
C ARG C 221 39.90 25.88 0.47
N THR C 222 39.78 25.99 1.80
CA THR C 222 40.80 25.61 2.81
C THR C 222 40.50 24.16 3.25
N ILE C 223 41.52 23.30 3.29
CA ILE C 223 41.35 21.86 3.67
C ILE C 223 41.22 21.77 5.19
N PRO C 224 40.08 21.26 5.71
CA PRO C 224 39.91 21.05 7.14
C PRO C 224 40.57 19.73 7.59
N ILE C 225 41.22 19.75 8.75
CA ILE C 225 41.86 18.55 9.37
C ILE C 225 40.92 18.05 10.47
N VAL C 226 40.52 16.77 10.40
CA VAL C 226 39.45 16.16 11.26
C VAL C 226 39.91 14.75 11.66
N LYS C 227 39.66 14.37 12.92
CA LYS C 227 39.93 12.99 13.40
C LYS C 227 38.88 12.06 12.80
N LYS C 228 39.31 10.94 12.22
CA LYS C 228 38.43 9.85 11.71
C LYS C 228 37.33 9.55 12.74
N HIS C 229 36.11 9.32 12.27
CA HIS C 229 34.92 9.02 13.09
C HIS C 229 33.85 8.45 12.18
N ILE C 230 32.99 7.56 12.69
CA ILE C 230 31.88 6.96 11.89
C ILE C 230 30.95 8.07 11.39
N ALA C 231 30.88 9.19 12.12
CA ALA C 231 30.07 10.40 11.77
C ALA C 231 30.63 11.09 10.52
N GLU C 233 32.47 9.34 8.01
CA GLU C 233 32.99 8.34 7.09
C GLU C 233 32.31 8.43 5.72
N GLN C 234 31.06 8.92 5.66
CA GLN C 234 30.32 9.11 4.39
C GLN C 234 30.77 10.41 3.69
N PHE C 235 31.77 11.13 4.23
CA PHE C 235 32.29 12.41 3.67
C PHE C 235 33.70 12.24 3.10
N THR C 236 34.18 11.00 2.93
CA THR C 236 35.55 10.69 2.44
C THR C 236 35.70 11.00 0.94
N ASP C 237 34.63 11.44 0.27
CA ASP C 237 34.71 11.94 -1.14
C ASP C 237 34.70 13.47 -1.14
N LEU C 238 34.99 14.09 0.01
CA LEU C 238 35.26 15.55 0.11
C LEU C 238 36.72 15.75 0.49
N PRO C 239 37.38 16.85 0.04
CA PRO C 239 38.79 17.10 0.31
C PRO C 239 39.04 17.48 1.77
N ILE C 240 38.81 16.52 2.66
CA ILE C 240 38.99 16.61 4.13
C ILE C 240 40.21 15.77 4.50
N LEU C 241 41.16 16.31 5.26
CA LEU C 241 42.31 15.52 5.79
C LEU C 241 41.83 14.78 7.04
N PHE C 242 41.58 13.48 6.95
CA PHE C 242 41.15 12.64 8.09
C PHE C 242 42.39 12.04 8.77
N VAL C 243 42.58 12.31 10.06
CA VAL C 243 43.78 11.88 10.82
C VAL C 243 43.38 10.76 11.80
N ASN C 244 44.32 9.85 12.09
CA ASN C 244 44.11 8.76 13.08
C ASN C 244 44.13 9.38 14.48
N ASP C 245 44.90 10.46 14.64
CA ASP C 245 45.15 11.14 15.94
C ASP C 245 45.76 12.51 15.63
N TRP C 246 46.16 13.25 16.66
CA TRP C 246 46.58 14.66 16.54
C TRP C 246 48.10 14.79 16.75
N GLU C 247 48.81 13.67 16.85
CA GLU C 247 50.26 13.64 17.15
C GLU C 247 51.04 13.51 15.84
N ASN C 248 52.18 14.20 15.74
CA ASN C 248 53.18 14.07 14.64
C ASN C 248 52.70 14.74 13.34
N ILE C 249 51.86 15.78 13.43
CA ILE C 249 51.61 16.66 12.26
C ILE C 249 52.88 17.48 12.03
N THR C 250 53.52 17.32 10.86
CA THR C 250 54.71 18.09 10.45
C THR C 250 54.38 18.92 9.19
N GLU C 251 55.22 19.92 8.91
CA GLU C 251 55.20 20.71 7.66
C GLU C 251 55.30 19.73 6.47
N GLU C 252 56.23 18.77 6.54
CA GLU C 252 56.51 17.79 5.46
C GLU C 252 55.25 16.97 5.19
N TYR C 253 54.63 16.47 6.26
CA TYR C 253 53.36 15.70 6.25
C TYR C 253 52.27 16.50 5.54
N LEU C 254 51.96 17.71 6.02
CA LEU C 254 50.87 18.56 5.46
C LEU C 254 51.20 18.97 4.01
N ASN C 255 52.48 19.19 3.67
CA ASN C 255 52.91 19.63 2.32
C ASN C 255 52.59 18.52 1.30
N GLU C 256 52.85 17.25 1.66
CA GLU C 256 52.52 16.04 0.84
C GLU C 256 51.00 15.88 0.73
N GLN C 257 50.27 16.02 1.84
CA GLN C 257 48.79 15.89 1.85
C GLN C 257 48.18 17.00 0.99
N TYR C 258 48.70 18.23 1.08
CA TYR C 258 48.25 19.35 0.22
C TYR C 258 48.38 18.93 -1.26
N ASP C 259 49.51 18.33 -1.64
CA ASP C 259 49.78 17.93 -3.05
C ASP C 259 48.84 16.80 -3.47
N ILE C 260 48.63 15.78 -2.63
CA ILE C 260 47.71 14.65 -2.93
C ILE C 260 46.27 15.20 -3.09
N ILE C 261 45.78 15.97 -2.12
CA ILE C 261 44.35 16.40 -2.07
C ILE C 261 44.03 17.36 -3.22
N ALA C 263 45.40 17.58 -6.07
CA ALA C 263 45.48 16.90 -7.36
C ALA C 263 44.18 16.14 -7.64
N LYS C 264 43.51 15.62 -6.59
CA LYS C 264 42.40 14.64 -6.74
C LYS C 264 41.11 15.35 -7.15
N ASP C 265 40.15 14.58 -7.65
CA ASP C 265 38.76 15.02 -7.96
C ASP C 265 37.85 14.64 -6.79
N TRP C 266 37.00 15.58 -6.36
CA TRP C 266 36.09 15.43 -5.20
C TRP C 266 34.66 15.72 -5.64
N ASN C 267 33.71 15.05 -4.97
CA ASN C 267 32.25 15.26 -5.12
C ASN C 267 31.84 16.58 -4.45
N LEU C 268 32.26 17.72 -5.01
CA LEU C 268 32.03 19.06 -4.41
C LEU C 268 30.53 19.40 -4.36
N ASP C 269 29.71 18.79 -5.20
CA ASP C 269 28.22 18.98 -5.20
C ASP C 269 27.63 18.70 -3.81
N LYS C 270 28.27 17.84 -3.01
CA LYS C 270 27.83 17.54 -1.62
C LYS C 270 27.97 18.77 -0.72
N LEU C 271 28.61 19.85 -1.17
CA LEU C 271 28.69 21.13 -0.40
C LEU C 271 27.49 22.01 -0.75
N LYS C 272 26.66 21.60 -1.71
CA LYS C 272 25.53 22.43 -2.23
C LYS C 272 24.21 21.82 -1.75
N ILE C 273 23.33 22.66 -1.19
CA ILE C 273 22.07 22.22 -0.51
C ILE C 273 21.17 21.48 -1.51
N ASP C 274 21.28 21.77 -2.81
CA ASP C 274 20.44 21.14 -3.88
C ASP C 274 20.70 19.64 -3.94
N TYR C 275 21.94 19.20 -3.70
CA TYR C 275 22.34 17.77 -3.64
C TYR C 275 21.48 17.04 -2.61
N TRP C 276 21.27 17.67 -1.44
CA TRP C 276 20.63 17.04 -0.26
C TRP C 276 19.11 17.09 -0.38
N TYR C 277 18.54 18.19 -0.90
CA TYR C 277 17.12 18.23 -1.31
C TYR C 277 16.84 16.99 -2.18
N GLN C 278 17.65 16.80 -3.22
CA GLN C 278 17.55 15.70 -4.21
C GLN C 278 17.68 14.34 -3.49
N LYS C 279 18.68 14.21 -2.62
CA LYS C 279 18.94 12.94 -1.87
C LYS C 279 17.68 12.53 -1.12
N ILE C 280 17.08 13.45 -0.36
CA ILE C 280 15.84 13.22 0.46
C ILE C 280 14.71 12.76 -0.47
N LEU C 281 14.53 13.44 -1.61
CA LEU C 281 13.47 13.10 -2.61
C LEU C 281 13.68 11.67 -3.12
N GLU C 282 14.91 11.29 -3.47
CA GLU C 282 15.23 9.93 -4.00
C GLU C 282 14.69 8.85 -3.06
N TYR C 283 14.76 9.08 -1.73
CA TYR C 283 14.35 8.12 -0.67
C TYR C 283 12.87 8.32 -0.30
N SER C 284 12.23 9.33 -0.90
CA SER C 284 10.78 9.64 -0.75
C SER C 284 10.04 9.23 -2.05
N SER D 5 -23.07 1.81 -15.98
CA SER D 5 -22.57 2.32 -14.66
C SER D 5 -23.60 3.24 -14.04
N LYS D 7 -26.43 3.61 -15.91
CA LYS D 7 -27.58 3.06 -16.59
C LYS D 7 -28.38 2.23 -15.58
N LEU D 8 -29.71 2.23 -15.69
CA LEU D 8 -30.63 1.52 -14.77
C LEU D 8 -30.44 0.01 -14.87
N ALA D 9 -30.19 -0.50 -16.09
CA ALA D 9 -30.03 -1.95 -16.39
C ALA D 9 -28.81 -2.51 -15.62
N GLU D 10 -27.81 -1.67 -15.32
CA GLU D 10 -26.51 -2.07 -14.72
C GLU D 10 -26.51 -1.84 -13.20
N LEU D 11 -27.62 -1.40 -12.60
CA LEU D 11 -27.75 -1.24 -11.12
C LEU D 11 -27.44 -2.59 -10.45
N THR D 12 -26.48 -2.60 -9.52
CA THR D 12 -26.18 -3.75 -8.64
C THR D 12 -26.28 -3.29 -7.19
N LEU D 13 -26.86 -4.14 -6.35
CA LEU D 13 -27.19 -3.85 -4.94
C LEU D 13 -26.45 -4.82 -4.03
N GLU D 14 -25.98 -4.32 -2.89
CA GLU D 14 -25.48 -5.12 -1.74
C GLU D 14 -26.53 -5.01 -0.63
N SER D 15 -26.53 -5.97 0.30
CA SER D 15 -27.64 -6.23 1.24
C SER D 15 -27.93 -5.02 2.13
N ASP D 16 -26.97 -4.12 2.33
CA ASP D 16 -27.12 -2.96 3.24
C ASP D 16 -27.35 -1.67 2.44
N ASP D 17 -27.47 -1.74 1.11
CA ASP D 17 -27.61 -0.55 0.24
C ASP D 17 -29.01 0.09 0.40
N PHE D 18 -30.01 -0.71 0.75
CA PHE D 18 -31.44 -0.32 0.73
C PHE D 18 -31.67 0.86 1.69
N ILE D 19 -32.34 1.90 1.19
CA ILE D 19 -32.83 3.05 2.00
C ILE D 19 -34.07 2.62 2.78
N THR D 20 -34.06 2.89 4.09
CA THR D 20 -35.22 2.88 5.00
C THR D 20 -35.05 4.05 5.96
N SER D 21 -36.16 4.61 6.48
CA SER D 21 -36.14 5.75 7.42
C SER D 21 -35.52 5.34 8.78
N ASP D 22 -35.72 4.08 9.20
CA ASP D 22 -35.07 3.50 10.41
C ASP D 22 -33.55 3.71 10.32
N LYS D 23 -32.94 3.40 9.18
CA LYS D 23 -31.47 3.52 8.99
C LYS D 23 -31.02 4.97 9.18
N LEU D 24 -31.80 5.95 8.73
CA LEU D 24 -31.45 7.39 8.89
C LEU D 24 -31.66 7.80 10.35
N PHE D 25 -32.72 7.33 11.00
CA PHE D 25 -32.96 7.55 12.45
C PHE D 25 -31.81 6.95 13.27
N ASN D 26 -31.39 5.73 12.92
CA ASN D 26 -30.32 5.00 13.66
C ASN D 26 -29.01 5.76 13.50
N PHE D 27 -28.72 6.26 12.29
CA PHE D 27 -27.51 7.05 11.98
C PHE D 27 -27.49 8.32 12.85
N CYS D 28 -28.61 9.04 12.92
CA CYS D 28 -28.73 10.32 13.66
C CYS D 28 -28.62 10.06 15.17
N LYS D 29 -29.35 9.05 15.65
CA LYS D 29 -29.53 8.78 17.09
C LYS D 29 -28.23 8.21 17.66
N SER D 30 -27.51 7.40 16.87
CA SER D 30 -26.32 6.63 17.30
C SER D 30 -25.02 7.44 17.21
N THR D 31 -24.99 8.58 16.52
CA THR D 31 -23.73 9.32 16.24
C THR D 31 -23.64 10.62 17.04
N ILE D 32 -22.41 11.16 17.11
CA ILE D 32 -21.99 12.36 17.90
C ILE D 32 -22.04 13.61 17.01
N PHE D 33 -22.37 13.45 15.73
CA PHE D 33 -22.28 14.49 14.67
C PHE D 33 -23.29 15.62 14.91
N GLY D 34 -24.32 15.42 15.75
CA GLY D 34 -25.27 16.47 16.16
C GLY D 34 -26.52 16.52 15.29
N ALA D 35 -26.66 15.60 14.32
CA ALA D 35 -27.86 15.45 13.48
C ALA D 35 -29.01 14.87 14.31
N LYS D 36 -30.19 15.49 14.24
CA LYS D 36 -31.38 15.08 15.04
C LYS D 36 -32.47 14.57 14.09
N TYR D 37 -32.91 13.33 14.32
CA TYR D 37 -34.09 12.73 13.64
C TYR D 37 -35.32 12.90 14.53
N VAL D 38 -36.39 13.49 13.98
CA VAL D 38 -37.69 13.69 14.67
C VAL D 38 -38.79 13.13 13.78
N LYS D 39 -39.59 12.19 14.30
CA LYS D 39 -40.85 11.73 13.66
C LYS D 39 -41.72 12.96 13.38
N THR D 40 -42.25 13.08 12.17
CA THR D 40 -42.81 14.36 11.65
C THR D 40 -43.98 14.84 12.53
N ASP D 41 -44.68 13.92 13.21
CA ASP D 41 -45.87 14.25 14.05
C ASP D 41 -45.46 15.32 15.05
N PHE D 42 -44.26 15.18 15.62
CA PHE D 42 -43.74 16.00 16.74
C PHE D 42 -43.26 17.36 16.21
N ILE D 43 -43.07 17.51 14.90
CA ILE D 43 -42.84 18.84 14.26
C ILE D 43 -44.19 19.52 14.06
N LYS D 44 -45.16 18.83 13.43
CA LYS D 44 -46.46 19.42 13.01
C LYS D 44 -47.24 19.87 14.26
N PHE D 45 -47.22 19.09 15.34
CA PHE D 45 -48.00 19.37 16.58
C PHE D 45 -47.07 19.82 17.73
N ARG D 46 -46.03 20.59 17.40
CA ARG D 46 -45.04 21.06 18.40
C ARG D 46 -45.74 22.07 19.34
N GLN D 47 -45.39 22.05 20.62
CA GLN D 47 -46.00 22.92 21.66
C GLN D 47 -45.01 24.01 22.04
N TYR D 48 -43.81 23.95 21.45
CA TYR D 48 -42.77 25.00 21.50
C TYR D 48 -42.37 25.29 20.06
N GLN D 49 -41.94 26.52 19.77
CA GLN D 49 -41.48 26.95 18.44
C GLN D 49 -40.26 26.12 18.03
N TYR D 50 -39.26 26.02 18.91
CA TYR D 50 -37.93 25.46 18.58
C TYR D 50 -37.53 24.31 19.53
N ILE D 51 -38.47 23.71 20.26
CA ILE D 51 -38.19 22.56 21.17
C ILE D 51 -39.19 21.43 20.87
N VAL D 52 -38.66 20.23 20.60
CA VAL D 52 -39.45 19.04 20.19
C VAL D 52 -38.81 17.78 20.79
N SER D 53 -39.56 16.67 20.82
CA SER D 53 -39.11 15.37 21.37
C SER D 53 -39.81 14.22 20.65
N ASN D 54 -39.13 13.08 20.50
CA ASN D 54 -39.72 11.82 19.95
C ASN D 54 -40.61 11.17 21.02
N CYS D 55 -40.54 11.66 22.27
CA CYS D 55 -41.47 11.36 23.37
C CYS D 55 -41.57 9.86 23.61
N GLY D 56 -40.45 9.14 23.48
CA GLY D 56 -40.38 7.68 23.72
C GLY D 56 -40.50 6.88 22.43
N TRP D 57 -40.97 7.48 21.34
CA TRP D 57 -40.96 6.85 19.99
C TRP D 57 -39.54 6.30 19.75
N ARG D 58 -39.43 5.06 19.27
CA ARG D 58 -38.13 4.38 19.00
C ARG D 58 -37.22 4.49 20.24
N ASP D 59 -37.82 4.50 21.44
CA ASP D 59 -37.11 4.51 22.76
C ASP D 59 -36.32 5.81 22.95
N ASP D 60 -36.56 6.83 22.11
CA ASP D 60 -35.87 8.14 22.19
C ASP D 60 -36.71 9.09 23.04
N THR D 61 -36.21 9.47 24.22
CA THR D 61 -36.85 10.46 25.12
C THR D 61 -36.04 11.76 25.19
N ASP D 62 -35.00 11.91 24.36
CA ASP D 62 -34.20 13.17 24.32
C ASP D 62 -35.14 14.32 23.92
N VAL D 63 -34.99 15.45 24.61
CA VAL D 63 -35.54 16.77 24.20
C VAL D 63 -34.55 17.39 23.22
N VAL D 64 -35.04 18.00 22.14
CA VAL D 64 -34.20 18.50 21.01
C VAL D 64 -34.38 20.02 20.93
N PHE D 65 -33.28 20.74 21.03
CA PHE D 65 -33.23 22.21 20.93
C PHE D 65 -32.73 22.54 19.52
N LEU D 66 -33.66 22.96 18.66
CA LEU D 66 -33.48 23.08 17.19
C LEU D 66 -32.50 24.22 16.87
N GLU D 67 -32.26 25.14 17.81
CA GLU D 67 -31.29 26.25 17.60
C GLU D 67 -29.86 25.72 17.78
N ASN D 68 -29.70 24.53 18.38
CA ASN D 68 -28.37 23.89 18.61
C ASN D 68 -28.14 22.74 17.61
N THR D 69 -29.05 22.55 16.65
CA THR D 69 -29.04 21.42 15.68
C THR D 69 -28.56 21.93 14.33
N PRO D 70 -27.44 21.42 13.77
CA PRO D 70 -26.99 21.82 12.44
C PRO D 70 -27.82 21.13 11.32
N VAL D 71 -28.26 19.89 11.55
CA VAL D 71 -29.04 19.11 10.53
C VAL D 71 -30.28 18.52 11.20
N LEU D 72 -31.46 18.84 10.67
CA LEU D 72 -32.75 18.24 11.07
C LEU D 72 -33.15 17.18 10.02
N VAL D 73 -33.51 15.99 10.50
CA VAL D 73 -34.06 14.89 9.66
C VAL D 73 -35.46 14.54 10.21
N THR D 74 -36.45 14.39 9.33
CA THR D 74 -37.84 14.05 9.71
C THR D 74 -38.44 13.03 8.73
N GLY D 75 -39.29 12.15 9.26
CA GLY D 75 -39.99 11.11 8.49
C GLY D 75 -40.73 10.16 9.42
N HIS D 76 -40.97 8.93 8.94
CA HIS D 76 -41.88 7.91 9.54
C HIS D 76 -43.30 8.47 9.66
N SER D 77 -43.75 9.25 8.68
CA SER D 77 -45.09 9.91 8.68
C SER D 77 -45.54 10.22 7.26
N ASP D 78 -46.85 10.22 7.01
CA ASP D 78 -47.46 10.67 5.74
C ASP D 78 -47.50 12.20 5.69
N TYR D 79 -47.21 12.88 6.80
CA TYR D 79 -47.17 14.37 6.91
C TYR D 79 -46.06 14.94 6.00
N ASP D 80 -46.29 16.13 5.46
CA ASP D 80 -45.28 16.89 4.67
C ASP D 80 -44.62 17.95 5.55
N ILE D 81 -43.52 18.52 5.03
CA ILE D 81 -42.87 19.78 5.50
C ILE D 81 -43.34 20.90 4.56
N SER D 82 -43.96 21.94 5.11
CA SER D 82 -44.66 23.01 4.35
C SER D 82 -44.39 24.39 4.99
N GLU D 83 -45.11 25.42 4.53
CA GLU D 83 -44.99 26.82 5.02
C GLU D 83 -45.19 26.89 6.54
N ARG D 84 -45.93 25.94 7.12
CA ARG D 84 -46.17 25.91 8.58
CA ARG D 84 -46.18 25.87 8.58
C ARG D 84 -44.82 25.78 9.32
N GLU D 85 -43.81 25.18 8.70
CA GLU D 85 -42.49 24.94 9.34
C GLU D 85 -41.44 25.98 8.90
N ILE D 86 -41.85 27.04 8.20
CA ILE D 86 -40.93 28.12 7.70
C ILE D 86 -40.09 28.68 8.86
N ASP D 87 -40.67 28.85 10.06
CA ASP D 87 -39.94 29.49 11.21
C ASP D 87 -38.76 28.61 11.61
N ILE D 88 -38.90 27.28 11.57
CA ILE D 88 -37.79 26.33 11.85
C ILE D 88 -36.77 26.37 10.70
N ILE D 89 -37.25 26.34 9.46
CA ILE D 89 -36.38 26.35 8.23
C ILE D 89 -35.47 27.59 8.30
N ARG D 90 -35.97 28.72 8.80
CA ARG D 90 -35.25 30.02 8.79
C ARG D 90 -34.27 30.14 9.96
N LEU D 91 -34.19 29.16 10.87
CA LEU D 91 -33.15 29.14 11.93
C LEU D 91 -31.77 29.19 11.28
N PRO D 92 -30.93 30.20 11.57
CA PRO D 92 -29.63 30.35 10.91
C PRO D 92 -28.75 29.12 11.05
N ASN D 93 -28.81 28.46 12.22
CA ASN D 93 -27.93 27.32 12.61
C ASN D 93 -28.27 26.06 11.80
N ILE D 94 -29.50 25.91 11.31
CA ILE D 94 -29.90 24.70 10.53
C ILE D 94 -29.30 24.85 9.13
N ARG D 95 -28.35 23.98 8.79
CA ARG D 95 -27.64 24.01 7.49
C ARG D 95 -28.42 23.18 6.46
N ALA D 96 -29.17 22.20 6.90
CA ALA D 96 -29.97 21.30 6.03
C ALA D 96 -31.12 20.68 6.82
N TRP D 97 -32.29 20.59 6.19
CA TRP D 97 -33.47 19.82 6.66
C TRP D 97 -33.73 18.66 5.68
N PHE D 98 -33.31 17.45 6.03
CA PHE D 98 -33.62 16.21 5.26
C PHE D 98 -35.00 15.68 5.69
N CYS D 99 -35.93 15.50 4.75
CA CYS D 99 -37.33 15.12 5.05
C CYS D 99 -37.87 14.17 3.98
N GLN D 100 -38.81 13.31 4.36
CA GLN D 100 -39.75 12.74 3.37
C GLN D 100 -40.90 13.72 3.22
N ASN D 101 -41.48 13.78 2.02
CA ASN D 101 -42.68 14.58 1.70
C ASN D 101 -42.33 16.06 1.84
N ARG D 102 -41.24 16.50 1.18
CA ARG D 102 -40.90 17.93 0.96
C ARG D 102 -42.09 18.60 0.25
N ASN D 103 -42.73 19.59 0.87
CA ASN D 103 -43.88 20.29 0.24
C ASN D 103 -43.72 21.80 0.40
N ILE D 104 -42.50 22.30 0.26
CA ILE D 104 -42.20 23.77 0.23
C ILE D 104 -41.01 23.98 -0.69
N PRO D 105 -41.07 24.95 -1.61
CA PRO D 105 -39.98 25.24 -2.55
C PRO D 105 -38.82 26.01 -1.89
N HIS D 106 -38.16 25.42 -0.89
CA HIS D 106 -37.08 26.08 -0.12
C HIS D 106 -35.79 25.31 -0.31
N PRO D 107 -34.66 25.97 -0.65
CA PRO D 107 -33.42 25.27 -1.00
C PRO D 107 -32.73 24.59 0.19
N LYS D 108 -33.05 25.02 1.41
CA LYS D 108 -32.47 24.45 2.66
C LYS D 108 -33.10 23.08 2.94
N VAL D 109 -34.28 22.82 2.37
CA VAL D 109 -35.06 21.56 2.58
C VAL D 109 -34.73 20.60 1.43
N ILE D 110 -34.25 19.41 1.78
CA ILE D 110 -33.76 18.36 0.85
C ILE D 110 -34.61 17.10 1.05
N SER D 111 -35.25 16.63 -0.01
CA SER D 111 -35.97 15.34 -0.05
C SER D 111 -34.97 14.21 0.22
N PHE D 112 -35.37 13.20 0.97
CA PHE D 112 -34.69 11.88 0.95
C PHE D 112 -35.73 10.84 0.55
N PRO D 113 -35.32 9.78 -0.17
CA PRO D 113 -36.26 8.75 -0.60
C PRO D 113 -36.87 8.07 0.62
N LEU D 114 -38.18 7.83 0.61
CA LEU D 114 -38.89 7.06 1.67
C LEU D 114 -38.29 5.65 1.70
N GLY D 115 -37.99 5.09 0.52
CA GLY D 115 -37.36 3.77 0.37
C GLY D 115 -38.28 2.67 0.80
N ILE D 116 -37.74 1.65 1.47
CA ILE D 116 -38.47 0.38 1.78
C ILE D 116 -39.06 0.45 3.19
N THR D 117 -40.20 -0.22 3.38
CA THR D 117 -40.86 -0.48 4.69
C THR D 117 -39.78 -0.84 5.71
N ASN D 118 -39.94 -0.38 6.96
CA ASN D 118 -39.01 -0.67 8.09
C ASN D 118 -39.40 -2.04 8.68
N LYS D 119 -38.63 -3.09 8.42
CA LYS D 119 -38.86 -4.46 8.95
C LYS D 119 -38.79 -4.47 10.48
N ASP D 120 -38.09 -3.52 11.11
CA ASP D 120 -37.84 -3.51 12.57
C ASP D 120 -38.94 -2.75 13.31
N GLU D 121 -39.97 -2.24 12.62
CA GLU D 121 -41.17 -1.66 13.29
C GLU D 121 -41.66 -2.65 14.33
N PRO D 122 -41.63 -2.31 15.64
CA PRO D 122 -41.93 -3.28 16.70
C PRO D 122 -43.31 -3.93 16.61
N ASN D 123 -43.37 -5.26 16.82
CA ASN D 123 -44.60 -6.05 17.00
C ASN D 123 -45.54 -5.88 15.80
N SER D 124 -45.00 -5.68 14.60
CA SER D 124 -45.83 -5.55 13.38
C SER D 124 -45.43 -6.62 12.38
N GLU D 125 -46.33 -7.56 12.14
CA GLU D 125 -46.18 -8.68 11.18
C GLU D 125 -46.00 -8.12 9.76
N ILE D 126 -46.87 -7.19 9.34
CA ILE D 126 -46.90 -6.67 7.93
C ILE D 126 -45.57 -5.97 7.64
N HIS D 127 -45.02 -5.24 8.62
CA HIS D 127 -43.72 -4.53 8.50
C HIS D 127 -42.58 -5.54 8.30
N ARG D 128 -42.57 -6.63 9.07
CA ARG D 128 -41.50 -7.66 9.02
C ARG D 128 -41.51 -8.34 7.64
N ILE D 129 -42.69 -8.48 7.01
CA ILE D 129 -42.85 -9.13 5.68
C ILE D 129 -42.38 -8.17 4.58
N ILE D 130 -43.01 -6.99 4.48
CA ILE D 130 -42.83 -6.07 3.33
C ILE D 130 -41.46 -5.38 3.42
N GLY D 131 -40.90 -5.24 4.63
CA GLY D 131 -39.59 -4.61 4.89
C GLY D 131 -38.42 -5.57 4.69
N ASN D 132 -38.66 -6.77 4.18
CA ASN D 132 -37.61 -7.79 3.92
C ASN D 132 -36.89 -7.43 2.62
N THR D 133 -35.79 -6.69 2.73
CA THR D 133 -34.94 -6.23 1.60
C THR D 133 -34.11 -7.40 1.05
N ASP D 134 -33.92 -8.48 1.83
CA ASP D 134 -33.16 -9.68 1.42
C ASP D 134 -33.91 -10.34 0.25
N ARG D 135 -35.24 -10.40 0.31
CA ARG D 135 -36.09 -10.93 -0.78
C ARG D 135 -36.00 -10.02 -2.02
N ILE D 136 -35.89 -8.70 -1.83
CA ILE D 136 -35.72 -7.75 -2.97
C ILE D 136 -34.37 -8.02 -3.62
N LEU D 137 -33.31 -8.09 -2.81
CA LEU D 137 -31.93 -8.35 -3.32
C LEU D 137 -31.94 -9.61 -4.18
N GLU D 138 -32.48 -10.70 -3.63
CA GLU D 138 -32.53 -12.05 -4.26
C GLU D 138 -33.24 -11.98 -5.60
N VAL D 139 -34.42 -11.36 -5.65
CA VAL D 139 -35.22 -11.23 -6.92
C VAL D 139 -34.39 -10.43 -7.94
N SER D 140 -33.67 -9.39 -7.48
CA SER D 140 -32.85 -8.49 -8.33
C SER D 140 -31.69 -9.24 -8.98
N LYS D 141 -31.30 -10.39 -8.41
CA LYS D 141 -30.13 -11.21 -8.84
C LYS D 141 -30.58 -12.31 -9.81
N THR D 142 -31.89 -12.47 -10.02
CA THR D 142 -32.49 -13.46 -10.95
C THR D 142 -32.54 -12.83 -12.33
N PRO D 143 -32.72 -13.63 -13.42
CA PRO D 143 -32.87 -13.07 -14.76
C PRO D 143 -34.17 -12.26 -14.88
N LYS D 144 -34.06 -10.98 -15.28
CA LYS D 144 -35.24 -10.10 -15.50
C LYS D 144 -35.88 -10.47 -16.84
N GLU D 145 -36.96 -11.25 -16.80
CA GLU D 145 -37.73 -11.68 -17.99
C GLU D 145 -39.06 -10.92 -18.01
N ILE D 146 -39.22 -10.05 -19.01
CA ILE D 146 -40.39 -9.14 -19.17
C ILE D 146 -41.60 -9.96 -19.63
N LYS D 147 -42.66 -9.97 -18.81
CA LYS D 147 -43.92 -10.71 -19.06
C LYS D 147 -44.99 -9.74 -19.60
N ASN D 148 -44.93 -8.46 -19.24
CA ASN D 148 -45.88 -7.43 -19.73
C ASN D 148 -45.28 -6.04 -19.48
N LEU D 149 -45.93 -4.99 -19.99
CA LEU D 149 -45.37 -3.62 -20.08
C LEU D 149 -45.44 -2.92 -18.71
N VAL D 150 -46.62 -2.88 -18.08
CA VAL D 150 -46.82 -2.12 -16.81
C VAL D 150 -47.57 -2.99 -15.80
N TYR D 151 -47.20 -2.85 -14.52
CA TYR D 151 -47.78 -3.58 -13.37
C TYR D 151 -48.61 -2.60 -12.57
N ASN D 153 -50.88 -2.38 -9.03
CA ASN D 153 -51.23 -2.96 -7.75
C ASN D 153 -51.35 -1.81 -6.76
N ILE D 154 -52.49 -1.13 -6.75
CA ILE D 154 -52.69 0.10 -5.94
C ILE D 154 -54.04 0.04 -5.24
N THR D 155 -54.08 0.59 -4.04
CA THR D 155 -55.30 0.85 -3.22
C THR D 155 -55.80 2.25 -3.54
N VAL D 156 -56.95 2.36 -4.21
CA VAL D 156 -57.54 3.63 -4.72
C VAL D 156 -57.78 4.62 -3.57
N LYS D 157 -58.30 4.16 -2.44
CA LYS D 157 -58.80 5.03 -1.34
C LYS D 157 -57.65 5.78 -0.65
N ASN D 158 -56.39 5.34 -0.82
CA ASN D 158 -55.17 6.04 -0.31
C ASN D 158 -55.09 7.48 -0.86
N PHE D 159 -55.44 7.69 -2.15
CA PHE D 159 -55.55 9.03 -2.79
C PHE D 159 -56.41 8.91 -4.05
N PRO D 160 -57.76 8.92 -3.91
CA PRO D 160 -58.66 8.63 -5.03
C PRO D 160 -58.48 9.53 -6.26
N GLU D 161 -58.26 10.82 -6.02
CA GLU D 161 -58.20 11.89 -7.06
C GLU D 161 -57.26 11.47 -8.19
N GLU D 162 -56.14 10.82 -7.87
CA GLU D 162 -55.18 10.27 -8.86
C GLU D 162 -55.49 8.78 -9.11
N ARG D 163 -55.72 7.99 -8.06
CA ARG D 163 -55.66 6.51 -8.15
C ARG D 163 -56.92 5.97 -8.87
N GLN D 164 -58.07 6.61 -8.66
CA GLN D 164 -59.32 6.18 -9.34
C GLN D 164 -59.12 6.26 -10.86
N ARG D 165 -58.48 7.33 -11.34
CA ARG D 165 -58.21 7.56 -12.79
C ARG D 165 -57.40 6.38 -13.35
N ILE D 166 -56.29 6.04 -12.69
CA ILE D 166 -55.37 4.96 -13.18
C ILE D 166 -56.20 3.68 -13.35
N VAL D 167 -56.99 3.32 -12.34
CA VAL D 167 -57.80 2.07 -12.34
C VAL D 167 -58.90 2.18 -13.40
N ASP D 168 -59.61 3.31 -13.46
CA ASP D 168 -60.71 3.51 -14.43
C ASP D 168 -60.16 3.42 -15.87
N LEU D 169 -58.98 3.99 -16.15
CA LEU D 169 -58.46 4.12 -17.53
C LEU D 169 -57.76 2.83 -17.99
N TYR D 170 -56.98 2.18 -17.12
CA TYR D 170 -55.91 1.24 -17.55
C TYR D 170 -56.14 -0.21 -17.04
N SER D 171 -57.13 -0.45 -16.17
CA SER D 171 -57.42 -1.79 -15.56
C SER D 171 -57.62 -2.88 -16.62
N ASP D 172 -58.27 -2.56 -17.73
CA ASP D 172 -58.74 -3.58 -18.71
C ASP D 172 -57.80 -3.63 -19.93
N LYS D 173 -56.61 -3.03 -19.85
CA LYS D 173 -55.65 -3.00 -20.99
C LYS D 173 -54.83 -4.30 -20.98
N SER D 174 -54.57 -4.86 -22.16
CA SER D 174 -53.77 -6.09 -22.37
C SER D 174 -52.32 -5.88 -21.88
N TRP D 175 -51.79 -4.66 -22.01
CA TRP D 175 -50.38 -4.31 -21.65
C TRP D 175 -50.27 -3.95 -20.16
N VAL D 176 -51.34 -4.18 -19.38
CA VAL D 176 -51.38 -4.00 -17.90
C VAL D 176 -51.59 -5.36 -17.24
N THR D 177 -50.79 -5.68 -16.21
CA THR D 177 -51.01 -6.80 -15.26
C THR D 177 -51.58 -6.23 -13.96
N ILE D 178 -52.70 -6.77 -13.49
CA ILE D 178 -53.25 -6.43 -12.15
C ILE D 178 -52.69 -7.43 -11.13
N GLY D 179 -52.02 -6.92 -10.10
CA GLY D 179 -51.55 -7.70 -8.93
C GLY D 179 -52.58 -7.63 -7.82
N LYS D 180 -52.91 -8.78 -7.22
CA LYS D 180 -53.86 -8.91 -6.10
C LYS D 180 -53.10 -9.54 -4.93
N GLY D 181 -52.37 -8.70 -4.18
CA GLY D 181 -51.39 -9.13 -3.16
C GLY D 181 -52.01 -9.98 -2.06
N GLU D 182 -51.28 -11.02 -1.63
CA GLU D 182 -51.47 -11.71 -0.32
C GLU D 182 -50.45 -11.15 0.67
N VAL D 183 -50.88 -10.75 1.87
CA VAL D 183 -49.95 -10.25 2.93
C VAL D 183 -49.32 -11.46 3.64
N SER D 184 -48.32 -12.06 2.99
CA SER D 184 -47.53 -13.22 3.49
C SER D 184 -46.11 -13.12 2.92
N GLU D 185 -45.19 -13.96 3.41
CA GLU D 185 -43.80 -14.01 2.89
C GLU D 185 -43.83 -14.48 1.44
N GLU D 186 -44.72 -15.43 1.11
CA GLU D 186 -44.86 -15.99 -0.26
C GLU D 186 -45.50 -14.94 -1.17
N GLY D 187 -46.57 -14.29 -0.70
CA GLY D 187 -47.24 -13.18 -1.41
C GLY D 187 -46.25 -12.08 -1.75
N HIS D 188 -45.41 -11.69 -0.78
CA HIS D 188 -44.39 -10.62 -0.92
C HIS D 188 -43.37 -11.03 -1.99
N ARG D 189 -42.97 -12.30 -2.02
CA ARG D 189 -42.06 -12.88 -3.04
C ARG D 189 -42.72 -12.78 -4.42
N LYS D 190 -43.96 -13.24 -4.54
CA LYS D 190 -44.73 -13.27 -5.81
C LYS D 190 -44.89 -11.83 -6.32
N PHE D 191 -45.28 -10.91 -5.43
CA PHE D 191 -45.39 -9.45 -5.67
C PHE D 191 -44.10 -8.92 -6.31
N LEU D 192 -42.97 -9.21 -5.67
CA LEU D 192 -41.64 -8.69 -6.10
C LEU D 192 -41.31 -9.29 -7.48
N GLU D 193 -41.59 -10.58 -7.68
CA GLU D 193 -41.30 -11.31 -8.94
C GLU D 193 -42.15 -10.73 -10.07
N ASP D 194 -43.44 -10.48 -9.80
CA ASP D 194 -44.38 -9.81 -10.73
C ASP D 194 -43.81 -8.45 -11.14
N TYR D 196 -40.87 -7.25 -10.93
CA TYR D 196 -39.61 -7.45 -11.64
C TYR D 196 -39.84 -7.82 -13.11
N ALA D 197 -40.91 -8.55 -13.43
CA ALA D 197 -41.21 -9.02 -14.80
C ALA D 197 -41.93 -7.94 -15.62
N HIS D 198 -41.88 -6.66 -15.19
CA HIS D 198 -42.47 -5.53 -15.96
C HIS D 198 -41.43 -4.44 -16.21
N LYS D 199 -41.63 -3.70 -17.30
CA LYS D 199 -40.78 -2.54 -17.68
C LYS D 199 -41.17 -1.35 -16.81
N PHE D 200 -42.46 -1.19 -16.53
CA PHE D 200 -43.00 -0.08 -15.71
C PHE D 200 -43.89 -0.60 -14.58
N CYS D 201 -44.10 0.26 -13.61
CA CYS D 201 -44.97 0.07 -12.42
C CYS D 201 -45.70 1.39 -12.15
N PHE D 202 -47.03 1.38 -12.07
CA PHE D 202 -47.82 2.53 -11.57
C PHE D 202 -47.42 2.80 -10.12
N ALA D 203 -46.89 3.99 -9.84
CA ALA D 203 -46.45 4.38 -8.48
C ALA D 203 -47.05 5.73 -8.12
N PRO D 204 -48.40 5.87 -8.14
CA PRO D 204 -49.04 7.15 -7.83
C PRO D 204 -48.85 7.50 -6.34
N ARG D 205 -48.83 8.79 -6.01
CA ARG D 205 -48.81 9.26 -4.59
C ARG D 205 -49.93 8.56 -3.82
N GLY D 206 -49.76 8.43 -2.50
CA GLY D 206 -50.80 7.90 -1.58
C GLY D 206 -51.24 8.97 -0.59
N ASN D 207 -51.59 8.56 0.62
CA ASN D 207 -52.00 9.49 1.72
C ASN D 207 -50.87 10.51 1.90
N GLY D 208 -49.63 10.04 2.03
CA GLY D 208 -48.40 10.85 1.85
C GLY D 208 -47.98 10.86 0.40
N ILE D 209 -47.22 11.88 -0.01
CA ILE D 209 -46.83 12.10 -1.44
C ILE D 209 -45.89 10.99 -1.90
N ASP D 210 -44.82 10.74 -1.13
CA ASP D 210 -43.83 9.67 -1.41
C ASP D 210 -44.43 8.30 -1.00
N THR D 211 -44.16 7.25 -1.79
CA THR D 211 -44.66 5.88 -1.57
C THR D 211 -43.52 4.86 -1.68
N HIS D 212 -43.66 3.73 -1.00
CA HIS D 212 -42.72 2.58 -1.03
C HIS D 212 -42.60 2.02 -2.44
N ARG D 213 -43.70 2.03 -3.20
CA ARG D 213 -43.79 1.38 -4.54
C ARG D 213 -42.77 2.01 -5.50
N LEU D 214 -42.59 3.33 -5.43
CA LEU D 214 -41.60 4.07 -6.27
C LEU D 214 -40.23 3.43 -6.09
N TRP D 215 -39.81 3.20 -4.83
CA TRP D 215 -38.45 2.74 -4.46
C TRP D 215 -38.34 1.22 -4.68
N GLU D 216 -39.36 0.44 -4.33
CA GLU D 216 -39.44 -1.02 -4.64
C GLU D 216 -39.23 -1.23 -6.14
N SER D 217 -39.89 -0.42 -6.97
CA SER D 217 -39.80 -0.45 -8.45
C SER D 217 -38.33 -0.26 -8.88
N LEU D 218 -37.71 0.84 -8.45
CA LEU D 218 -36.35 1.28 -8.89
C LEU D 218 -35.29 0.25 -8.46
N TYR D 219 -35.46 -0.38 -7.30
CA TYR D 219 -34.54 -1.44 -6.79
C TYR D 219 -34.61 -2.67 -7.70
N LEU D 220 -35.77 -2.89 -8.32
CA LEU D 220 -36.01 -4.05 -9.23
C LEU D 220 -35.78 -3.63 -10.70
N ARG D 221 -35.24 -2.43 -10.93
CA ARG D 221 -34.89 -1.88 -12.26
C ARG D 221 -36.14 -1.80 -13.14
N THR D 222 -37.31 -1.67 -12.50
CA THR D 222 -38.62 -1.36 -13.12
C THR D 222 -38.84 0.16 -13.00
N ILE D 223 -39.29 0.81 -14.07
CA ILE D 223 -39.50 2.29 -14.08
C ILE D 223 -40.83 2.60 -13.40
N PRO D 224 -40.82 3.33 -12.26
CA PRO D 224 -42.07 3.77 -11.64
C PRO D 224 -42.64 4.96 -12.43
N ILE D 225 -43.97 5.03 -12.55
CA ILE D 225 -44.70 6.18 -13.15
C ILE D 225 -45.32 6.96 -12.00
N VAL D 226 -45.07 8.27 -11.95
CA VAL D 226 -45.35 9.19 -10.79
C VAL D 226 -45.75 10.55 -11.35
N LYS D 227 -46.81 11.14 -10.81
CA LYS D 227 -47.24 12.52 -11.18
C LYS D 227 -46.19 13.50 -10.62
N LYS D 228 -45.85 14.53 -11.41
CA LYS D 228 -44.90 15.61 -11.02
C LYS D 228 -45.40 16.26 -9.74
N HIS D 229 -44.49 16.61 -8.84
CA HIS D 229 -44.80 17.20 -7.53
C HIS D 229 -43.51 17.77 -6.93
N ILE D 230 -43.60 18.86 -6.17
CA ILE D 230 -42.42 19.53 -5.54
C ILE D 230 -41.68 18.50 -4.68
N ALA D 231 -42.39 17.56 -4.05
CA ALA D 231 -41.80 16.45 -3.26
C ALA D 231 -40.91 15.55 -4.13
N GLU D 233 -39.28 16.65 -7.09
CA GLU D 233 -38.54 17.43 -8.07
C GLU D 233 -37.03 17.23 -7.90
N GLN D 234 -36.54 16.87 -6.72
CA GLN D 234 -35.10 16.61 -6.47
C GLN D 234 -34.74 15.17 -6.89
N PHE D 235 -35.68 14.40 -7.45
CA PHE D 235 -35.42 13.01 -7.91
C PHE D 235 -35.52 12.89 -9.44
N THR D 236 -35.45 14.00 -10.18
CA THR D 236 -35.52 14.00 -11.67
C THR D 236 -34.21 13.46 -12.26
N ASP D 237 -33.19 13.19 -11.44
CA ASP D 237 -31.92 12.53 -11.87
C ASP D 237 -31.98 11.04 -11.51
N LEU D 238 -33.18 10.52 -11.20
CA LEU D 238 -33.44 9.06 -11.09
C LEU D 238 -34.37 8.65 -12.22
N PRO D 239 -34.30 7.39 -12.70
CA PRO D 239 -35.08 6.94 -13.85
C PRO D 239 -36.56 6.68 -13.48
N ILE D 240 -37.29 7.78 -13.24
CA ILE D 240 -38.73 7.80 -12.89
C ILE D 240 -39.48 8.42 -14.06
N LEU D 241 -40.55 7.79 -14.54
CA LEU D 241 -41.43 8.42 -15.56
C LEU D 241 -42.36 9.40 -14.84
N PHE D 242 -42.07 10.69 -14.94
CA PHE D 242 -42.84 11.80 -14.33
C PHE D 242 -43.89 12.28 -15.34
N VAL D 243 -45.16 12.26 -14.94
CA VAL D 243 -46.31 12.60 -15.82
C VAL D 243 -46.98 13.88 -15.31
N ASN D 244 -47.49 14.70 -16.23
CA ASN D 244 -48.25 15.95 -15.94
C ASN D 244 -49.61 15.57 -15.36
N ASP D 245 -50.22 14.51 -15.89
CA ASP D 245 -51.51 13.93 -15.45
C ASP D 245 -51.50 12.42 -15.75
N TRP D 246 -52.64 11.75 -15.54
CA TRP D 246 -52.78 10.27 -15.62
C TRP D 246 -53.51 9.85 -16.89
N GLU D 247 -53.74 10.78 -17.84
CA GLU D 247 -54.57 10.59 -19.05
C GLU D 247 -53.69 10.39 -20.29
N ASN D 248 -54.11 9.48 -21.19
CA ASN D 248 -53.55 9.24 -22.54
C ASN D 248 -52.20 8.51 -22.43
N ILE D 249 -52.01 7.68 -21.41
CA ILE D 249 -50.91 6.67 -21.40
C ILE D 249 -51.31 5.58 -22.41
N THR D 250 -50.48 5.37 -23.42
CA THR D 250 -50.69 4.32 -24.46
C THR D 250 -49.47 3.41 -24.49
N GLU D 251 -49.63 2.25 -25.14
CA GLU D 251 -48.55 1.26 -25.39
C GLU D 251 -47.40 2.01 -26.06
N GLU D 252 -47.72 2.86 -27.03
CA GLU D 252 -46.73 3.60 -27.86
C GLU D 252 -45.99 4.60 -26.97
N TYR D 253 -46.72 5.39 -26.18
CA TYR D 253 -46.10 6.40 -25.27
C TYR D 253 -45.02 5.70 -24.43
N LEU D 254 -45.42 4.63 -23.72
CA LEU D 254 -44.56 3.90 -22.74
C LEU D 254 -43.37 3.26 -23.47
N ASN D 255 -43.59 2.60 -24.60
CA ASN D 255 -42.52 1.93 -25.38
C ASN D 255 -41.42 2.94 -25.70
N GLU D 256 -41.78 4.14 -26.16
CA GLU D 256 -40.81 5.23 -26.46
C GLU D 256 -40.13 5.68 -25.16
N GLN D 257 -40.89 5.85 -24.06
CA GLN D 257 -40.31 6.33 -22.77
C GLN D 257 -39.31 5.31 -22.24
N TYR D 258 -39.56 4.00 -22.46
CA TYR D 258 -38.67 2.90 -22.04
C TYR D 258 -37.31 3.07 -22.74
N ASP D 259 -37.33 3.17 -24.08
CA ASP D 259 -36.10 3.37 -24.89
C ASP D 259 -35.34 4.61 -24.41
N ILE D 260 -36.03 5.73 -24.20
CA ILE D 260 -35.38 7.02 -23.79
C ILE D 260 -34.72 6.83 -22.43
N ILE D 261 -35.45 6.27 -21.45
CA ILE D 261 -34.98 6.22 -20.02
C ILE D 261 -33.85 5.21 -19.89
N ALA D 263 -31.66 4.43 -22.11
CA ALA D 263 -30.45 4.92 -22.78
C ALA D 263 -29.80 6.08 -22.02
N LYS D 264 -30.43 6.63 -20.97
CA LYS D 264 -29.85 7.80 -20.26
C LYS D 264 -28.97 7.35 -19.09
N ASP D 265 -28.08 8.23 -18.65
CA ASP D 265 -27.31 8.12 -17.37
C ASP D 265 -28.13 8.75 -16.23
N TRP D 266 -28.16 8.08 -15.07
CA TRP D 266 -28.91 8.51 -13.87
C TRP D 266 -27.96 8.55 -12.66
N ASN D 267 -28.28 9.40 -11.68
CA ASN D 267 -27.55 9.50 -10.38
C ASN D 267 -28.04 8.37 -9.47
N LEU D 268 -27.75 7.12 -9.83
CA LEU D 268 -28.22 5.89 -9.14
C LEU D 268 -27.59 5.75 -7.74
N ASP D 269 -26.52 6.49 -7.45
CA ASP D 269 -25.90 6.53 -6.10
C ASP D 269 -26.95 7.00 -5.07
N LYS D 270 -27.98 7.74 -5.49
CA LYS D 270 -29.03 8.28 -4.58
C LYS D 270 -29.93 7.16 -4.03
N LEU D 271 -29.90 5.96 -4.64
CA LEU D 271 -30.64 4.77 -4.16
C LEU D 271 -29.87 4.04 -3.04
N LYS D 272 -28.60 4.39 -2.81
CA LYS D 272 -27.74 3.71 -1.80
C LYS D 272 -27.77 4.55 -0.51
N ILE D 273 -27.97 3.92 0.65
CA ILE D 273 -28.13 4.61 1.96
C ILE D 273 -26.86 5.42 2.27
N ASP D 274 -25.69 4.89 1.87
CA ASP D 274 -24.37 5.54 2.10
C ASP D 274 -24.40 6.98 1.59
N TYR D 275 -25.02 7.23 0.44
CA TYR D 275 -25.14 8.60 -0.14
C TYR D 275 -25.75 9.53 0.91
N TRP D 276 -26.76 9.06 1.64
CA TRP D 276 -27.56 9.88 2.58
C TRP D 276 -26.85 10.01 3.93
N TYR D 277 -26.21 8.94 4.42
CA TYR D 277 -25.26 9.01 5.56
C TYR D 277 -24.25 10.15 5.32
N GLN D 278 -23.63 10.15 4.15
CA GLN D 278 -22.53 11.09 3.78
C GLN D 278 -23.09 12.51 3.71
N LYS D 279 -24.23 12.71 3.06
CA LYS D 279 -24.88 14.04 2.93
C LYS D 279 -25.17 14.62 4.31
N ILE D 280 -25.70 13.79 5.23
CA ILE D 280 -26.06 14.23 6.61
C ILE D 280 -24.77 14.64 7.34
N LEU D 281 -23.72 13.83 7.22
CA LEU D 281 -22.38 14.09 7.81
C LEU D 281 -21.84 15.41 7.26
N GLU D 282 -21.89 15.59 5.93
CA GLU D 282 -21.35 16.81 5.26
C GLU D 282 -21.93 18.07 5.93
N TYR D 283 -23.26 18.15 6.08
CA TYR D 283 -23.96 19.37 6.53
C TYR D 283 -23.87 19.51 8.06
N SER D 284 -23.29 18.53 8.75
CA SER D 284 -23.10 18.49 10.23
C SER D 284 -21.74 19.08 10.62
N GLN D 285 -20.74 18.98 9.73
CA GLN D 285 -19.32 19.30 10.01
C GLN D 285 -18.89 20.52 9.18
N GLY E 4 19.68 9.58 -12.07
CA GLY E 4 20.32 9.37 -10.73
C GLY E 4 20.69 7.92 -10.51
N SER E 5 21.30 7.59 -9.37
CA SER E 5 21.66 6.20 -9.00
C SER E 5 20.37 5.41 -8.86
N LYS E 7 18.10 1.36 -9.54
CA LYS E 7 18.09 -0.09 -9.57
C LYS E 7 17.89 -0.54 -11.02
N LEU E 8 18.49 -1.68 -11.41
CA LEU E 8 18.53 -2.16 -12.82
C LEU E 8 17.10 -2.31 -13.35
N ALA E 9 16.17 -2.79 -12.53
CA ALA E 9 14.76 -3.03 -12.90
C ALA E 9 14.09 -1.71 -13.30
N GLU E 10 14.55 -0.58 -12.75
CA GLU E 10 13.99 0.78 -13.00
C GLU E 10 14.60 1.42 -14.25
N LEU E 11 15.49 0.72 -14.97
CA LEU E 11 16.13 1.27 -16.20
C LEU E 11 15.04 1.54 -17.25
N THR E 12 15.04 2.75 -17.82
CA THR E 12 14.15 3.17 -18.93
C THR E 12 15.00 3.79 -20.04
N LEU E 13 14.74 3.39 -21.28
CA LEU E 13 15.55 3.76 -22.48
C LEU E 13 14.69 4.52 -23.49
N GLU E 14 15.33 5.43 -24.23
CA GLU E 14 14.82 6.05 -25.48
C GLU E 14 15.66 5.53 -26.65
N SER E 15 15.18 5.70 -27.89
CA SER E 15 15.80 5.12 -29.12
C SER E 15 17.23 5.64 -29.31
N ASP E 16 17.55 6.80 -28.74
CA ASP E 16 18.84 7.53 -28.93
C ASP E 16 19.85 7.18 -27.83
N ASP E 17 19.44 6.45 -26.78
CA ASP E 17 20.27 6.22 -25.57
C ASP E 17 21.44 5.28 -25.89
N PHE E 18 21.27 4.38 -26.86
CA PHE E 18 22.15 3.21 -27.07
C PHE E 18 23.58 3.66 -27.41
N ILE E 19 24.57 3.05 -26.76
CA ILE E 19 26.01 3.27 -27.08
C ILE E 19 26.39 2.39 -28.28
N THR E 20 27.06 3.00 -29.26
CA THR E 20 27.79 2.35 -30.38
C THR E 20 29.04 3.19 -30.65
N SER E 21 30.12 2.60 -31.16
CA SER E 21 31.38 3.33 -31.42
C SER E 21 31.18 4.31 -32.59
N ASP E 22 30.23 4.04 -33.50
CA ASP E 22 29.88 4.94 -34.63
C ASP E 22 29.39 6.28 -34.09
N LYS E 23 28.44 6.26 -33.16
CA LYS E 23 27.89 7.47 -32.49
C LYS E 23 29.06 8.30 -31.94
N LEU E 24 30.07 7.63 -31.39
CA LEU E 24 31.27 8.27 -30.79
C LEU E 24 32.20 8.81 -31.88
N PHE E 25 32.46 8.02 -32.93
CA PHE E 25 33.27 8.43 -34.11
C PHE E 25 32.59 9.64 -34.78
N ASN E 26 31.28 9.52 -35.04
CA ASN E 26 30.44 10.58 -35.65
C ASN E 26 30.52 11.85 -34.79
N PHE E 27 30.47 11.73 -33.46
CA PHE E 27 30.52 12.87 -32.51
C PHE E 27 31.85 13.62 -32.67
N CYS E 28 32.96 12.87 -32.75
CA CYS E 28 34.34 13.42 -32.69
C CYS E 28 34.69 14.19 -33.97
N LYS E 29 34.13 13.82 -35.12
CA LYS E 29 34.51 14.42 -36.43
C LYS E 29 34.01 15.87 -36.50
N SER E 30 33.11 16.28 -35.59
CA SER E 30 32.83 17.71 -35.26
C SER E 30 34.02 18.25 -34.43
N THR E 31 34.98 18.89 -35.09
CA THR E 31 36.33 19.18 -34.57
C THR E 31 36.28 20.23 -33.45
N ILE E 32 35.19 20.98 -33.31
CA ILE E 32 34.98 21.94 -32.19
C ILE E 32 35.31 21.23 -30.87
N PHE E 33 34.91 19.97 -30.74
CA PHE E 33 34.93 19.20 -29.46
C PHE E 33 36.35 18.73 -29.13
N GLY E 34 37.33 19.00 -30.00
CA GLY E 34 38.76 18.77 -29.75
C GLY E 34 39.03 17.31 -29.43
N ALA E 35 38.40 16.40 -30.18
CA ALA E 35 38.49 14.93 -30.03
C ALA E 35 38.86 14.31 -31.37
N LYS E 36 40.00 13.62 -31.44
CA LYS E 36 40.45 12.85 -32.64
C LYS E 36 40.17 11.38 -32.39
N TYR E 37 39.40 10.75 -33.28
CA TYR E 37 39.06 9.31 -33.26
C TYR E 37 39.95 8.57 -34.27
N VAL E 38 40.72 7.60 -33.78
CA VAL E 38 41.64 6.73 -34.58
C VAL E 38 41.20 5.27 -34.38
N LYS E 39 41.08 4.51 -35.47
CA LYS E 39 40.87 3.04 -35.44
C LYS E 39 42.15 2.42 -34.87
N THR E 40 42.03 1.51 -33.90
CA THR E 40 43.16 1.06 -33.03
C THR E 40 44.29 0.48 -33.88
N ASP E 41 43.96 -0.16 -35.01
CA ASP E 41 44.94 -0.78 -35.96
C ASP E 41 46.10 0.19 -36.23
N PHE E 42 45.78 1.45 -36.52
CA PHE E 42 46.78 2.48 -36.93
C PHE E 42 47.64 2.91 -35.73
N ILE E 43 47.19 2.63 -34.50
CA ILE E 43 48.00 2.83 -33.27
C ILE E 43 48.94 1.63 -33.11
N LYS E 44 48.41 0.40 -33.20
CA LYS E 44 49.18 -0.84 -32.96
C LYS E 44 50.27 -0.99 -34.04
N PHE E 45 49.97 -0.63 -35.29
CA PHE E 45 50.90 -0.77 -36.44
C PHE E 45 51.41 0.60 -36.91
N ARG E 46 51.69 1.50 -35.95
CA ARG E 46 52.27 2.85 -36.23
C ARG E 46 53.73 2.70 -36.68
N GLN E 47 54.16 3.52 -37.65
CA GLN E 47 55.53 3.51 -38.23
C GLN E 47 56.31 4.74 -37.73
N TYR E 48 55.65 5.64 -37.00
CA TYR E 48 56.23 6.78 -36.26
C TYR E 48 55.73 6.70 -34.82
N GLN E 49 56.57 7.06 -33.85
CA GLN E 49 56.25 6.99 -32.41
C GLN E 49 55.03 7.85 -32.08
N TYR E 50 54.95 9.08 -32.61
CA TYR E 50 53.96 10.10 -32.22
C TYR E 50 53.22 10.66 -33.46
N ILE E 51 53.22 9.92 -34.57
CA ILE E 51 52.53 10.32 -35.84
C ILE E 51 51.76 9.11 -36.36
N VAL E 52 50.44 9.26 -36.52
CA VAL E 52 49.50 8.21 -36.99
C VAL E 52 48.45 8.85 -37.91
N SER E 53 47.72 8.01 -38.65
CA SER E 53 46.64 8.43 -39.58
C SER E 53 45.64 7.29 -39.71
N ASN E 54 44.38 7.61 -40.01
CA ASN E 54 43.33 6.59 -40.27
C ASN E 54 43.53 6.01 -41.67
N CYS E 55 44.47 6.58 -42.45
CA CYS E 55 44.96 6.04 -43.74
C CYS E 55 43.77 5.67 -44.64
N GLY E 56 42.74 6.52 -44.72
CA GLY E 56 41.57 6.34 -45.59
C GLY E 56 40.39 5.67 -44.91
N TRP E 57 40.60 4.99 -43.77
CA TRP E 57 39.49 4.43 -42.97
C TRP E 57 38.41 5.51 -42.79
N ARG E 58 37.16 5.19 -43.13
CA ARG E 58 36.00 6.12 -43.03
C ARG E 58 36.28 7.38 -43.85
N ASP E 59 37.12 7.27 -44.88
CA ASP E 59 37.54 8.37 -45.78
C ASP E 59 38.44 9.38 -45.03
N ASP E 60 38.96 9.02 -43.84
CA ASP E 60 39.83 9.94 -43.06
C ASP E 60 41.30 9.67 -43.42
N THR E 61 41.92 10.58 -44.19
CA THR E 61 43.35 10.53 -44.58
C THR E 61 44.14 11.64 -43.87
N ASP E 62 43.55 12.27 -42.84
N ASP E 62 43.55 12.27 -42.84
CA ASP E 62 44.21 13.33 -42.04
CA ASP E 62 44.18 13.31 -42.00
C ASP E 62 45.35 12.68 -41.23
C ASP E 62 45.35 12.67 -41.24
N VAL E 63 46.53 13.29 -41.26
CA VAL E 63 47.71 12.83 -40.46
C VAL E 63 47.59 13.46 -39.07
N VAL E 64 47.79 12.64 -38.04
CA VAL E 64 47.50 12.98 -36.61
C VAL E 64 48.84 13.15 -35.87
N PHE E 65 49.06 14.32 -35.28
CA PHE E 65 50.27 14.65 -34.50
C PHE E 65 49.91 14.58 -33.02
N LEU E 66 50.08 13.38 -32.46
CA LEU E 66 49.65 13.02 -31.07
C LEU E 66 50.37 13.94 -30.07
N GLU E 67 51.37 14.70 -30.54
CA GLU E 67 52.04 15.79 -29.78
C GLU E 67 51.11 17.01 -29.66
N ASN E 68 50.07 17.13 -30.49
CA ASN E 68 49.19 18.34 -30.55
C ASN E 68 47.73 18.00 -30.19
N THR E 69 47.37 16.71 -30.08
CA THR E 69 45.97 16.26 -29.86
C THR E 69 45.69 16.25 -28.35
N PRO E 70 44.65 16.98 -27.87
CA PRO E 70 44.32 17.01 -26.45
C PRO E 70 43.55 15.77 -25.95
N VAL E 71 42.64 15.24 -26.78
CA VAL E 71 41.79 14.05 -26.46
C VAL E 71 41.86 13.06 -27.61
N LEU E 72 42.48 11.90 -27.37
CA LEU E 72 42.52 10.73 -28.30
C LEU E 72 41.36 9.78 -27.95
N VAL E 73 40.64 9.31 -28.98
CA VAL E 73 39.56 8.28 -28.88
C VAL E 73 39.91 7.14 -29.85
N THR E 74 39.85 5.89 -29.39
CA THR E 74 40.18 4.69 -30.21
C THR E 74 39.14 3.59 -30.00
N GLY E 75 38.90 2.81 -31.05
CA GLY E 75 37.90 1.72 -31.08
C GLY E 75 37.76 1.15 -32.48
N HIS E 76 36.60 0.55 -32.77
CA HIS E 76 36.33 -0.20 -34.03
C HIS E 76 37.41 -1.27 -34.24
N SER E 77 37.93 -1.87 -33.17
CA SER E 77 38.99 -2.91 -33.24
C SER E 77 39.00 -3.77 -31.97
N ASP E 78 39.27 -5.06 -32.12
CA ASP E 78 39.40 -6.05 -31.02
C ASP E 78 40.76 -5.90 -30.33
N TYR E 79 41.63 -5.02 -30.84
CA TYR E 79 42.96 -4.73 -30.24
C TYR E 79 42.75 -3.95 -28.94
N ASP E 80 43.75 -4.01 -28.04
CA ASP E 80 43.71 -3.32 -26.73
C ASP E 80 44.69 -2.15 -26.74
N ILE E 81 44.62 -1.30 -25.72
CA ILE E 81 45.64 -0.28 -25.37
C ILE E 81 46.42 -0.81 -24.17
N SER E 82 47.71 -1.12 -24.36
CA SER E 82 48.57 -1.80 -23.38
C SER E 82 49.90 -1.04 -23.19
N GLU E 83 50.91 -1.72 -22.63
CA GLU E 83 52.24 -1.15 -22.29
C GLU E 83 52.98 -0.73 -23.57
N ARG E 84 52.66 -1.36 -24.71
CA ARG E 84 53.24 -1.02 -26.05
C ARG E 84 52.94 0.45 -26.42
N GLU E 85 51.93 1.06 -25.81
CA GLU E 85 51.45 2.43 -26.12
C GLU E 85 51.84 3.41 -24.99
N ILE E 86 52.62 2.97 -24.00
CA ILE E 86 52.94 3.79 -22.78
C ILE E 86 53.58 5.12 -23.22
N ASP E 87 54.41 5.11 -24.28
CA ASP E 87 55.10 6.31 -24.82
C ASP E 87 54.07 7.37 -25.25
N ILE E 88 53.01 6.97 -25.97
CA ILE E 88 51.91 7.87 -26.42
C ILE E 88 51.17 8.41 -25.19
N ILE E 89 50.92 7.54 -24.20
CA ILE E 89 50.12 7.88 -22.99
C ILE E 89 50.87 8.98 -22.22
N ARG E 90 52.21 8.87 -22.13
CA ARG E 90 53.09 9.77 -21.34
C ARG E 90 53.22 11.16 -21.98
N LEU E 91 52.74 11.36 -23.23
CA LEU E 91 52.74 12.69 -23.88
C LEU E 91 52.00 13.69 -23.00
N PRO E 92 52.66 14.77 -22.50
CA PRO E 92 52.06 15.68 -21.52
C PRO E 92 50.80 16.41 -22.03
N ASN E 93 50.71 16.61 -23.34
CA ASN E 93 49.64 17.38 -24.04
C ASN E 93 48.35 16.55 -24.17
N ILE E 94 48.44 15.21 -24.17
CA ILE E 94 47.24 14.31 -24.25
C ILE E 94 46.58 14.32 -22.88
N ARG E 95 45.40 14.93 -22.78
CA ARG E 95 44.67 15.15 -21.50
C ARG E 95 43.94 13.86 -21.10
N ALA E 96 43.42 13.13 -22.09
CA ALA E 96 42.67 11.86 -21.90
C ALA E 96 42.75 10.99 -23.16
N TRP E 97 42.80 9.66 -22.96
CA TRP E 97 42.66 8.63 -24.02
C TRP E 97 41.44 7.77 -23.71
N PHE E 98 40.32 8.05 -24.38
CA PHE E 98 39.09 7.20 -24.38
C PHE E 98 39.34 6.05 -25.38
N CYS E 99 39.15 4.81 -24.93
CA CYS E 99 39.47 3.60 -25.71
C CYS E 99 38.50 2.47 -25.35
N GLN E 100 38.18 1.61 -26.32
CA GLN E 100 37.64 0.26 -26.00
C GLN E 100 38.84 -0.63 -25.71
N ASN E 101 38.67 -1.61 -24.82
CA ASN E 101 39.68 -2.64 -24.48
C ASN E 101 40.87 -2.00 -23.77
N ARG E 102 40.63 -1.20 -22.71
CA ARG E 102 41.69 -0.65 -21.84
C ARG E 102 42.46 -1.80 -21.20
N ASN E 103 43.78 -1.93 -21.44
CA ASN E 103 44.61 -3.05 -20.93
C ASN E 103 45.90 -2.51 -20.32
N ILE E 104 45.81 -1.44 -19.55
CA ILE E 104 46.97 -0.80 -18.87
C ILE E 104 46.44 0.02 -17.70
N PRO E 105 46.96 -0.20 -16.47
CA PRO E 105 46.46 0.51 -15.29
C PRO E 105 47.00 1.95 -15.19
N HIS E 106 46.56 2.83 -16.10
CA HIS E 106 47.03 4.24 -16.19
C HIS E 106 45.82 5.16 -16.17
N PRO E 107 45.79 6.18 -15.27
CA PRO E 107 44.58 6.97 -15.04
C PRO E 107 44.12 7.80 -16.25
N LYS E 108 45.04 8.14 -17.16
CA LYS E 108 44.77 8.99 -18.35
C LYS E 108 43.89 8.21 -19.35
N VAL E 109 43.97 6.87 -19.34
CA VAL E 109 43.22 5.98 -20.27
C VAL E 109 41.86 5.67 -19.65
N ILE E 110 40.78 6.10 -20.32
CA ILE E 110 39.36 5.91 -19.86
C ILE E 110 38.69 4.90 -20.79
N SER E 111 38.26 3.77 -20.21
CA SER E 111 37.40 2.76 -20.87
C SER E 111 36.10 3.43 -21.30
N PHE E 112 35.60 3.12 -22.50
CA PHE E 112 34.20 3.42 -22.88
C PHE E 112 33.58 2.12 -23.37
N PRO E 113 32.30 1.87 -22.99
CA PRO E 113 31.60 0.64 -23.36
C PRO E 113 31.63 0.38 -24.86
N LEU E 114 31.93 -0.86 -25.27
CA LEU E 114 31.82 -1.27 -26.69
C LEU E 114 30.38 -0.97 -27.15
N GLY E 115 29.40 -1.33 -26.32
CA GLY E 115 27.96 -1.12 -26.58
C GLY E 115 27.45 -2.05 -27.68
N ILE E 116 26.48 -1.59 -28.46
CA ILE E 116 25.80 -2.39 -29.51
C ILE E 116 26.58 -2.32 -30.82
N THR E 117 26.40 -3.35 -31.66
CA THR E 117 26.89 -3.44 -33.07
C THR E 117 26.53 -2.16 -33.83
N ASN E 118 27.48 -1.66 -34.63
CA ASN E 118 27.32 -0.47 -35.52
C ASN E 118 26.51 -0.86 -36.77
N LYS E 119 25.21 -0.55 -36.77
CA LYS E 119 24.24 -0.98 -37.82
C LYS E 119 24.58 -0.38 -39.20
N ASP E 120 25.28 0.77 -39.24
CA ASP E 120 25.53 1.54 -40.50
C ASP E 120 26.87 1.15 -41.13
N GLU E 121 27.54 0.10 -40.65
CA GLU E 121 28.74 -0.46 -41.34
C GLU E 121 28.33 -0.74 -42.78
N PRO E 122 28.99 -0.09 -43.78
CA PRO E 122 28.43 0.08 -45.13
C PRO E 122 27.71 -1.09 -45.80
N ASN E 123 28.40 -2.23 -46.03
CA ASN E 123 27.93 -3.31 -46.94
C ASN E 123 27.60 -4.57 -46.15
N SER E 124 27.59 -4.49 -44.81
CA SER E 124 27.44 -5.65 -43.90
C SER E 124 25.96 -5.83 -43.54
N GLU E 125 25.32 -6.86 -44.12
CA GLU E 125 23.92 -7.26 -43.79
C GLU E 125 23.85 -7.64 -42.30
N ILE E 126 24.88 -8.34 -41.81
CA ILE E 126 25.02 -8.77 -40.38
C ILE E 126 24.91 -7.55 -39.45
N HIS E 127 25.64 -6.46 -39.73
CA HIS E 127 25.65 -5.22 -38.91
C HIS E 127 24.24 -4.62 -38.84
N ARG E 128 23.54 -4.56 -39.98
CA ARG E 128 22.17 -3.97 -40.10
C ARG E 128 21.19 -4.72 -39.19
N ILE E 129 21.35 -6.04 -39.04
CA ILE E 129 20.43 -6.89 -38.22
C ILE E 129 20.78 -6.69 -36.74
N ILE E 130 22.02 -7.02 -36.34
CA ILE E 130 22.44 -7.10 -34.91
C ILE E 130 22.57 -5.67 -34.34
N GLY E 131 22.86 -4.69 -35.20
CA GLY E 131 23.00 -3.26 -34.83
C GLY E 131 21.67 -2.56 -34.68
N ASN E 132 20.54 -3.25 -34.88
CA ASN E 132 19.18 -2.67 -34.79
C ASN E 132 18.81 -2.44 -33.32
N THR E 133 19.03 -1.22 -32.82
CA THR E 133 18.76 -0.82 -31.41
C THR E 133 17.25 -0.75 -31.16
N ASP E 134 16.44 -0.48 -32.20
CA ASP E 134 14.96 -0.37 -32.09
C ASP E 134 14.37 -1.72 -31.63
N ARG E 135 14.93 -2.85 -32.06
CA ARG E 135 14.46 -4.19 -31.63
C ARG E 135 14.79 -4.41 -30.14
N ILE E 136 15.90 -3.86 -29.65
CA ILE E 136 16.26 -3.93 -28.21
C ILE E 136 15.25 -3.09 -27.42
N LEU E 137 15.04 -1.82 -27.82
CA LEU E 137 14.12 -0.88 -27.14
C LEU E 137 12.72 -1.51 -27.09
N GLU E 138 12.26 -2.06 -28.22
CA GLU E 138 10.94 -2.73 -28.37
C GLU E 138 10.81 -3.85 -27.32
N VAL E 139 11.79 -4.77 -27.28
CA VAL E 139 11.79 -5.94 -26.35
C VAL E 139 11.86 -5.42 -24.90
N SER E 140 12.69 -4.40 -24.64
CA SER E 140 12.93 -3.81 -23.30
C SER E 140 11.65 -3.17 -22.72
N LYS E 141 10.62 -2.93 -23.53
CA LYS E 141 9.34 -2.32 -23.07
C LYS E 141 8.24 -3.39 -22.98
N THR E 142 8.49 -4.63 -23.42
CA THR E 142 7.56 -5.77 -23.24
C THR E 142 7.65 -6.23 -21.78
N PRO E 143 6.67 -7.01 -21.26
CA PRO E 143 6.78 -7.59 -19.93
C PRO E 143 7.97 -8.56 -19.81
N LYS E 144 8.83 -8.34 -18.81
CA LYS E 144 9.98 -9.22 -18.50
C LYS E 144 9.49 -10.39 -17.63
N GLU E 145 9.18 -11.53 -18.25
CA GLU E 145 8.76 -12.77 -17.55
C GLU E 145 9.93 -13.75 -17.59
N ILE E 146 10.47 -14.10 -16.41
CA ILE E 146 11.70 -14.94 -16.24
C ILE E 146 11.37 -16.37 -16.67
N LYS E 147 12.04 -16.84 -17.73
CA LYS E 147 11.90 -18.21 -18.28
C LYS E 147 12.87 -19.15 -17.54
N ASN E 148 14.08 -18.69 -17.22
CA ASN E 148 15.13 -19.51 -16.55
C ASN E 148 16.19 -18.60 -15.91
N LEU E 149 17.15 -19.18 -15.18
CA LEU E 149 18.18 -18.43 -14.40
C LEU E 149 19.20 -17.77 -15.33
N VAL E 150 19.83 -18.55 -16.23
CA VAL E 150 20.97 -18.06 -17.06
C VAL E 150 20.76 -18.40 -18.53
N TYR E 151 21.01 -17.41 -19.41
CA TYR E 151 21.03 -17.56 -20.88
C TYR E 151 22.46 -17.81 -21.34
N ASN E 153 24.49 -18.18 -24.96
CA ASN E 153 24.57 -18.14 -26.41
C ASN E 153 25.95 -17.59 -26.77
N ILE E 154 26.95 -18.47 -26.87
CA ILE E 154 28.37 -18.08 -27.06
C ILE E 154 29.02 -19.00 -28.11
N THR E 155 29.86 -18.41 -28.96
CA THR E 155 30.74 -19.09 -29.94
C THR E 155 32.11 -19.30 -29.27
N VAL E 156 32.49 -20.54 -29.01
CA VAL E 156 33.67 -20.93 -28.18
C VAL E 156 34.95 -20.42 -28.85
N LYS E 157 35.06 -20.54 -30.19
CA LYS E 157 36.29 -20.25 -30.96
C LYS E 157 36.82 -18.84 -30.67
N ASN E 158 35.95 -17.89 -30.33
CA ASN E 158 36.32 -16.46 -30.12
C ASN E 158 37.35 -16.33 -28.98
N PHE E 159 37.24 -17.17 -27.93
CA PHE E 159 38.21 -17.24 -26.79
C PHE E 159 38.01 -18.56 -26.04
N PRO E 160 38.57 -19.69 -26.52
CA PRO E 160 38.33 -21.01 -25.92
C PRO E 160 38.75 -21.19 -24.45
N GLU E 161 39.89 -20.61 -24.05
CA GLU E 161 40.43 -20.69 -22.66
C GLU E 161 39.29 -20.51 -21.65
N GLU E 162 38.42 -19.52 -21.87
CA GLU E 162 37.26 -19.23 -21.00
C GLU E 162 36.00 -19.93 -21.56
N ARG E 163 35.66 -19.69 -22.82
CA ARG E 163 34.34 -20.06 -23.41
C ARG E 163 34.16 -21.59 -23.41
N GLN E 164 35.22 -22.36 -23.58
CA GLN E 164 35.12 -23.85 -23.63
C GLN E 164 34.70 -24.37 -22.25
N ARG E 165 35.23 -23.77 -21.19
CA ARG E 165 34.92 -24.09 -19.78
C ARG E 165 33.44 -23.83 -19.51
N ILE E 166 32.91 -22.71 -19.98
CA ILE E 166 31.49 -22.32 -19.72
C ILE E 166 30.57 -23.36 -20.38
N VAL E 167 30.81 -23.66 -21.66
CA VAL E 167 29.99 -24.63 -22.43
C VAL E 167 30.10 -26.01 -21.76
N ASP E 168 31.33 -26.45 -21.43
CA ASP E 168 31.56 -27.81 -20.88
C ASP E 168 30.87 -27.94 -19.50
N LEU E 169 31.01 -26.93 -18.65
CA LEU E 169 30.50 -26.96 -17.26
C LEU E 169 28.97 -26.81 -17.20
N TYR E 170 28.37 -25.93 -18.01
CA TYR E 170 26.99 -25.42 -17.71
C TYR E 170 25.97 -25.68 -18.81
N SER E 171 26.33 -26.31 -19.93
CA SER E 171 25.39 -26.62 -21.05
C SER E 171 24.20 -27.46 -20.57
N ASP E 172 24.46 -28.47 -19.75
CA ASP E 172 23.46 -29.52 -19.37
C ASP E 172 22.72 -29.14 -18.09
N LYS E 173 22.84 -27.90 -17.58
CA LYS E 173 22.19 -27.49 -16.32
C LYS E 173 20.73 -27.11 -16.60
N SER E 174 19.81 -27.60 -15.77
CA SER E 174 18.35 -27.30 -15.84
C SER E 174 18.12 -25.78 -15.76
N TRP E 175 18.96 -25.07 -15.00
CA TRP E 175 18.84 -23.60 -14.75
C TRP E 175 19.54 -22.79 -15.86
N VAL E 176 19.99 -23.46 -16.94
CA VAL E 176 20.64 -22.81 -18.12
C VAL E 176 19.80 -23.10 -19.37
N THR E 177 19.60 -22.09 -20.23
CA THR E 177 18.96 -22.25 -21.56
C THR E 177 20.01 -21.96 -22.64
N ILE E 178 20.29 -22.95 -23.48
CA ILE E 178 21.19 -22.83 -24.67
C ILE E 178 20.43 -22.07 -25.76
N GLY E 179 21.05 -21.03 -26.31
CA GLY E 179 20.55 -20.28 -27.48
C GLY E 179 21.41 -20.58 -28.69
N LYS E 180 20.79 -21.10 -29.75
CA LYS E 180 21.40 -21.24 -31.10
C LYS E 180 20.71 -20.23 -32.03
N GLY E 181 21.25 -19.01 -32.11
CA GLY E 181 20.61 -17.85 -32.77
C GLY E 181 20.79 -17.85 -34.28
N GLU E 182 19.69 -17.71 -35.03
CA GLU E 182 19.70 -17.48 -36.50
C GLU E 182 20.18 -16.05 -36.75
N VAL E 183 20.94 -15.84 -37.83
CA VAL E 183 21.47 -14.52 -38.26
C VAL E 183 20.44 -13.85 -39.19
N SER E 184 19.36 -13.33 -38.62
CA SER E 184 18.20 -12.77 -39.36
C SER E 184 17.40 -11.82 -38.45
N GLU E 185 16.70 -10.85 -39.05
CA GLU E 185 15.80 -9.90 -38.34
C GLU E 185 14.83 -10.72 -37.48
N GLU E 186 14.33 -11.83 -38.02
CA GLU E 186 13.49 -12.84 -37.33
C GLU E 186 14.24 -13.43 -36.13
N GLY E 187 15.45 -13.94 -36.36
CA GLY E 187 16.29 -14.62 -35.35
C GLY E 187 16.72 -13.67 -34.24
N HIS E 188 17.07 -12.43 -34.61
CA HIS E 188 17.52 -11.35 -33.68
C HIS E 188 16.46 -11.12 -32.60
N ARG E 189 15.19 -11.00 -33.01
CA ARG E 189 14.05 -10.71 -32.10
C ARG E 189 13.92 -11.85 -31.08
N LYS E 190 14.06 -13.11 -31.53
CA LYS E 190 13.92 -14.31 -30.67
C LYS E 190 15.06 -14.32 -29.64
N PHE E 191 16.29 -14.02 -30.10
CA PHE E 191 17.54 -13.92 -29.28
C PHE E 191 17.35 -12.89 -28.16
N LEU E 192 16.98 -11.65 -28.51
CA LEU E 192 16.74 -10.56 -27.53
C LEU E 192 15.65 -10.98 -26.55
N GLU E 193 14.62 -11.69 -27.04
CA GLU E 193 13.47 -12.15 -26.22
C GLU E 193 13.92 -13.28 -25.28
N ASP E 194 14.79 -14.17 -25.76
CA ASP E 194 15.43 -15.22 -24.91
C ASP E 194 16.16 -14.54 -23.76
N TYR E 196 16.08 -11.52 -22.58
CA TYR E 196 15.22 -10.69 -21.75
C TYR E 196 14.51 -11.57 -20.71
N ALA E 197 14.20 -12.81 -21.06
CA ALA E 197 13.50 -13.79 -20.19
C ALA E 197 14.51 -14.57 -19.33
N HIS E 198 15.64 -13.96 -18.95
CA HIS E 198 16.63 -14.58 -18.03
C HIS E 198 17.12 -13.52 -17.03
N LYS E 199 17.50 -13.99 -15.83
CA LYS E 199 18.05 -13.13 -14.76
C LYS E 199 19.50 -12.78 -15.11
N PHE E 200 20.19 -13.72 -15.75
CA PHE E 200 21.66 -13.68 -16.01
C PHE E 200 21.95 -14.04 -17.47
N CYS E 201 23.05 -13.51 -18.00
CA CYS E 201 23.60 -13.88 -19.32
C CYS E 201 25.10 -14.14 -19.17
N PHE E 202 25.59 -15.25 -19.71
CA PHE E 202 27.05 -15.52 -19.85
C PHE E 202 27.59 -14.50 -20.86
N ALA E 203 28.49 -13.60 -20.43
CA ALA E 203 29.11 -12.57 -21.30
C ALA E 203 30.63 -12.64 -21.18
N PRO E 204 31.24 -13.81 -21.47
CA PRO E 204 32.69 -13.95 -21.38
C PRO E 204 33.35 -13.13 -22.50
N ARG E 205 34.58 -12.70 -22.26
CA ARG E 205 35.40 -11.97 -23.25
C ARG E 205 35.46 -12.80 -24.54
N GLY E 206 35.74 -12.15 -25.67
CA GLY E 206 35.91 -12.79 -26.99
C GLY E 206 37.33 -12.61 -27.50
N ASN E 207 37.50 -12.44 -28.82
CA ASN E 207 38.82 -12.15 -29.41
C ASN E 207 39.29 -10.80 -28.85
N GLY E 208 38.37 -9.86 -28.70
CA GLY E 208 38.56 -8.65 -27.86
C GLY E 208 38.00 -8.87 -26.48
N ILE E 209 38.52 -8.15 -25.48
CA ILE E 209 38.12 -8.30 -24.05
C ILE E 209 36.65 -7.89 -23.90
N ASP E 210 36.32 -6.67 -24.32
CA ASP E 210 34.93 -6.15 -24.32
C ASP E 210 34.14 -6.90 -25.41
N THR E 211 32.86 -7.14 -25.18
CA THR E 211 31.95 -7.87 -26.10
C THR E 211 30.61 -7.12 -26.17
N HIS E 212 29.88 -7.29 -27.26
CA HIS E 212 28.52 -6.73 -27.45
C HIS E 212 27.56 -7.35 -26.41
N ARG E 213 27.72 -8.64 -26.11
CA ARG E 213 26.77 -9.41 -25.27
C ARG E 213 26.59 -8.71 -23.91
N LEU E 214 27.68 -8.24 -23.29
CA LEU E 214 27.64 -7.53 -21.99
C LEU E 214 26.55 -6.45 -22.04
N TRP E 215 26.68 -5.53 -23.01
CA TRP E 215 25.89 -4.27 -23.09
C TRP E 215 24.46 -4.59 -23.50
N GLU E 216 24.30 -5.49 -24.48
CA GLU E 216 23.00 -6.04 -24.92
C GLU E 216 22.23 -6.53 -23.70
N SER E 217 22.92 -7.23 -22.79
CA SER E 217 22.32 -7.84 -21.57
C SER E 217 21.86 -6.73 -20.61
N LEU E 218 22.71 -5.74 -20.34
CA LEU E 218 22.38 -4.60 -19.43
C LEU E 218 21.21 -3.79 -19.99
N TYR E 219 21.06 -3.69 -21.31
CA TYR E 219 19.95 -2.92 -21.95
C TYR E 219 18.63 -3.66 -21.72
N LEU E 220 18.67 -5.00 -21.69
CA LEU E 220 17.49 -5.87 -21.44
C LEU E 220 17.32 -6.12 -19.93
N ARG E 221 18.10 -5.44 -19.09
CA ARG E 221 18.01 -5.53 -17.61
C ARG E 221 18.25 -6.98 -17.15
N THR E 222 19.08 -7.71 -17.89
CA THR E 222 19.64 -9.04 -17.55
C THR E 222 21.06 -8.79 -17.01
N ILE E 223 21.47 -9.50 -15.95
CA ILE E 223 22.84 -9.34 -15.37
C ILE E 223 23.82 -10.19 -16.17
N PRO E 224 24.81 -9.57 -16.85
CA PRO E 224 25.85 -10.31 -17.57
C PRO E 224 26.96 -10.80 -16.64
N ILE E 225 27.44 -12.02 -16.86
CA ILE E 225 28.53 -12.64 -16.08
C ILE E 225 29.81 -12.50 -16.89
N VAL E 226 30.84 -11.91 -16.29
CA VAL E 226 32.10 -11.52 -16.99
C VAL E 226 33.27 -11.78 -16.06
N LYS E 227 34.36 -12.35 -16.58
CA LYS E 227 35.58 -12.58 -15.76
C LYS E 227 36.25 -11.23 -15.47
N LYS E 228 36.72 -11.05 -14.24
CA LYS E 228 37.49 -9.85 -13.81
C LYS E 228 38.65 -9.60 -14.76
N HIS E 229 38.88 -8.34 -15.10
CA HIS E 229 39.92 -7.89 -16.06
C HIS E 229 40.02 -6.37 -15.96
N ILE E 230 41.25 -5.83 -16.02
CA ILE E 230 41.54 -4.37 -15.95
C ILE E 230 40.59 -3.60 -16.89
N ALA E 231 40.28 -4.17 -18.07
CA ALA E 231 39.37 -3.60 -19.11
C ALA E 231 37.98 -3.31 -18.56
N GLU E 233 37.37 -2.74 -15.16
CA GLU E 233 37.50 -2.31 -13.77
C GLU E 233 36.81 -0.97 -13.53
N GLN E 234 36.51 -0.21 -14.59
CA GLN E 234 35.83 1.12 -14.52
C GLN E 234 34.33 0.95 -14.77
N PHE E 235 33.82 -0.28 -14.84
CA PHE E 235 32.37 -0.58 -14.98
C PHE E 235 31.84 -1.30 -13.72
N THR E 236 32.56 -1.22 -12.61
CA THR E 236 32.16 -1.84 -11.32
C THR E 236 30.97 -1.10 -10.69
N ASP E 237 30.58 0.06 -11.20
CA ASP E 237 29.34 0.79 -10.78
C ASP E 237 28.20 0.49 -11.75
N LEU E 238 28.34 -0.55 -12.58
CA LEU E 238 27.23 -1.16 -13.34
C LEU E 238 26.91 -2.54 -12.76
N PRO E 239 25.64 -2.97 -12.81
CA PRO E 239 25.23 -4.27 -12.25
C PRO E 239 25.69 -5.45 -13.12
N ILE E 240 27.01 -5.68 -13.16
CA ILE E 240 27.70 -6.78 -13.88
C ILE E 240 28.20 -7.78 -12.84
N LEU E 241 27.93 -9.08 -12.98
CA LEU E 241 28.49 -10.09 -12.06
C LEU E 241 29.91 -10.42 -12.53
N PHE E 242 30.92 -9.92 -11.79
CA PHE E 242 32.36 -10.17 -12.08
C PHE E 242 32.81 -11.40 -11.30
N VAL E 243 33.49 -12.33 -11.98
CA VAL E 243 33.88 -13.66 -11.40
C VAL E 243 35.41 -13.78 -11.47
N ASN E 244 35.99 -14.52 -10.53
CA ASN E 244 37.46 -14.76 -10.46
C ASN E 244 37.81 -15.81 -11.51
N ASP E 245 36.84 -16.68 -11.81
CA ASP E 245 36.98 -17.80 -12.77
C ASP E 245 35.58 -18.28 -13.15
N TRP E 246 35.50 -19.36 -13.93
CA TRP E 246 34.24 -19.88 -14.51
C TRP E 246 33.83 -21.18 -13.81
N GLU E 247 34.51 -21.54 -12.73
CA GLU E 247 34.31 -22.82 -12.00
C GLU E 247 33.44 -22.57 -10.76
N ASN E 248 32.53 -23.50 -10.48
CA ASN E 248 31.70 -23.60 -9.25
C ASN E 248 30.57 -22.55 -9.27
N ILE E 249 30.08 -22.17 -10.45
CA ILE E 249 28.79 -21.43 -10.57
C ILE E 249 27.68 -22.42 -10.24
N THR E 250 26.93 -22.15 -9.17
CA THR E 250 25.74 -22.94 -8.76
C THR E 250 24.49 -22.06 -8.80
N GLU E 251 23.33 -22.72 -8.83
CA GLU E 251 21.99 -22.08 -8.64
C GLU E 251 22.03 -21.24 -7.35
N GLU E 252 22.58 -21.78 -6.26
CA GLU E 252 22.61 -21.09 -4.93
C GLU E 252 23.51 -19.85 -5.02
N TYR E 253 24.63 -19.94 -5.73
CA TYR E 253 25.56 -18.81 -5.96
C TYR E 253 24.85 -17.68 -6.70
N LEU E 254 24.27 -18.00 -7.87
CA LEU E 254 23.58 -17.03 -8.76
C LEU E 254 22.36 -16.43 -8.06
N ASN E 255 21.60 -17.23 -7.31
CA ASN E 255 20.38 -16.78 -6.58
C ASN E 255 20.77 -15.68 -5.59
N GLU E 256 21.84 -15.90 -4.81
CA GLU E 256 22.37 -14.92 -3.83
C GLU E 256 22.87 -13.66 -4.57
N GLN E 257 23.55 -13.81 -5.71
CA GLN E 257 24.10 -12.64 -6.45
C GLN E 257 22.94 -11.83 -7.03
N TYR E 258 21.89 -12.50 -7.50
CA TYR E 258 20.67 -11.85 -8.04
C TYR E 258 20.08 -10.94 -6.97
N ASP E 259 19.84 -11.46 -5.77
CA ASP E 259 19.24 -10.71 -4.64
C ASP E 259 20.12 -9.51 -4.28
N ILE E 260 21.44 -9.68 -4.23
CA ILE E 260 22.44 -8.63 -3.87
C ILE E 260 22.39 -7.51 -4.94
N ILE E 261 22.45 -7.87 -6.22
CA ILE E 261 22.58 -6.91 -7.37
C ILE E 261 21.24 -6.18 -7.56
N ALA E 263 19.06 -5.50 -5.42
CA ALA E 263 18.82 -4.62 -4.28
C ALA E 263 19.61 -3.31 -4.42
N LYS E 264 20.77 -3.33 -5.07
CA LYS E 264 21.76 -2.21 -5.03
C LYS E 264 21.39 -1.14 -6.06
N ASP E 265 21.81 0.09 -5.78
CA ASP E 265 21.73 1.26 -6.71
C ASP E 265 22.98 1.26 -7.58
N TRP E 266 22.83 1.50 -8.89
CA TRP E 266 23.93 1.47 -9.89
C TRP E 266 23.94 2.77 -10.70
N ASN E 267 25.11 3.13 -11.22
CA ASN E 267 25.29 4.30 -12.11
C ASN E 267 24.85 3.92 -13.54
N LEU E 268 23.54 3.81 -13.76
CA LEU E 268 22.94 3.29 -15.01
C LEU E 268 22.98 4.36 -16.12
N ASP E 269 23.26 5.62 -15.79
CA ASP E 269 23.48 6.70 -16.80
C ASP E 269 24.64 6.30 -17.71
N LYS E 270 25.61 5.51 -17.20
CA LYS E 270 26.79 5.04 -17.98
C LYS E 270 26.35 4.19 -19.19
N LEU E 271 25.10 3.72 -19.23
CA LEU E 271 24.56 2.94 -20.37
C LEU E 271 24.07 3.88 -21.49
N LYS E 272 24.08 5.21 -21.27
CA LYS E 272 23.47 6.19 -22.20
C LYS E 272 24.58 7.02 -22.87
N ILE E 273 24.54 7.11 -24.20
CA ILE E 273 25.59 7.79 -25.02
C ILE E 273 25.81 9.22 -24.49
N ASP E 274 24.74 9.92 -24.07
CA ASP E 274 24.79 11.29 -23.51
C ASP E 274 25.87 11.38 -22.43
N TYR E 275 25.96 10.38 -21.55
CA TYR E 275 26.96 10.32 -20.46
C TYR E 275 28.36 10.49 -21.05
N TRP E 276 28.64 9.85 -22.19
CA TRP E 276 30.01 9.75 -22.77
C TRP E 276 30.34 10.98 -23.63
N TYR E 277 29.35 11.52 -24.36
CA TYR E 277 29.44 12.86 -24.98
C TYR E 277 29.94 13.84 -23.92
N GLN E 278 29.25 13.90 -22.76
CA GLN E 278 29.57 14.80 -21.63
C GLN E 278 31.01 14.57 -21.15
N LYS E 279 31.40 13.31 -20.88
CA LYS E 279 32.74 12.94 -20.39
C LYS E 279 33.81 13.57 -21.30
N ILE E 280 33.61 13.47 -22.62
CA ILE E 280 34.55 14.01 -23.66
C ILE E 280 34.56 15.54 -23.58
N LEU E 281 33.38 16.17 -23.64
CA LEU E 281 33.22 17.65 -23.58
C LEU E 281 34.02 18.23 -22.40
N GLU E 282 34.05 17.53 -21.26
CA GLU E 282 34.76 17.97 -20.03
C GLU E 282 36.26 18.07 -20.29
N TYR E 283 36.86 17.02 -20.87
CA TYR E 283 38.34 16.87 -21.04
C TYR E 283 38.83 17.79 -22.18
N SER E 284 37.93 18.53 -22.83
CA SER E 284 38.27 19.64 -23.76
C SER E 284 38.34 20.95 -22.96
N SER F 5 -17.98 17.65 0.01
CA SER F 5 -17.74 16.46 -0.87
C SER F 5 -17.82 16.83 -2.34
N LYS F 7 -18.28 20.24 -3.06
CA LYS F 7 -17.87 21.64 -3.06
C LYS F 7 -16.43 21.74 -3.57
N LEU F 8 -16.12 22.77 -4.38
CA LEU F 8 -14.78 23.00 -4.96
C LEU F 8 -13.75 23.20 -3.83
N ALA F 9 -14.16 23.87 -2.74
CA ALA F 9 -13.32 24.17 -1.56
C ALA F 9 -12.76 22.88 -0.95
N GLU F 10 -13.52 21.78 -1.02
CA GLU F 10 -13.25 20.48 -0.33
C GLU F 10 -12.57 19.48 -1.28
N LEU F 11 -12.10 19.91 -2.45
CA LEU F 11 -11.39 19.04 -3.42
C LEU F 11 -10.06 18.59 -2.79
N THR F 12 -9.91 17.28 -2.58
CA THR F 12 -8.67 16.64 -2.09
C THR F 12 -8.12 15.78 -3.23
N LEU F 13 -6.81 15.85 -3.46
CA LEU F 13 -6.12 15.14 -4.58
C LEU F 13 -5.07 14.20 -4.01
N GLU F 14 -4.87 13.06 -4.66
CA GLU F 14 -3.69 12.18 -4.46
C GLU F 14 -2.79 12.28 -5.69
N SER F 15 -1.55 11.79 -5.55
CA SER F 15 -0.45 11.84 -6.54
C SER F 15 -0.87 11.24 -7.89
N ASP F 16 -1.79 10.28 -7.90
CA ASP F 16 -2.16 9.48 -9.10
C ASP F 16 -3.47 9.98 -9.73
N ASP F 17 -4.08 11.06 -9.21
CA ASP F 17 -5.45 11.51 -9.61
C ASP F 17 -5.41 12.32 -10.91
N PHE F 18 -4.34 13.05 -11.17
CA PHE F 18 -4.23 14.08 -12.23
C PHE F 18 -4.44 13.46 -13.61
N ILE F 19 -5.30 14.09 -14.42
CA ILE F 19 -5.58 13.68 -15.83
C ILE F 19 -4.43 14.18 -16.72
N THR F 20 -3.84 13.26 -17.49
CA THR F 20 -2.95 13.54 -18.66
C THR F 20 -3.34 12.60 -19.78
N SER F 21 -3.15 12.99 -21.04
CA SER F 21 -3.51 12.15 -22.21
C SER F 21 -2.61 10.91 -22.26
N ASP F 22 -1.40 10.98 -21.72
CA ASP F 22 -0.44 9.83 -21.64
C ASP F 22 -1.09 8.69 -20.85
N LYS F 23 -1.77 9.01 -19.74
CA LYS F 23 -2.42 8.01 -18.86
C LYS F 23 -3.50 7.25 -19.65
N LEU F 24 -4.27 7.94 -20.50
CA LEU F 24 -5.35 7.31 -21.30
C LEU F 24 -4.74 6.44 -22.40
N PHE F 25 -3.69 6.92 -23.07
CA PHE F 25 -2.93 6.16 -24.09
C PHE F 25 -2.36 4.88 -23.45
N ASN F 26 -1.74 5.00 -22.27
CA ASN F 26 -1.12 3.85 -21.54
C ASN F 26 -2.21 2.85 -21.16
N PHE F 27 -3.37 3.34 -20.71
CA PHE F 27 -4.58 2.54 -20.37
C PHE F 27 -5.01 1.72 -21.59
N CYS F 28 -5.19 2.37 -22.72
CA CYS F 28 -5.65 1.74 -23.98
C CYS F 28 -4.59 0.75 -24.50
N LYS F 29 -3.30 1.05 -24.32
CA LYS F 29 -2.18 0.27 -24.92
C LYS F 29 -1.88 -0.98 -24.08
N SER F 30 -1.27 -0.78 -22.91
CA SER F 30 -0.54 -1.82 -22.15
C SER F 30 -1.36 -2.26 -20.95
N THR F 31 -2.69 -2.12 -21.01
CA THR F 31 -3.60 -2.37 -19.86
C THR F 31 -4.85 -3.13 -20.33
N ILE F 32 -5.63 -2.56 -21.25
CA ILE F 32 -7.05 -2.96 -21.48
C ILE F 32 -7.21 -3.56 -22.88
N PHE F 33 -8.37 -4.19 -23.11
CA PHE F 33 -8.82 -4.76 -24.40
C PHE F 33 -10.16 -4.10 -24.76
N GLY F 34 -10.29 -3.62 -26.01
CA GLY F 34 -11.55 -3.06 -26.55
C GLY F 34 -11.53 -1.54 -26.67
N ALA F 35 -10.34 -0.91 -26.61
CA ALA F 35 -10.16 0.56 -26.72
C ALA F 35 -8.84 0.89 -27.43
N LYS F 36 -8.89 1.75 -28.45
CA LYS F 36 -7.72 2.16 -29.26
C LYS F 36 -7.51 3.68 -29.13
N TYR F 37 -6.30 4.09 -28.76
CA TYR F 37 -5.87 5.51 -28.67
C TYR F 37 -5.05 5.87 -29.91
N VAL F 38 -5.53 6.86 -30.67
CA VAL F 38 -4.87 7.37 -31.91
C VAL F 38 -4.64 8.88 -31.73
N LYS F 39 -3.39 9.34 -31.85
CA LYS F 39 -3.02 10.77 -31.94
C LYS F 39 -3.87 11.40 -33.05
N THR F 40 -4.52 12.53 -32.76
CA THR F 40 -5.59 13.11 -33.63
C THR F 40 -5.05 13.33 -35.06
N ASP F 41 -3.76 13.61 -35.25
CA ASP F 41 -3.18 13.90 -36.59
C ASP F 41 -3.48 12.74 -37.54
N PHE F 42 -3.46 11.50 -37.05
CA PHE F 42 -3.59 10.25 -37.83
C PHE F 42 -5.07 9.97 -38.16
N ILE F 43 -5.99 10.66 -37.48
CA ILE F 43 -7.43 10.72 -37.86
C ILE F 43 -7.62 11.80 -38.94
N LYS F 44 -7.23 13.04 -38.67
CA LYS F 44 -7.43 14.20 -39.60
C LYS F 44 -6.84 13.88 -40.98
N PHE F 45 -5.63 13.31 -41.06
CA PHE F 45 -4.91 13.09 -42.34
C PHE F 45 -4.90 11.59 -42.70
N ARG F 46 -5.99 10.89 -42.40
CA ARG F 46 -6.12 9.42 -42.63
C ARG F 46 -6.14 9.18 -44.15
N GLN F 47 -5.46 8.14 -44.61
CA GLN F 47 -5.33 7.80 -46.05
C GLN F 47 -6.29 6.66 -46.39
N TYR F 48 -7.01 6.15 -45.39
CA TYR F 48 -8.11 5.16 -45.52
C TYR F 48 -9.28 5.68 -44.70
N GLN F 49 -10.52 5.32 -45.06
CA GLN F 49 -11.71 5.77 -44.31
C GLN F 49 -11.62 5.24 -42.87
N TYR F 50 -11.34 3.95 -42.69
CA TYR F 50 -11.51 3.23 -41.41
C TYR F 50 -10.22 2.54 -40.95
N ILE F 51 -9.06 2.88 -41.53
CA ILE F 51 -7.75 2.27 -41.16
C ILE F 51 -6.76 3.39 -40.80
N VAL F 52 -6.17 3.34 -39.61
CA VAL F 52 -5.19 4.36 -39.14
C VAL F 52 -4.08 3.68 -38.35
N SER F 53 -2.98 4.40 -38.13
CA SER F 53 -1.80 3.96 -37.35
C SER F 53 -1.13 5.17 -36.67
N ASN F 54 -0.59 4.98 -35.47
CA ASN F 54 0.21 6.03 -34.78
C ASN F 54 1.60 6.10 -35.43
N CYS F 55 1.90 5.18 -36.35
CA CYS F 55 3.07 5.27 -37.26
C CYS F 55 4.36 5.46 -36.48
N GLY F 56 4.51 4.81 -35.32
CA GLY F 56 5.73 4.88 -34.48
C GLY F 56 5.63 5.92 -33.37
N TRP F 57 4.64 6.81 -33.40
CA TRP F 57 4.38 7.75 -32.28
C TRP F 57 4.19 6.94 -30.99
N ARG F 58 4.85 7.34 -29.90
CA ARG F 58 4.86 6.60 -28.62
C ARG F 58 5.26 5.15 -28.89
N ASP F 59 6.09 4.93 -29.93
CA ASP F 59 6.63 3.62 -30.36
C ASP F 59 5.48 2.64 -30.67
N ASP F 60 4.32 3.16 -31.10
CA ASP F 60 3.15 2.34 -31.49
C ASP F 60 3.09 2.26 -33.01
N THR F 61 3.45 1.11 -33.59
CA THR F 61 3.44 0.88 -35.07
C THR F 61 2.30 -0.07 -35.44
N ASP F 62 1.37 -0.33 -34.52
CA ASP F 62 0.15 -1.11 -34.83
C ASP F 62 -0.65 -0.35 -35.89
N VAL F 63 -1.20 -1.07 -36.86
CA VAL F 63 -2.30 -0.60 -37.74
C VAL F 63 -3.60 -0.88 -36.98
N VAL F 64 -4.52 0.08 -36.97
CA VAL F 64 -5.82 0.01 -36.22
C VAL F 64 -6.95 -0.04 -37.25
N PHE F 65 -7.83 -1.04 -37.12
CA PHE F 65 -9.02 -1.23 -37.97
C PHE F 65 -10.24 -0.82 -37.13
N LEU F 66 -10.70 0.40 -37.37
CA LEU F 66 -11.70 1.12 -36.54
C LEU F 66 -13.02 0.35 -36.53
N GLU F 67 -13.22 -0.56 -37.50
CA GLU F 67 -14.42 -1.40 -37.70
CA GLU F 67 -14.45 -1.36 -37.66
C GLU F 67 -14.51 -2.44 -36.58
N ASN F 68 -13.36 -2.74 -35.95
CA ASN F 68 -13.21 -3.84 -34.95
C ASN F 68 -12.95 -3.28 -33.55
N THR F 69 -13.21 -1.99 -33.30
CA THR F 69 -12.99 -1.36 -31.96
C THR F 69 -14.33 -0.89 -31.39
N PRO F 70 -14.69 -1.29 -30.16
CA PRO F 70 -15.85 -0.73 -29.46
C PRO F 70 -15.67 0.75 -29.14
N VAL F 71 -14.43 1.13 -28.79
CA VAL F 71 -14.11 2.49 -28.26
C VAL F 71 -12.88 3.03 -28.99
N LEU F 72 -12.99 4.27 -29.45
CA LEU F 72 -11.89 5.11 -30.00
C LEU F 72 -11.58 6.23 -29.00
N VAL F 73 -10.30 6.45 -28.71
CA VAL F 73 -9.82 7.58 -27.86
C VAL F 73 -8.81 8.41 -28.67
N THR F 74 -9.04 9.72 -28.85
CA THR F 74 -8.11 10.62 -29.59
C THR F 74 -7.68 11.81 -28.71
N GLY F 75 -6.40 12.18 -28.80
CA GLY F 75 -5.82 13.38 -28.19
C GLY F 75 -4.37 13.59 -28.58
N HIS F 76 -3.61 14.27 -27.70
CA HIS F 76 -2.22 14.73 -27.91
C HIS F 76 -2.11 15.68 -29.11
N SER F 77 -3.13 16.52 -29.34
CA SER F 77 -3.19 17.41 -30.54
C SER F 77 -4.14 18.58 -30.30
N ASP F 78 -3.85 19.73 -30.92
CA ASP F 78 -4.75 20.91 -30.91
C ASP F 78 -5.92 20.69 -31.88
N TYR F 79 -5.86 19.64 -32.71
CA TYR F 79 -6.91 19.29 -33.70
C TYR F 79 -8.21 18.91 -32.96
N ASP F 80 -9.35 19.19 -33.58
CA ASP F 80 -10.70 18.87 -33.07
C ASP F 80 -11.25 17.64 -33.81
N ILE F 81 -12.31 17.06 -33.27
CA ILE F 81 -13.19 16.07 -33.96
C ILE F 81 -14.44 16.83 -34.42
N SER F 82 -14.78 16.72 -35.71
CA SER F 82 -15.83 17.54 -36.38
C SER F 82 -16.55 16.69 -37.43
N GLU F 83 -17.40 17.34 -38.23
CA GLU F 83 -18.19 16.73 -39.33
C GLU F 83 -17.29 15.93 -40.27
N ARG F 84 -16.02 16.30 -40.44
CA ARG F 84 -15.05 15.57 -41.30
C ARG F 84 -14.87 14.13 -40.80
N GLU F 85 -15.18 13.85 -39.54
CA GLU F 85 -15.01 12.50 -38.92
C GLU F 85 -16.37 11.81 -38.76
N ILE F 86 -17.44 12.34 -39.37
CA ILE F 86 -18.82 11.79 -39.23
C ILE F 86 -18.85 10.32 -39.68
N ASP F 87 -18.10 9.96 -40.72
CA ASP F 87 -18.11 8.58 -41.29
C ASP F 87 -17.62 7.57 -40.24
N ILE F 88 -16.59 7.92 -39.46
CA ILE F 88 -16.05 7.05 -38.37
C ILE F 88 -17.07 7.01 -37.23
N ILE F 89 -17.68 8.15 -36.91
CA ILE F 89 -18.67 8.26 -35.79
C ILE F 89 -19.83 7.30 -36.07
N ARG F 90 -20.23 7.19 -37.34
CA ARG F 90 -21.42 6.40 -37.77
C ARG F 90 -21.09 4.92 -37.96
N LEU F 91 -19.86 4.48 -37.64
CA LEU F 91 -19.54 3.02 -37.59
C LEU F 91 -20.44 2.36 -36.55
N PRO F 92 -21.25 1.35 -36.94
CA PRO F 92 -22.14 0.67 -36.00
C PRO F 92 -21.42 0.14 -34.75
N ASN F 93 -20.21 -0.39 -34.91
CA ASN F 93 -19.42 -1.08 -33.86
C ASN F 93 -18.86 -0.09 -32.82
N ILE F 94 -18.68 1.19 -33.18
CA ILE F 94 -18.08 2.19 -32.24
C ILE F 94 -19.17 2.59 -31.23
N ARG F 95 -18.96 2.20 -29.97
CA ARG F 95 -19.93 2.44 -28.86
C ARG F 95 -19.72 3.86 -28.33
N ALA F 96 -18.48 4.32 -28.27
CA ALA F 96 -18.09 5.66 -27.79
C ALA F 96 -16.78 6.11 -28.45
N TRP F 97 -16.71 7.40 -28.79
CA TRP F 97 -15.48 8.12 -29.16
C TRP F 97 -15.13 9.12 -28.04
N PHE F 98 -14.07 8.84 -27.29
CA PHE F 98 -13.49 9.76 -26.26
C PHE F 98 -12.45 10.66 -26.94
N CYS F 99 -12.66 11.98 -26.95
CA CYS F 99 -11.74 12.92 -27.65
C CYS F 99 -11.48 14.16 -26.81
N GLN F 100 -10.30 14.76 -26.98
CA GLN F 100 -10.11 16.19 -26.63
C GLN F 100 -10.61 17.02 -27.83
N ASN F 101 -11.14 18.19 -27.55
CA ASN F 101 -11.59 19.18 -28.56
C ASN F 101 -12.73 18.56 -29.39
N ARG F 102 -13.77 18.08 -28.72
CA ARG F 102 -15.09 17.73 -29.32
C ARG F 102 -15.64 18.98 -30.03
N ASN F 103 -15.94 18.88 -31.33
CA ASN F 103 -16.45 20.01 -32.14
C ASN F 103 -17.53 19.49 -33.12
N ILE F 104 -18.32 18.52 -32.67
CA ILE F 104 -19.54 18.03 -33.39
C ILE F 104 -20.61 17.69 -32.35
N PRO F 105 -21.84 18.23 -32.48
CA PRO F 105 -22.89 17.97 -31.50
C PRO F 105 -23.53 16.58 -31.67
N HIS F 106 -22.75 15.52 -31.39
CA HIS F 106 -23.13 14.11 -31.62
C HIS F 106 -23.02 13.33 -30.32
N PRO F 107 -24.06 12.58 -29.90
CA PRO F 107 -24.09 11.95 -28.58
C PRO F 107 -23.00 10.88 -28.37
N LYS F 108 -22.58 10.20 -29.44
CA LYS F 108 -21.62 9.07 -29.37
C LYS F 108 -20.21 9.61 -29.10
N VAL F 109 -19.98 10.91 -29.35
CA VAL F 109 -18.65 11.58 -29.12
C VAL F 109 -18.66 12.22 -27.72
N ILE F 110 -17.69 11.83 -26.89
CA ILE F 110 -17.59 12.18 -25.44
C ILE F 110 -16.28 12.93 -25.21
N SER F 111 -16.37 14.19 -24.77
CA SER F 111 -15.24 15.03 -24.32
C SER F 111 -14.51 14.33 -23.18
N PHE F 112 -13.17 14.38 -23.17
CA PHE F 112 -12.40 14.19 -21.92
C PHE F 112 -11.51 15.41 -21.73
N PRO F 113 -11.27 15.80 -20.46
CA PRO F 113 -10.41 16.94 -20.13
C PRO F 113 -9.02 16.77 -20.73
N LEU F 114 -8.45 17.84 -21.28
CA LEU F 114 -7.05 17.87 -21.77
C LEU F 114 -6.12 17.63 -20.57
N GLY F 115 -6.46 18.20 -19.41
CA GLY F 115 -5.74 17.98 -18.14
C GLY F 115 -4.38 18.65 -18.14
N ILE F 116 -3.37 17.96 -17.60
CA ILE F 116 -1.99 18.50 -17.40
C ILE F 116 -1.06 17.97 -18.50
N THR F 117 -0.11 18.82 -18.90
CA THR F 117 1.06 18.52 -19.76
C THR F 117 1.62 17.14 -19.38
N ASN F 118 1.90 16.31 -20.39
CA ASN F 118 2.55 14.97 -20.25
C ASN F 118 4.03 15.17 -19.95
N LYS F 119 4.46 14.91 -18.69
CA LYS F 119 5.86 15.15 -18.23
C LYS F 119 6.84 14.23 -18.96
N ASP F 120 6.35 13.11 -19.51
CA ASP F 120 7.17 12.01 -20.08
C ASP F 120 7.34 12.20 -21.60
N GLU F 121 6.81 13.27 -22.18
CA GLU F 121 7.08 13.61 -23.60
C GLU F 121 8.58 13.51 -23.81
N PRO F 122 9.07 12.53 -24.61
CA PRO F 122 10.51 12.25 -24.70
C PRO F 122 11.34 13.45 -25.21
N ASN F 123 12.51 13.67 -24.59
CA ASN F 123 13.54 14.69 -24.96
C ASN F 123 12.88 16.08 -25.10
N SER F 124 12.00 16.45 -24.17
CA SER F 124 11.40 17.81 -24.07
C SER F 124 11.51 18.33 -22.65
N GLU F 125 12.36 19.34 -22.43
CA GLU F 125 12.63 19.97 -21.11
C GLU F 125 11.34 20.64 -20.59
N ILE F 126 10.67 21.43 -21.43
CA ILE F 126 9.43 22.19 -21.07
C ILE F 126 8.36 21.21 -20.55
N HIS F 127 8.12 20.10 -21.25
CA HIS F 127 7.15 19.04 -20.88
C HIS F 127 7.47 18.50 -19.48
N ARG F 128 8.74 18.18 -19.23
CA ARG F 128 9.26 17.64 -17.94
C ARG F 128 8.92 18.63 -16.82
N ILE F 129 9.08 19.92 -17.07
CA ILE F 129 8.87 21.02 -16.08
C ILE F 129 7.37 21.20 -15.80
N ILE F 130 6.58 21.45 -16.85
CA ILE F 130 5.17 21.95 -16.74
C ILE F 130 4.23 20.76 -16.47
N GLY F 131 4.63 19.54 -16.83
CA GLY F 131 3.89 18.30 -16.54
C GLY F 131 4.14 17.76 -15.13
N ASN F 132 4.85 18.50 -14.28
CA ASN F 132 5.16 18.07 -12.89
C ASN F 132 3.90 18.28 -12.04
N THR F 133 3.10 17.22 -11.88
CA THR F 133 1.84 17.20 -11.10
C THR F 133 2.14 17.21 -9.60
N ASP F 134 3.37 16.82 -9.19
CA ASP F 134 3.79 16.80 -7.76
C ASP F 134 3.80 18.24 -7.23
N ARG F 135 4.33 19.20 -8.00
CA ARG F 135 4.35 20.64 -7.63
C ARG F 135 2.92 21.16 -7.49
N ILE F 136 2.01 20.75 -8.37
CA ILE F 136 0.57 21.17 -8.34
C ILE F 136 -0.05 20.65 -7.04
N LEU F 137 0.14 19.35 -6.73
CA LEU F 137 -0.37 18.71 -5.49
C LEU F 137 0.22 19.45 -4.28
N GLU F 138 1.53 19.77 -4.30
CA GLU F 138 2.22 20.49 -3.20
C GLU F 138 1.57 21.85 -2.98
N VAL F 139 1.47 22.68 -4.03
CA VAL F 139 0.85 24.04 -3.92
C VAL F 139 -0.59 23.86 -3.40
N SER F 140 -1.32 22.85 -3.89
CA SER F 140 -2.72 22.55 -3.53
C SER F 140 -2.88 22.28 -2.02
N LYS F 141 -1.79 21.88 -1.34
CA LYS F 141 -1.79 21.47 0.09
C LYS F 141 -1.32 22.62 0.99
N THR F 142 -0.82 23.73 0.41
CA THR F 142 -0.47 24.96 1.15
C THR F 142 -1.76 25.71 1.48
N PRO F 143 -1.77 26.65 2.45
CA PRO F 143 -2.93 27.51 2.72
C PRO F 143 -3.28 28.46 1.55
N LYS F 144 -4.51 28.35 1.03
CA LYS F 144 -5.00 29.17 -0.12
C LYS F 144 -5.30 30.60 0.36
N GLU F 145 -4.31 31.49 0.26
CA GLU F 145 -4.43 32.92 0.64
C GLU F 145 -4.69 33.73 -0.62
N ILE F 146 -5.84 34.39 -0.70
CA ILE F 146 -6.27 35.19 -1.88
C ILE F 146 -5.55 36.55 -1.85
N LYS F 147 -4.78 36.86 -2.90
CA LYS F 147 -4.07 38.15 -3.06
C LYS F 147 -4.83 39.06 -4.04
N ASN F 148 -5.58 38.49 -4.99
CA ASN F 148 -6.38 39.32 -5.91
C ASN F 148 -7.49 38.47 -6.55
N LEU F 149 -8.37 39.11 -7.31
CA LEU F 149 -9.61 38.50 -7.84
C LEU F 149 -9.27 37.55 -9.00
N VAL F 150 -8.58 38.04 -10.04
CA VAL F 150 -8.33 37.27 -11.30
C VAL F 150 -6.84 37.30 -11.66
N TYR F 151 -6.32 36.17 -12.12
CA TYR F 151 -4.92 35.98 -12.60
C TYR F 151 -4.93 36.00 -14.13
N ASN F 153 -2.40 35.58 -17.41
CA ASN F 153 -1.13 35.17 -17.96
C ASN F 153 -1.42 34.43 -19.27
N ILE F 154 -1.57 35.17 -20.36
CA ILE F 154 -2.05 34.60 -21.64
C ILE F 154 -1.20 35.17 -22.78
N THR F 155 -0.82 34.32 -23.73
CA THR F 155 -0.12 34.69 -24.98
C THR F 155 -1.19 34.89 -26.05
N VAL F 156 -1.33 36.13 -26.52
CA VAL F 156 -2.47 36.58 -27.39
C VAL F 156 -2.42 35.82 -28.73
N LYS F 157 -1.21 35.53 -29.23
CA LYS F 157 -0.98 34.96 -30.58
C LYS F 157 -1.68 33.61 -30.73
N ASN F 158 -1.91 32.86 -29.65
CA ASN F 158 -2.53 31.50 -29.68
C ASN F 158 -3.94 31.57 -30.29
N PHE F 159 -4.73 32.59 -29.95
CA PHE F 159 -6.11 32.81 -30.46
C PHE F 159 -6.51 34.27 -30.24
N PRO F 160 -6.01 35.20 -31.08
CA PRO F 160 -6.21 36.65 -30.89
C PRO F 160 -7.67 37.14 -30.75
N GLU F 161 -8.59 36.61 -31.55
N GLU F 161 -8.58 36.61 -31.56
CA GLU F 161 -10.01 37.05 -31.61
CA GLU F 161 -10.02 37.02 -31.62
C GLU F 161 -10.61 37.13 -30.20
C GLU F 161 -10.60 37.13 -30.20
N GLU F 162 -10.22 36.21 -29.30
CA GLU F 162 -10.68 36.20 -27.89
C GLU F 162 -9.62 36.86 -26.99
N ARG F 163 -8.37 36.42 -27.11
CA ARG F 163 -7.29 36.73 -26.13
C ARG F 163 -6.91 38.23 -26.20
N GLN F 164 -6.96 38.83 -27.40
CA GLN F 164 -6.66 40.27 -27.57
C GLN F 164 -7.68 41.09 -26.77
N ARG F 165 -8.95 40.71 -26.81
CA ARG F 165 -10.02 41.41 -26.06
C ARG F 165 -9.65 41.43 -24.57
N ILE F 166 -9.31 40.25 -24.03
CA ILE F 166 -9.05 40.05 -22.57
C ILE F 166 -7.92 41.00 -22.16
N VAL F 167 -6.82 40.97 -22.90
CA VAL F 167 -5.63 41.82 -22.60
C VAL F 167 -6.03 43.29 -22.79
N ASP F 168 -6.69 43.64 -23.89
CA ASP F 168 -7.12 45.04 -24.17
C ASP F 168 -8.04 45.56 -23.05
N LEU F 169 -8.96 44.74 -22.54
CA LEU F 169 -10.06 45.23 -21.66
C LEU F 169 -9.65 45.25 -20.18
N TYR F 170 -8.78 44.32 -19.73
CA TYR F 170 -8.67 43.96 -18.30
C TYR F 170 -7.23 44.03 -17.78
N SER F 171 -6.24 44.35 -18.62
CA SER F 171 -4.79 44.33 -18.26
C SER F 171 -4.47 45.36 -17.17
N ASP F 172 -5.16 46.50 -17.17
CA ASP F 172 -4.84 47.65 -16.28
C ASP F 172 -5.79 47.72 -15.09
N LYS F 173 -6.60 46.67 -14.86
CA LYS F 173 -7.55 46.62 -13.71
C LYS F 173 -6.78 46.25 -12.44
N SER F 174 -7.10 46.93 -11.33
CA SER F 174 -6.52 46.69 -9.97
C SER F 174 -6.90 45.28 -9.48
N TRP F 175 -8.06 44.76 -9.90
CA TRP F 175 -8.55 43.43 -9.46
C TRP F 175 -7.95 42.31 -10.34
N VAL F 176 -7.04 42.66 -11.24
CA VAL F 176 -6.29 41.69 -12.09
C VAL F 176 -4.80 41.75 -11.74
N THR F 177 -4.16 40.59 -11.61
CA THR F 177 -2.68 40.46 -11.48
C THR F 177 -2.12 39.86 -12.76
N ILE F 178 -1.24 40.60 -13.44
CA ILE F 178 -0.54 40.17 -14.69
C ILE F 178 0.66 39.29 -14.30
N GLY F 179 0.67 38.04 -14.77
CA GLY F 179 1.81 37.11 -14.63
C GLY F 179 2.65 37.09 -15.90
N LYS F 180 3.98 37.18 -15.77
CA LYS F 180 4.92 37.25 -16.92
C LYS F 180 5.30 35.83 -17.34
N GLY F 181 5.80 35.02 -16.40
CA GLY F 181 6.11 33.59 -16.63
C GLY F 181 7.54 33.39 -17.11
N GLU F 182 8.26 32.46 -16.46
CA GLU F 182 9.62 32.01 -16.83
C GLU F 182 9.58 30.48 -17.00
N VAL F 183 10.13 29.94 -18.08
CA VAL F 183 10.19 28.47 -18.32
C VAL F 183 11.35 27.89 -17.48
N SER F 184 11.04 27.49 -16.25
CA SER F 184 11.98 26.90 -15.25
C SER F 184 11.17 26.19 -14.16
N GLU F 185 11.83 25.36 -13.35
CA GLU F 185 11.19 24.65 -12.21
C GLU F 185 10.76 25.68 -11.16
N GLU F 186 11.63 26.65 -10.88
CA GLU F 186 11.35 27.82 -10.00
C GLU F 186 10.21 28.66 -10.61
N GLY F 187 10.29 28.91 -11.92
CA GLY F 187 9.27 29.68 -12.67
C GLY F 187 7.92 29.01 -12.59
N HIS F 188 7.89 27.69 -12.82
CA HIS F 188 6.66 26.86 -12.77
C HIS F 188 6.04 26.94 -11.37
N ARG F 189 6.87 26.87 -10.33
CA ARG F 189 6.45 26.96 -8.91
C ARG F 189 5.79 28.32 -8.66
N LYS F 190 6.40 29.41 -9.14
CA LYS F 190 5.93 30.81 -8.97
C LYS F 190 4.56 30.96 -9.66
N PHE F 191 4.45 30.44 -10.88
CA PHE F 191 3.21 30.39 -11.71
C PHE F 191 2.07 29.77 -10.90
N LEU F 192 2.30 28.57 -10.35
CA LEU F 192 1.28 27.78 -9.59
C LEU F 192 0.85 28.55 -8.33
N GLU F 193 1.81 29.09 -7.57
CA GLU F 193 1.55 29.88 -6.33
C GLU F 193 0.72 31.13 -6.68
N ASP F 194 1.04 31.84 -7.77
CA ASP F 194 0.30 33.03 -8.24
C ASP F 194 -1.17 32.65 -8.52
N TYR F 196 -2.81 30.02 -7.57
CA TYR F 196 -3.43 29.52 -6.36
C TYR F 196 -3.91 30.69 -5.48
N ALA F 197 -3.26 31.85 -5.58
CA ALA F 197 -3.55 33.03 -4.75
C ALA F 197 -4.65 33.90 -5.39
N HIS F 198 -5.39 33.37 -6.37
CA HIS F 198 -6.57 34.06 -6.97
C HIS F 198 -7.82 33.19 -6.91
N LYS F 199 -8.99 33.85 -6.95
CA LYS F 199 -10.33 33.22 -6.98
C LYS F 199 -10.62 32.77 -8.41
N PHE F 200 -10.14 33.53 -9.40
CA PHE F 200 -10.36 33.26 -10.85
C PHE F 200 -9.04 33.29 -11.63
N CYS F 201 -9.09 32.65 -12.79
CA CYS F 201 -8.03 32.61 -13.82
C CYS F 201 -8.67 32.74 -15.20
N PHE F 202 -8.23 33.71 -16.01
CA PHE F 202 -8.56 33.79 -17.45
C PHE F 202 -8.05 32.50 -18.12
N ALA F 203 -8.96 31.65 -18.61
CA ALA F 203 -8.59 30.40 -19.33
C ALA F 203 -9.21 30.39 -20.71
N PRO F 204 -8.92 31.38 -21.57
CA PRO F 204 -9.49 31.42 -22.91
C PRO F 204 -8.89 30.29 -23.77
N ARG F 205 -9.63 29.81 -24.76
CA ARG F 205 -9.12 28.83 -25.76
C ARG F 205 -7.84 29.36 -26.43
N GLY F 206 -6.99 28.43 -26.86
CA GLY F 206 -5.77 28.71 -27.62
C GLY F 206 -5.89 28.18 -29.04
N ASN F 207 -4.78 27.71 -29.61
CA ASN F 207 -4.75 27.12 -30.97
C ASN F 207 -5.77 25.98 -31.02
N GLY F 208 -5.80 25.16 -29.97
CA GLY F 208 -6.87 24.19 -29.67
C GLY F 208 -7.91 24.78 -28.73
N ILE F 209 -9.12 24.22 -28.72
CA ILE F 209 -10.27 24.77 -27.92
C ILE F 209 -9.97 24.56 -26.43
N ASP F 210 -9.66 23.33 -26.05
CA ASP F 210 -9.25 22.96 -24.66
C ASP F 210 -7.81 23.42 -24.44
N THR F 211 -7.53 23.92 -23.25
CA THR F 211 -6.20 24.42 -22.79
C THR F 211 -5.85 23.80 -21.45
N HIS F 212 -4.55 23.63 -21.20
CA HIS F 212 -3.98 23.17 -19.91
C HIS F 212 -4.42 24.08 -18.76
N ARG F 213 -4.57 25.38 -19.03
CA ARG F 213 -4.79 26.43 -17.99
C ARG F 213 -6.10 26.17 -17.25
N LEU F 214 -7.14 25.74 -17.97
CA LEU F 214 -8.47 25.39 -17.41
C LEU F 214 -8.28 24.38 -16.27
N TRP F 215 -7.51 23.31 -16.52
CA TRP F 215 -7.40 22.13 -15.62
C TRP F 215 -6.42 22.44 -14.49
N GLU F 216 -5.34 23.17 -14.77
CA GLU F 216 -4.39 23.69 -13.76
C GLU F 216 -5.17 24.53 -12.73
N SER F 217 -6.09 25.36 -13.21
CA SER F 217 -6.93 26.26 -12.38
C SER F 217 -7.81 25.41 -11.44
N LEU F 218 -8.51 24.42 -11.98
CA LEU F 218 -9.47 23.58 -11.19
C LEU F 218 -8.71 22.73 -10.16
N TYR F 219 -7.52 22.22 -10.48
CA TYR F 219 -6.70 21.42 -9.53
C TYR F 219 -6.24 22.30 -8.35
N LEU F 220 -6.03 23.60 -8.57
CA LEU F 220 -5.64 24.59 -7.53
C LEU F 220 -6.89 25.23 -6.90
N ARG F 221 -8.09 24.77 -7.28
CA ARG F 221 -9.39 25.25 -6.75
C ARG F 221 -9.54 26.76 -7.06
N THR F 222 -8.96 27.22 -8.16
CA THR F 222 -9.19 28.56 -8.76
C THR F 222 -10.22 28.37 -9.89
N ILE F 223 -11.20 29.28 -10.00
CA ILE F 223 -12.29 29.18 -11.02
C ILE F 223 -11.75 29.66 -12.36
N PRO F 224 -11.73 28.80 -13.40
CA PRO F 224 -11.34 29.22 -14.74
C PRO F 224 -12.52 29.94 -15.42
N ILE F 225 -12.23 31.04 -16.11
CA ILE F 225 -13.19 31.80 -16.96
C ILE F 225 -12.94 31.38 -18.41
N VAL F 226 -13.95 30.82 -19.08
CA VAL F 226 -13.85 30.17 -20.42
C VAL F 226 -15.06 30.58 -21.27
N LYS F 227 -14.86 30.80 -22.57
CA LYS F 227 -15.98 31.15 -23.49
C LYS F 227 -16.75 29.87 -23.82
N LYS F 228 -18.07 29.96 -23.88
CA LYS F 228 -18.98 28.82 -24.16
C LYS F 228 -18.62 28.22 -25.52
N HIS F 229 -18.65 26.90 -25.61
CA HIS F 229 -18.28 26.13 -26.82
C HIS F 229 -18.77 24.69 -26.65
N ILE F 230 -19.14 24.02 -27.75
CA ILE F 230 -19.63 22.61 -27.73
C ILE F 230 -18.52 21.70 -27.17
N ALA F 231 -17.25 22.08 -27.32
CA ALA F 231 -16.09 21.36 -26.73
C ALA F 231 -16.09 21.47 -25.21
N GLU F 233 -19.25 21.87 -23.49
CA GLU F 233 -20.63 21.77 -23.05
C GLU F 233 -20.82 20.59 -22.08
N GLN F 234 -19.95 19.58 -22.11
CA GLN F 234 -20.02 18.38 -21.23
C GLN F 234 -19.27 18.64 -19.93
N PHE F 235 -18.72 19.85 -19.74
CA PHE F 235 -18.00 20.25 -18.51
C PHE F 235 -18.82 21.25 -17.69
N THR F 236 -20.12 21.39 -17.97
CA THR F 236 -21.02 22.33 -17.25
C THR F 236 -21.33 21.80 -15.84
N ASP F 237 -20.95 20.57 -15.50
CA ASP F 237 -21.06 20.02 -14.11
C ASP F 237 -19.70 20.12 -13.41
N LEU F 238 -18.80 20.95 -13.94
CA LEU F 238 -17.54 21.38 -13.25
C LEU F 238 -17.61 22.88 -12.97
N PRO F 239 -16.91 23.36 -11.91
CA PRO F 239 -17.00 24.76 -11.50
C PRO F 239 -16.17 25.70 -12.39
N ILE F 240 -16.62 25.86 -13.64
CA ILE F 240 -16.01 26.73 -14.66
C ILE F 240 -16.94 27.93 -14.85
N LEU F 241 -16.41 29.15 -14.90
CA LEU F 241 -17.23 30.34 -15.25
C LEU F 241 -17.30 30.43 -16.78
N PHE F 242 -18.41 29.98 -17.37
CA PHE F 242 -18.66 30.02 -18.83
C PHE F 242 -19.28 31.37 -19.19
N VAL F 243 -18.65 32.09 -20.12
CA VAL F 243 -19.07 33.47 -20.56
C VAL F 243 -19.57 33.41 -22.01
N ASN F 244 -20.56 34.24 -22.34
CA ASN F 244 -21.12 34.37 -23.72
C ASN F 244 -20.10 35.11 -24.60
N ASP F 245 -19.40 36.08 -24.01
CA ASP F 245 -18.37 36.92 -24.69
C ASP F 245 -17.39 37.39 -23.61
N TRP F 246 -16.44 38.26 -23.95
CA TRP F 246 -15.33 38.68 -23.05
C TRP F 246 -15.54 40.11 -22.55
N GLU F 247 -16.71 40.69 -22.82
CA GLU F 247 -17.04 42.13 -22.60
C GLU F 247 -17.85 42.27 -21.30
N ASN F 248 -17.51 43.28 -20.50
CA ASN F 248 -18.26 43.75 -19.30
C ASN F 248 -18.07 42.79 -18.13
N ILE F 249 -16.91 42.13 -18.03
CA ILE F 249 -16.47 41.52 -16.75
C ILE F 249 -16.15 42.70 -15.81
N THR F 250 -16.73 42.69 -14.61
CA THR F 250 -16.48 43.69 -13.55
C THR F 250 -16.19 42.97 -12.23
N GLU F 251 -15.62 43.70 -11.28
CA GLU F 251 -15.38 43.23 -9.90
C GLU F 251 -16.68 42.64 -9.36
N GLU F 252 -17.79 43.38 -9.50
CA GLU F 252 -19.14 43.03 -8.96
C GLU F 252 -19.64 41.74 -9.63
N TYR F 253 -19.51 41.62 -10.94
CA TYR F 253 -19.91 40.40 -11.69
C TYR F 253 -19.17 39.19 -11.10
N LEU F 254 -17.82 39.28 -10.99
CA LEU F 254 -16.96 38.15 -10.55
C LEU F 254 -17.25 37.80 -9.08
N ASN F 255 -17.32 38.80 -8.19
CA ASN F 255 -17.63 38.61 -6.75
C ASN F 255 -18.91 37.77 -6.60
N GLU F 256 -19.97 38.10 -7.34
CA GLU F 256 -21.27 37.38 -7.29
C GLU F 256 -21.10 35.95 -7.86
N GLN F 257 -20.40 35.81 -8.98
CA GLN F 257 -20.17 34.49 -9.61
C GLN F 257 -19.37 33.60 -8.63
N TYR F 258 -18.39 34.17 -7.92
CA TYR F 258 -17.58 33.44 -6.90
C TYR F 258 -18.51 32.85 -5.83
N ASP F 259 -19.43 33.64 -5.29
CA ASP F 259 -20.37 33.18 -4.22
C ASP F 259 -21.28 32.08 -4.77
N ILE F 260 -21.88 32.27 -5.95
CA ILE F 260 -22.77 31.24 -6.58
C ILE F 260 -21.98 29.93 -6.75
N ILE F 261 -20.81 29.98 -7.39
CA ILE F 261 -20.02 28.76 -7.77
C ILE F 261 -19.58 28.02 -6.50
N ALA F 263 -20.90 27.95 -3.59
CA ALA F 263 -22.02 27.39 -2.87
C ALA F 263 -22.59 26.15 -3.57
N LYS F 264 -22.32 25.97 -4.87
CA LYS F 264 -22.94 24.87 -5.67
C LYS F 264 -22.19 23.55 -5.48
N ASP F 265 -22.88 22.45 -5.76
CA ASP F 265 -22.33 21.07 -5.86
C ASP F 265 -21.84 20.83 -7.30
N TRP F 266 -20.67 20.21 -7.45
CA TRP F 266 -20.04 19.93 -8.77
C TRP F 266 -19.61 18.46 -8.84
N ASN F 267 -19.58 17.91 -10.06
CA ASN F 267 -19.16 16.51 -10.35
C ASN F 267 -17.62 16.45 -10.38
N LEU F 268 -16.97 16.70 -9.23
CA LEU F 268 -15.50 16.86 -9.10
C LEU F 268 -14.74 15.55 -9.41
N ASP F 269 -15.41 14.39 -9.37
CA ASP F 269 -14.80 13.09 -9.75
C ASP F 269 -14.33 13.13 -11.21
N LYS F 270 -14.95 13.98 -12.04
CA LYS F 270 -14.53 14.20 -13.46
C LYS F 270 -13.09 14.72 -13.53
N LEU F 271 -12.55 15.29 -12.45
CA LEU F 271 -11.15 15.80 -12.39
C LEU F 271 -10.18 14.65 -12.12
N LYS F 272 -10.67 13.47 -11.74
CA LYS F 272 -9.82 12.32 -11.32
C LYS F 272 -9.79 11.29 -12.45
N ILE F 273 -8.60 10.82 -12.80
CA ILE F 273 -8.34 9.94 -13.97
C ILE F 273 -9.16 8.65 -13.86
N ASP F 274 -9.36 8.12 -12.63
CA ASP F 274 -10.15 6.89 -12.39
C ASP F 274 -11.54 7.01 -13.01
N TYR F 275 -12.16 8.19 -12.97
CA TYR F 275 -13.51 8.43 -13.56
C TYR F 275 -13.48 8.05 -15.05
N TRP F 276 -12.40 8.39 -15.74
CA TRP F 276 -12.25 8.23 -17.21
C TRP F 276 -11.80 6.81 -17.56
N TYR F 277 -10.89 6.23 -16.76
CA TYR F 277 -10.57 4.78 -16.82
C TYR F 277 -11.87 3.97 -16.85
N GLN F 278 -12.79 4.25 -15.92
CA GLN F 278 -14.05 3.47 -15.74
C GLN F 278 -15.02 3.72 -16.90
N LYS F 279 -15.15 4.97 -17.35
CA LYS F 279 -16.03 5.33 -18.49
C LYS F 279 -15.57 4.58 -19.76
N ILE F 280 -14.25 4.49 -19.97
CA ILE F 280 -13.70 3.78 -21.16
C ILE F 280 -14.04 2.29 -21.02
N LEU F 281 -13.84 1.71 -19.83
CA LEU F 281 -14.20 0.29 -19.52
C LEU F 281 -15.69 0.07 -19.78
N GLU F 282 -16.53 0.98 -19.29
CA GLU F 282 -18.00 0.91 -19.40
C GLU F 282 -18.41 0.65 -20.86
N TYR F 283 -17.81 1.37 -21.82
CA TYR F 283 -18.19 1.35 -23.26
C TYR F 283 -17.37 0.30 -24.03
N SER F 284 -16.42 -0.36 -23.35
CA SER F 284 -15.56 -1.45 -23.90
C SER F 284 -16.28 -2.79 -23.81
N GLY G 4 -22.23 -23.65 13.54
CA GLY G 4 -21.34 -23.82 12.35
C GLY G 4 -21.97 -23.28 11.09
N SER G 5 -21.77 -21.99 10.79
CA SER G 5 -22.50 -21.24 9.75
C SER G 5 -22.18 -21.73 8.35
N LYS G 7 -19.18 -23.26 5.05
CA LYS G 7 -17.99 -23.82 4.43
C LYS G 7 -17.16 -22.70 3.82
N LEU G 8 -15.82 -22.86 3.80
CA LEU G 8 -14.85 -21.84 3.32
C LEU G 8 -15.09 -21.55 1.84
N ALA G 9 -15.29 -22.58 1.01
CA ALA G 9 -15.42 -22.49 -0.47
C ALA G 9 -16.66 -21.67 -0.86
N GLU G 10 -17.61 -21.49 0.05
CA GLU G 10 -18.89 -20.77 -0.21
C GLU G 10 -18.88 -19.38 0.42
N LEU G 11 -17.72 -18.90 0.89
CA LEU G 11 -17.54 -17.51 1.37
C LEU G 11 -17.92 -16.55 0.24
N THR G 12 -18.86 -15.64 0.52
CA THR G 12 -19.25 -14.54 -0.39
C THR G 12 -19.09 -13.23 0.39
N LEU G 13 -18.50 -12.22 -0.26
CA LEU G 13 -18.12 -10.94 0.37
C LEU G 13 -18.87 -9.80 -0.32
N GLU G 14 -19.23 -8.77 0.45
CA GLU G 14 -19.71 -7.45 -0.04
C GLU G 14 -18.60 -6.43 0.24
N SER G 15 -18.68 -5.27 -0.38
CA SER G 15 -17.58 -4.26 -0.48
C SER G 15 -17.18 -3.72 0.89
N ASP G 16 -18.11 -3.66 1.86
N ASP G 16 -18.13 -3.69 1.85
CA ASP G 16 -17.83 -3.11 3.23
CA ASP G 16 -17.95 -3.12 3.21
C ASP G 16 -17.70 -4.24 4.25
C ASP G 16 -17.72 -4.24 4.25
N ASP G 17 -17.60 -5.50 3.82
CA ASP G 17 -17.45 -6.66 4.74
C ASP G 17 -16.06 -6.70 5.38
N PHE G 18 -15.04 -6.14 4.71
CA PHE G 18 -13.62 -6.30 5.06
C PHE G 18 -13.31 -5.58 6.39
N ILE G 19 -12.67 -6.29 7.31
CA ILE G 19 -12.20 -5.78 8.62
C ILE G 19 -10.95 -4.94 8.38
N THR G 20 -10.94 -3.74 8.94
CA THR G 20 -9.76 -2.88 9.16
C THR G 20 -9.90 -2.31 10.57
N SER G 21 -8.80 -1.96 11.23
CA SER G 21 -8.81 -1.32 12.57
C SER G 21 -9.36 0.11 12.46
N ASP G 22 -9.22 0.78 11.30
CA ASP G 22 -9.82 2.11 11.05
C ASP G 22 -11.34 2.04 11.22
N LYS G 23 -11.98 0.95 10.75
CA LYS G 23 -13.46 0.79 10.81
C LYS G 23 -13.88 0.73 12.28
N LEU G 24 -13.09 0.09 13.14
CA LEU G 24 -13.38 -0.04 14.59
C LEU G 24 -13.12 1.30 15.30
N PHE G 25 -12.05 2.02 14.94
CA PHE G 25 -11.76 3.37 15.51
C PHE G 25 -12.92 4.31 15.16
N ASN G 26 -13.35 4.29 13.89
CA ASN G 26 -14.38 5.21 13.34
C ASN G 26 -15.71 4.91 14.02
N PHE G 27 -16.03 3.62 14.20
CA PHE G 27 -17.23 3.14 14.93
C PHE G 27 -17.24 3.70 16.37
N CYS G 28 -16.16 3.50 17.12
CA CYS G 28 -16.01 3.89 18.55
C CYS G 28 -16.08 5.42 18.68
N LYS G 29 -15.28 6.13 17.88
CA LYS G 29 -15.15 7.61 17.90
C LYS G 29 -16.50 8.25 17.57
N SER G 30 -17.24 7.73 16.59
CA SER G 30 -18.42 8.37 15.95
C SER G 30 -19.72 8.07 16.70
N THR G 31 -19.75 7.08 17.59
CA THR G 31 -21.00 6.61 18.25
C THR G 31 -21.07 7.13 19.70
N ILE G 32 -22.28 7.10 20.26
CA ILE G 32 -22.64 7.59 21.63
C ILE G 32 -22.54 6.43 22.64
N PHE G 33 -22.22 5.21 22.18
CA PHE G 33 -22.30 3.96 22.98
C PHE G 33 -21.25 3.95 24.11
N GLY G 34 -20.24 4.82 24.05
CA GLY G 34 -19.24 5.01 25.13
C GLY G 34 -18.02 4.11 24.98
N ALA G 35 -17.94 3.30 23.92
CA ALA G 35 -16.73 2.52 23.56
C ALA G 35 -15.61 3.50 23.18
N LYS G 36 -14.42 3.36 23.79
CA LYS G 36 -13.23 4.19 23.49
C LYS G 36 -12.18 3.35 22.75
N TYR G 37 -11.71 3.88 21.62
CA TYR G 37 -10.60 3.29 20.82
C TYR G 37 -9.32 4.06 21.14
N VAL G 38 -8.33 3.38 21.70
CA VAL G 38 -7.00 3.94 22.04
C VAL G 38 -5.93 3.18 21.26
N LYS G 39 -5.10 3.89 20.49
CA LYS G 39 -3.87 3.34 19.88
C LYS G 39 -3.01 2.73 20.98
N THR G 40 -2.52 1.50 20.79
CA THR G 40 -1.98 0.68 21.90
C THR G 40 -0.84 1.41 22.61
N ASP G 41 -0.06 2.24 21.90
CA ASP G 41 1.14 2.95 22.43
C ASP G 41 0.78 3.81 23.66
N PHE G 42 -0.40 4.40 23.70
CA PHE G 42 -0.83 5.32 24.79
C PHE G 42 -1.31 4.51 25.99
N ILE G 43 -1.60 3.23 25.79
CA ILE G 43 -1.82 2.27 26.92
C ILE G 43 -0.45 1.84 27.44
N LYS G 44 0.44 1.34 26.58
CA LYS G 44 1.76 0.79 26.97
C LYS G 44 2.57 1.84 27.74
N PHE G 45 2.56 3.11 27.34
CA PHE G 45 3.39 4.19 27.92
C PHE G 45 2.51 5.25 28.62
N ARG G 46 1.49 4.80 29.37
CA ARG G 46 0.57 5.72 30.09
C ARG G 46 1.36 6.40 31.22
N GLN G 47 1.09 7.68 31.49
CA GLN G 47 1.76 8.48 32.53
C GLN G 47 0.80 8.65 33.72
N TYR G 48 -0.45 8.21 33.56
CA TYR G 48 -1.45 8.03 34.63
C TYR G 48 -1.96 6.58 34.58
N GLN G 49 -2.45 6.07 35.71
CA GLN G 49 -2.90 4.65 35.82
C GLN G 49 -4.11 4.42 34.92
N TYR G 50 -5.13 5.28 35.02
CA TYR G 50 -6.47 5.07 34.40
C TYR G 50 -6.85 6.24 33.49
N ILE G 51 -5.92 7.11 33.11
CA ILE G 51 -6.18 8.27 32.19
C ILE G 51 -5.23 8.18 30.99
N VAL G 52 -5.77 8.09 29.78
CA VAL G 52 -4.99 7.97 28.52
C VAL G 52 -5.60 8.88 27.45
N SER G 53 -4.82 9.25 26.43
CA SER G 53 -5.30 10.04 25.26
C SER G 53 -4.63 9.58 23.96
N ASN G 54 -5.32 9.74 22.84
CA ASN G 54 -4.77 9.50 21.47
C ASN G 54 -3.88 10.69 21.07
N CYS G 55 -3.98 11.79 21.81
CA CYS G 55 -3.00 12.92 21.79
C CYS G 55 -2.91 13.53 20.38
N GLY G 56 -4.03 13.54 19.65
CA GLY G 56 -4.12 14.13 18.30
C GLY G 56 -3.94 13.09 17.20
N TRP G 57 -3.62 11.84 17.55
CA TRP G 57 -3.62 10.70 16.60
C TRP G 57 -5.03 10.57 16.01
N ARG G 58 -5.15 10.47 14.69
CA ARG G 58 -6.46 10.43 13.96
C ARG G 58 -7.30 11.65 14.36
N ASP G 59 -6.65 12.78 14.69
CA ASP G 59 -7.29 14.04 15.13
C ASP G 59 -8.14 13.82 16.40
N ASP G 60 -7.82 12.80 17.19
CA ASP G 60 -8.53 12.53 18.47
C ASP G 60 -7.68 13.08 19.63
N THR G 61 -8.18 14.13 20.28
CA THR G 61 -7.49 14.80 21.42
C THR G 61 -8.31 14.59 22.69
N ASP G 62 -9.35 13.75 22.64
CA ASP G 62 -10.20 13.40 23.82
C ASP G 62 -9.31 12.76 24.88
N VAL G 63 -9.43 13.21 26.13
CA VAL G 63 -8.84 12.54 27.32
C VAL G 63 -9.82 11.43 27.72
N VAL G 64 -9.33 10.19 27.84
CA VAL G 64 -10.17 9.00 28.15
C VAL G 64 -9.94 8.63 29.61
N PHE G 65 -11.05 8.51 30.36
CA PHE G 65 -11.08 8.10 31.78
C PHE G 65 -11.60 6.66 31.82
N LEU G 66 -10.68 5.71 32.01
CA LEU G 66 -10.92 4.25 31.81
C LEU G 66 -11.91 3.73 32.86
N GLU G 67 -11.98 4.38 34.03
CA GLU G 67 -12.95 4.09 35.11
C GLU G 67 -14.39 4.39 34.63
N ASN G 68 -14.54 5.25 33.62
CA ASN G 68 -15.87 5.69 33.11
C ASN G 68 -16.19 5.08 31.74
N THR G 69 -15.41 4.11 31.23
CA THR G 69 -15.63 3.52 29.88
C THR G 69 -16.06 2.06 30.01
N PRO G 70 -17.22 1.67 29.41
CA PRO G 70 -17.70 0.30 29.49
C PRO G 70 -16.94 -0.69 28.59
N VAL G 71 -16.49 -0.23 27.41
CA VAL G 71 -15.77 -1.06 26.41
C VAL G 71 -14.53 -0.30 25.92
N LEU G 72 -13.37 -0.94 26.03
CA LEU G 72 -12.08 -0.42 25.53
C LEU G 72 -11.66 -1.22 24.29
N VAL G 73 -11.19 -0.53 23.25
CA VAL G 73 -10.71 -1.13 21.97
C VAL G 73 -9.32 -0.57 21.68
N THR G 74 -8.32 -1.44 21.48
CA THR G 74 -6.92 -1.04 21.23
C THR G 74 -6.41 -1.72 19.96
N GLY G 75 -5.58 -1.00 19.18
CA GLY G 75 -4.93 -1.54 17.97
C GLY G 75 -4.12 -0.46 17.27
N HIS G 76 -3.93 -0.60 15.96
CA HIS G 76 -3.02 0.19 15.09
C HIS G 76 -1.59 0.14 15.66
N SER G 77 -1.19 -1.01 16.22
CA SER G 77 0.14 -1.21 16.85
C SER G 77 0.51 -2.69 16.86
N ASP G 78 1.80 -2.99 16.75
CA ASP G 78 2.36 -4.36 16.91
C ASP G 78 2.48 -4.71 18.39
N TYR G 79 2.24 -3.76 19.30
CA TYR G 79 2.20 -3.98 20.77
C TYR G 79 1.06 -4.94 21.10
N ASP G 80 1.30 -5.77 22.11
CA ASP G 80 0.32 -6.73 22.67
C ASP G 80 -0.30 -6.15 23.94
N ILE G 81 -1.37 -6.80 24.41
CA ILE G 81 -2.03 -6.55 25.73
C ILE G 81 -1.67 -7.75 26.61
N SER G 82 -1.01 -7.49 27.73
CA SER G 82 -0.31 -8.50 28.57
C SER G 82 -0.50 -8.16 30.05
N GLU G 83 0.20 -8.90 30.91
CA GLU G 83 0.18 -8.78 32.40
C GLU G 83 0.38 -7.33 32.82
N ARG G 84 1.12 -6.54 32.03
CA ARG G 84 1.41 -5.10 32.30
C ARG G 84 0.11 -4.29 32.39
N GLU G 85 -0.96 -4.74 31.71
CA GLU G 85 -2.24 -4.01 31.58
C GLU G 85 -3.30 -4.55 32.55
N ILE G 86 -2.93 -5.48 33.45
CA ILE G 86 -3.89 -6.27 34.30
C ILE G 86 -4.67 -5.32 35.23
N ASP G 87 -4.07 -4.20 35.64
CA ASP G 87 -4.72 -3.22 36.54
C ASP G 87 -5.87 -2.55 35.80
N ILE G 88 -5.71 -2.26 34.50
CA ILE G 88 -6.80 -1.68 33.66
C ILE G 88 -7.85 -2.78 33.41
N ILE G 89 -7.41 -4.00 33.12
CA ILE G 89 -8.31 -5.16 32.83
C ILE G 89 -9.24 -5.37 34.04
N ARG G 90 -8.72 -5.23 35.26
CA ARG G 90 -9.46 -5.55 36.51
C ARG G 90 -10.47 -4.45 36.87
N LEU G 91 -10.54 -3.35 36.12
CA LEU G 91 -11.55 -2.28 36.36
C LEU G 91 -12.94 -2.91 36.25
N PRO G 92 -13.79 -2.78 37.30
CA PRO G 92 -15.14 -3.36 37.29
C PRO G 92 -16.04 -2.84 36.17
N ASN G 93 -15.91 -1.56 35.79
CA ASN G 93 -16.76 -0.88 34.78
C ASN G 93 -16.45 -1.37 33.37
N ILE G 94 -15.25 -1.93 33.13
CA ILE G 94 -14.87 -2.43 31.78
C ILE G 94 -15.51 -3.80 31.58
N ARG G 95 -16.51 -3.87 30.72
CA ARG G 95 -17.28 -5.09 30.40
C ARG G 95 -16.43 -5.96 29.46
N ALA G 96 -15.64 -5.35 28.57
CA ALA G 96 -14.83 -6.07 27.56
C ALA G 96 -13.71 -5.16 27.03
N TRP G 97 -12.51 -5.73 26.87
CA TRP G 97 -11.34 -5.13 26.17
C TRP G 97 -11.16 -5.86 24.83
N PHE G 98 -11.51 -5.19 23.74
CA PHE G 98 -11.28 -5.68 22.35
C PHE G 98 -9.89 -5.19 21.92
N CYS G 99 -8.97 -6.09 21.58
CA CYS G 99 -7.57 -5.73 21.27
C CYS G 99 -7.07 -6.54 20.07
N GLN G 100 -6.09 -5.97 19.35
CA GLN G 100 -5.19 -6.78 18.48
C GLN G 100 -4.02 -7.21 19.37
N ASN G 101 -3.49 -8.41 19.13
CA ASN G 101 -2.34 -8.99 19.86
C ASN G 101 -2.73 -9.19 21.34
N ARG G 102 -3.82 -9.92 21.58
CA ARG G 102 -4.20 -10.44 22.91
C ARG G 102 -3.06 -11.34 23.41
N ASN G 103 -2.45 -11.01 24.55
CA ASN G 103 -1.30 -11.80 25.09
C ASN G 103 -1.40 -11.92 26.61
N ILE G 104 -2.60 -12.14 27.14
CA ILE G 104 -2.87 -12.48 28.56
C ILE G 104 -4.06 -13.43 28.56
N PRO G 105 -3.99 -14.58 29.25
CA PRO G 105 -5.11 -15.54 29.27
C PRO G 105 -6.24 -15.08 30.18
N HIS G 106 -6.85 -13.92 29.88
CA HIS G 106 -7.90 -13.29 30.71
C HIS G 106 -9.22 -13.28 29.93
N PRO G 107 -10.34 -13.72 30.53
CA PRO G 107 -11.60 -13.83 29.79
C PRO G 107 -12.25 -12.49 29.41
N LYS G 108 -11.80 -11.38 30.00
CA LYS G 108 -12.35 -10.03 29.71
C LYS G 108 -11.77 -9.48 28.41
N VAL G 109 -10.57 -9.94 28.05
CA VAL G 109 -9.83 -9.50 26.83
C VAL G 109 -10.27 -10.36 25.64
N ILE G 110 -10.75 -9.70 24.57
CA ILE G 110 -11.32 -10.33 23.35
C ILE G 110 -10.48 -9.89 22.14
N SER G 111 -9.79 -10.84 21.49
CA SER G 111 -9.12 -10.64 20.18
C SER G 111 -10.14 -10.14 19.16
N PHE G 112 -9.75 -9.14 18.36
CA PHE G 112 -10.42 -8.83 17.07
C PHE G 112 -9.37 -8.99 15.99
N PRO G 113 -9.75 -9.47 14.78
CA PRO G 113 -8.80 -9.66 13.69
C PRO G 113 -8.15 -8.34 13.26
N LEU G 114 -6.84 -8.34 13.04
CA LEU G 114 -6.10 -7.20 12.46
C LEU G 114 -6.75 -6.81 11.14
N GLY G 115 -7.14 -7.82 10.35
CA GLY G 115 -7.78 -7.68 9.03
C GLY G 115 -6.83 -7.06 8.03
N ILE G 116 -7.29 -6.04 7.31
CA ILE G 116 -6.60 -5.45 6.12
C ILE G 116 -6.04 -4.08 6.49
N THR G 117 -4.88 -3.77 5.92
CA THR G 117 -4.21 -2.44 5.95
C THR G 117 -5.25 -1.32 5.82
N ASN G 118 -5.10 -0.27 6.63
CA ASN G 118 -5.93 0.96 6.61
C ASN G 118 -5.52 1.80 5.40
N LYS G 119 -6.29 1.77 4.31
CA LYS G 119 -5.99 2.51 3.05
C LYS G 119 -5.97 4.03 3.30
N ASP G 120 -6.69 4.50 4.31
CA ASP G 120 -6.85 5.95 4.63
C ASP G 120 -5.78 6.41 5.62
N GLU G 121 -4.76 5.59 5.93
CA GLU G 121 -3.59 6.05 6.71
C GLU G 121 -3.07 7.32 6.01
N PRO G 122 -3.12 8.52 6.64
CA PRO G 122 -2.88 9.76 5.90
C PRO G 122 -1.47 9.83 5.28
N ASN G 123 -1.41 10.27 4.01
CA ASN G 123 -0.16 10.64 3.30
C ASN G 123 0.77 9.43 3.17
N SER G 124 0.21 8.22 3.06
CA SER G 124 0.97 6.95 2.90
C SER G 124 0.49 6.19 1.65
N GLU G 125 1.28 6.21 0.59
CA GLU G 125 0.90 5.56 -0.69
C GLU G 125 0.83 4.04 -0.50
N ILE G 126 1.75 3.44 0.25
CA ILE G 126 1.81 1.96 0.46
C ILE G 126 0.48 1.50 1.08
N HIS G 127 0.00 2.24 2.10
CA HIS G 127 -1.30 1.97 2.78
C HIS G 127 -2.44 2.03 1.75
N ARG G 128 -2.41 3.02 0.85
CA ARG G 128 -3.45 3.23 -0.19
C ARG G 128 -3.48 2.04 -1.16
N ILE G 129 -2.31 1.45 -1.44
CA ILE G 129 -2.15 0.32 -2.41
C ILE G 129 -2.61 -0.98 -1.74
N ILE G 130 -2.00 -1.34 -0.61
CA ILE G 130 -2.21 -2.65 0.08
C ILE G 130 -3.55 -2.62 0.84
N GLY G 131 -4.05 -1.43 1.18
CA GLY G 131 -5.36 -1.26 1.82
C GLY G 131 -6.53 -1.36 0.85
N ASN G 132 -6.28 -1.68 -0.42
CA ASN G 132 -7.30 -1.66 -1.49
C ASN G 132 -8.10 -2.97 -1.43
N THR G 133 -9.20 -2.96 -0.69
CA THR G 133 -10.09 -4.14 -0.48
C THR G 133 -10.90 -4.40 -1.75
N ASP G 134 -11.16 -3.37 -2.57
CA ASP G 134 -11.94 -3.50 -3.83
C ASP G 134 -11.21 -4.50 -4.74
N ARG G 135 -9.89 -4.41 -4.86
CA ARG G 135 -9.05 -5.38 -5.62
C ARG G 135 -9.21 -6.78 -5.03
N ILE G 136 -9.30 -6.90 -3.70
CA ILE G 136 -9.45 -8.21 -3.00
C ILE G 136 -10.81 -8.79 -3.40
N LEU G 137 -11.87 -8.00 -3.27
CA LEU G 137 -13.25 -8.40 -3.67
C LEU G 137 -13.23 -8.88 -5.12
N GLU G 138 -12.66 -8.10 -6.05
CA GLU G 138 -12.65 -8.41 -7.50
C GLU G 138 -12.04 -9.80 -7.70
N VAL G 139 -10.76 -9.96 -7.32
CA VAL G 139 -10.00 -11.23 -7.43
C VAL G 139 -10.88 -12.36 -6.85
N SER G 140 -11.55 -12.11 -5.73
CA SER G 140 -12.37 -13.10 -4.99
C SER G 140 -13.55 -13.59 -5.84
N LYS G 141 -13.97 -12.82 -6.85
CA LYS G 141 -15.16 -13.13 -7.69
C LYS G 141 -14.72 -13.80 -9.01
N THR G 142 -13.41 -13.92 -9.26
CA THR G 142 -12.88 -14.67 -10.43
C THR G 142 -12.93 -16.17 -10.13
N PRO G 143 -12.77 -17.04 -11.16
CA PRO G 143 -12.59 -18.47 -10.92
C PRO G 143 -11.28 -18.77 -10.17
N LYS G 144 -11.38 -19.47 -9.04
CA LYS G 144 -10.22 -19.89 -8.19
C LYS G 144 -9.54 -21.10 -8.85
N GLU G 145 -8.51 -20.85 -9.64
CA GLU G 145 -7.72 -21.91 -10.33
C GLU G 145 -6.43 -22.14 -9.54
N ILE G 146 -6.31 -23.34 -8.95
CA ILE G 146 -5.15 -23.76 -8.11
C ILE G 146 -3.94 -24.01 -9.02
N LYS G 147 -2.87 -23.22 -8.87
CA LYS G 147 -1.59 -23.42 -9.59
C LYS G 147 -0.68 -24.33 -8.75
N ASN G 148 -0.69 -24.18 -7.43
CA ASN G 148 0.20 -24.94 -6.51
C ASN G 148 -0.44 -25.05 -5.12
N LEU G 149 0.23 -25.73 -4.19
CA LEU G 149 -0.32 -26.12 -2.87
C LEU G 149 -0.15 -24.96 -1.89
N VAL G 150 1.04 -24.36 -1.79
CA VAL G 150 1.36 -23.34 -0.75
C VAL G 150 2.05 -22.13 -1.38
N TYR G 151 1.55 -20.94 -1.05
CA TYR G 151 2.13 -19.63 -1.42
C TYR G 151 3.02 -19.15 -0.27
N ASN G 153 5.39 -15.89 0.70
CA ASN G 153 5.81 -14.53 0.45
C ASN G 153 5.97 -13.83 1.80
N ILE G 154 7.15 -13.90 2.39
CA ILE G 154 7.32 -13.46 3.81
C ILE G 154 8.69 -12.81 3.97
N THR G 155 8.75 -11.75 4.78
CA THR G 155 10.00 -11.03 5.12
CA THR G 155 9.99 -11.02 5.13
C THR G 155 10.53 -11.60 6.45
N VAL G 156 11.63 -12.35 6.37
CA VAL G 156 12.24 -13.11 7.50
C VAL G 156 12.52 -12.18 8.70
N LYS G 157 12.97 -10.95 8.45
CA LYS G 157 13.56 -10.03 9.48
C LYS G 157 12.49 -9.61 10.49
N ASN G 158 11.21 -9.67 10.11
CA ASN G 158 10.08 -9.24 10.97
C ASN G 158 10.00 -10.14 12.22
N PHE G 159 10.30 -11.44 12.09
CA PHE G 159 10.38 -12.42 13.21
C PHE G 159 11.18 -13.66 12.80
N PRO G 160 12.52 -13.59 12.78
CA PRO G 160 13.36 -14.65 12.22
C PRO G 160 13.13 -16.06 12.80
N GLU G 161 12.99 -16.19 14.11
CA GLU G 161 13.03 -17.52 14.79
C GLU G 161 11.94 -18.45 14.22
N GLU G 162 10.81 -17.90 13.74
CA GLU G 162 9.77 -18.68 13.02
C GLU G 162 10.04 -18.62 11.52
N ARG G 163 10.22 -17.41 10.97
CA ARG G 163 10.25 -17.13 9.51
C ARG G 163 11.51 -17.71 8.86
N GLN G 164 12.66 -17.68 9.52
CA GLN G 164 13.91 -18.26 8.94
C GLN G 164 13.69 -19.75 8.67
N ARG G 165 12.99 -20.45 9.57
CA ARG G 165 12.76 -21.92 9.48
C ARG G 165 11.88 -22.21 8.26
N ILE G 166 10.83 -21.40 8.05
CA ILE G 166 9.90 -21.56 6.90
C ILE G 166 10.70 -21.46 5.60
N VAL G 167 11.53 -20.42 5.47
CA VAL G 167 12.33 -20.20 4.24
C VAL G 167 13.36 -21.33 4.12
N ASP G 168 14.10 -21.64 5.18
CA ASP G 168 15.17 -22.66 5.12
C ASP G 168 14.58 -24.03 4.72
N LEU G 169 13.45 -24.41 5.32
CA LEU G 169 12.86 -25.78 5.17
C LEU G 169 12.13 -25.94 3.83
N TYR G 170 11.43 -24.91 3.34
CA TYR G 170 10.33 -25.09 2.34
C TYR G 170 10.53 -24.25 1.07
N SER G 171 11.50 -23.33 1.02
CA SER G 171 11.72 -22.44 -0.15
C SER G 171 11.79 -23.27 -1.44
N ASP G 172 12.50 -24.40 -1.41
CA ASP G 172 12.94 -25.16 -2.61
C ASP G 172 11.96 -26.31 -2.92
N LYS G 173 10.80 -26.39 -2.25
CA LYS G 173 9.81 -27.47 -2.50
C LYS G 173 9.03 -27.15 -3.78
N SER G 174 8.80 -28.17 -4.61
CA SER G 174 8.03 -28.08 -5.88
C SER G 174 6.59 -27.63 -5.56
N TRP G 175 6.05 -28.06 -4.41
CA TRP G 175 4.67 -27.75 -3.96
C TRP G 175 4.58 -26.35 -3.34
N VAL G 176 5.68 -25.58 -3.29
CA VAL G 176 5.72 -24.18 -2.79
C VAL G 176 6.01 -23.23 -3.97
N THR G 177 5.29 -22.10 -4.05
CA THR G 177 5.65 -20.97 -4.95
C THR G 177 6.12 -19.80 -4.10
N ILE G 178 7.29 -19.26 -4.43
CA ILE G 178 7.85 -18.03 -3.84
C ILE G 178 7.19 -16.84 -4.54
N GLY G 179 6.64 -15.90 -3.77
CA GLY G 179 6.05 -14.64 -4.26
C GLY G 179 7.11 -13.57 -4.36
N LYS G 180 7.12 -12.86 -5.50
CA LYS G 180 8.00 -11.69 -5.76
C LYS G 180 7.17 -10.43 -5.51
N GLY G 181 7.61 -9.57 -4.58
CA GLY G 181 6.85 -8.41 -4.08
C GLY G 181 7.16 -7.14 -4.85
N GLU G 182 6.17 -6.64 -5.60
CA GLU G 182 6.16 -5.28 -6.20
C GLU G 182 5.09 -4.45 -5.47
N VAL G 183 5.49 -3.34 -4.83
CA VAL G 183 4.58 -2.41 -4.11
C VAL G 183 4.07 -1.36 -5.13
N SER G 184 3.10 -1.78 -5.94
CA SER G 184 2.38 -0.96 -6.94
C SER G 184 0.95 -1.48 -7.06
N GLU G 185 0.08 -0.79 -7.79
CA GLU G 185 -1.33 -1.21 -7.99
C GLU G 185 -1.31 -2.57 -8.73
N GLU G 186 -0.46 -2.70 -9.75
CA GLU G 186 -0.30 -3.93 -10.57
C GLU G 186 0.22 -5.07 -9.68
N GLY G 187 1.30 -4.81 -8.92
CA GLY G 187 1.94 -5.78 -8.02
C GLY G 187 0.99 -6.30 -6.96
N HIS G 188 0.12 -5.45 -6.42
CA HIS G 188 -0.90 -5.84 -5.39
C HIS G 188 -1.91 -6.79 -6.05
N ARG G 189 -2.40 -6.45 -7.24
CA ARG G 189 -3.32 -7.31 -8.03
C ARG G 189 -2.70 -8.70 -8.20
N LYS G 190 -1.45 -8.77 -8.64
CA LYS G 190 -0.78 -10.04 -9.01
C LYS G 190 -0.52 -10.85 -7.72
N PHE G 191 -0.10 -10.18 -6.64
CA PHE G 191 0.04 -10.75 -5.27
C PHE G 191 -1.26 -11.46 -4.88
N LEU G 192 -2.39 -10.74 -4.94
CA LEU G 192 -3.73 -11.29 -4.59
C LEU G 192 -4.07 -12.45 -5.52
N GLU G 193 -3.88 -12.31 -6.84
CA GLU G 193 -4.14 -13.36 -7.86
C GLU G 193 -3.26 -14.59 -7.57
N ASP G 194 -2.01 -14.37 -7.17
CA ASP G 194 -1.02 -15.43 -6.88
C ASP G 194 -1.49 -16.23 -5.67
N TYR G 196 -4.49 -16.22 -4.31
CA TYR G 196 -5.78 -16.77 -4.66
C TYR G 196 -5.63 -18.13 -5.34
N ALA G 197 -4.54 -18.32 -6.10
CA ALA G 197 -4.30 -19.52 -6.93
C ALA G 197 -3.69 -20.66 -6.10
N HIS G 198 -3.70 -20.57 -4.77
CA HIS G 198 -3.10 -21.59 -3.88
C HIS G 198 -4.13 -22.08 -2.86
N LYS G 199 -3.94 -23.30 -2.35
CA LYS G 199 -4.79 -23.92 -1.30
C LYS G 199 -4.38 -23.37 0.06
N PHE G 200 -3.07 -23.19 0.29
CA PHE G 200 -2.52 -22.67 1.56
C PHE G 200 -1.64 -21.45 1.31
N CYS G 201 -1.46 -20.67 2.38
CA CYS G 201 -0.55 -19.50 2.48
C CYS G 201 0.22 -19.56 3.80
N PHE G 202 1.56 -19.54 3.77
CA PHE G 202 2.39 -19.35 4.99
C PHE G 202 2.05 -17.99 5.60
N ALA G 203 1.53 -17.97 6.82
CA ALA G 203 1.07 -16.74 7.51
C ALA G 203 1.64 -16.65 8.92
N PRO G 204 2.98 -16.65 9.08
CA PRO G 204 3.58 -16.60 10.41
C PRO G 204 3.53 -15.22 11.05
N ARG G 205 3.43 -15.16 12.38
CA ARG G 205 3.54 -13.90 13.15
C ARG G 205 4.74 -13.07 12.64
N GLY G 206 4.63 -11.74 12.73
CA GLY G 206 5.75 -10.82 12.45
C GLY G 206 6.19 -10.10 13.71
N ASN G 207 6.54 -8.82 13.60
CA ASN G 207 6.88 -7.92 14.73
C ASN G 207 5.75 -8.01 15.76
N GLY G 208 4.50 -7.78 15.33
CA GLY G 208 3.29 -8.13 16.09
C GLY G 208 2.89 -9.58 15.86
N ILE G 209 2.10 -10.16 16.76
CA ILE G 209 1.64 -11.59 16.64
C ILE G 209 0.68 -11.71 15.46
N ASP G 210 -0.35 -10.87 15.41
CA ASP G 210 -1.34 -10.89 14.29
C ASP G 210 -0.68 -10.25 13.07
N THR G 211 -0.98 -10.77 11.88
CA THR G 211 -0.49 -10.26 10.57
C THR G 211 -1.64 -10.12 9.57
N HIS G 212 -1.52 -9.19 8.63
CA HIS G 212 -2.47 -8.93 7.52
C HIS G 212 -2.62 -10.17 6.62
N ARG G 213 -1.52 -10.91 6.41
CA ARG G 213 -1.45 -12.07 5.50
C ARG G 213 -2.52 -13.09 5.90
N LEU G 214 -2.75 -13.24 7.21
CA LEU G 214 -3.68 -14.28 7.73
C LEU G 214 -5.07 -13.97 7.15
N TRP G 215 -5.48 -12.71 7.21
CA TRP G 215 -6.86 -12.24 6.86
C TRP G 215 -7.00 -12.08 5.34
N GLU G 216 -5.96 -11.62 4.65
CA GLU G 216 -5.92 -11.53 3.16
C GLU G 216 -6.15 -12.94 2.58
N SER G 217 -5.47 -13.95 3.14
CA SER G 217 -5.64 -15.38 2.79
C SER G 217 -7.10 -15.81 2.94
N LEU G 218 -7.68 -15.59 4.12
CA LEU G 218 -9.05 -16.05 4.45
C LEU G 218 -10.06 -15.42 3.49
N TYR G 219 -9.93 -14.13 3.17
CA TYR G 219 -10.85 -13.40 2.26
C TYR G 219 -10.74 -13.97 0.84
N LEU G 220 -9.59 -14.54 0.47
CA LEU G 220 -9.37 -15.16 -0.86
C LEU G 220 -9.66 -16.68 -0.81
N ARG G 221 -10.17 -17.18 0.32
CA ARG G 221 -10.56 -18.60 0.53
C ARG G 221 -9.34 -19.51 0.38
N THR G 222 -8.17 -18.99 0.78
CA THR G 222 -6.89 -19.72 0.94
C THR G 222 -6.69 -19.95 2.44
N ILE G 223 -6.23 -21.13 2.84
CA ILE G 223 -6.00 -21.48 4.27
C ILE G 223 -4.66 -20.90 4.72
N PRO G 224 -4.64 -19.97 5.71
CA PRO G 224 -3.39 -19.50 6.28
C PRO G 224 -2.83 -20.55 7.24
N ILE G 225 -1.52 -20.78 7.18
CA ILE G 225 -0.78 -21.62 8.16
C ILE G 225 -0.15 -20.66 9.17
N VAL G 226 -0.47 -20.85 10.46
CA VAL G 226 -0.12 -19.94 11.60
C VAL G 226 0.32 -20.81 12.79
N LYS G 227 1.36 -20.40 13.52
CA LYS G 227 1.83 -21.09 14.75
C LYS G 227 0.84 -20.78 15.88
N LYS G 228 0.45 -21.80 16.65
CA LYS G 228 -0.48 -21.69 17.80
C LYS G 228 0.04 -20.62 18.76
N HIS G 229 -0.84 -19.75 19.22
CA HIS G 229 -0.51 -18.64 20.15
C HIS G 229 -1.79 -18.29 20.91
N ILE G 230 -1.67 -17.71 22.11
CA ILE G 230 -2.84 -17.22 22.89
C ILE G 230 -3.58 -16.14 22.10
N ALA G 231 -2.86 -15.30 21.35
CA ALA G 231 -3.44 -14.24 20.49
C ALA G 231 -4.33 -14.82 19.40
N GLU G 233 -6.02 -17.87 19.85
CA GLU G 233 -6.79 -18.99 20.35
C GLU G 233 -8.29 -18.75 20.15
N GLN G 234 -8.74 -17.51 20.01
CA GLN G 234 -10.19 -17.20 19.85
C GLN G 234 -10.57 -17.29 18.36
N PHE G 235 -9.68 -17.77 17.50
CA PHE G 235 -9.92 -17.88 16.04
C PHE G 235 -9.87 -19.34 15.58
N THR G 236 -10.03 -20.30 16.50
CA THR G 236 -10.09 -21.76 16.19
C THR G 236 -11.40 -22.11 15.48
N ASP G 237 -12.39 -21.21 15.48
CA ASP G 237 -13.67 -21.38 14.73
C ASP G 237 -13.55 -20.72 13.36
N LEU G 238 -12.33 -20.42 12.89
CA LEU G 238 -12.03 -20.01 11.49
C LEU G 238 -11.08 -21.03 10.86
N PRO G 239 -11.12 -21.19 9.52
CA PRO G 239 -10.37 -22.24 8.84
C PRO G 239 -8.87 -21.90 8.67
N ILE G 240 -8.20 -21.69 9.80
CA ILE G 240 -6.74 -21.42 9.93
C ILE G 240 -6.06 -22.74 10.29
N LEU G 241 -5.03 -23.15 9.54
CA LEU G 241 -4.23 -24.35 9.91
C LEU G 241 -3.24 -23.94 11.01
N PHE G 242 -3.55 -24.30 12.27
CA PHE G 242 -2.69 -23.97 13.44
C PHE G 242 -1.70 -25.11 13.68
N VAL G 243 -0.43 -24.76 13.81
CA VAL G 243 0.72 -25.73 13.89
C VAL G 243 1.41 -25.53 15.23
N ASN G 244 1.88 -26.63 15.83
CA ASN G 244 2.71 -26.64 17.07
C ASN G 244 4.08 -26.03 16.78
N ASP G 245 4.60 -26.23 15.56
CA ASP G 245 5.93 -25.73 15.14
C ASP G 245 5.97 -25.71 13.60
N TRP G 246 7.13 -25.38 13.01
CA TRP G 246 7.27 -25.15 11.54
C TRP G 246 7.96 -26.33 10.87
N GLU G 247 8.15 -27.44 11.59
CA GLU G 247 8.95 -28.62 11.13
C GLU G 247 8.03 -29.75 10.64
N ASN G 248 8.42 -30.43 9.56
CA ASN G 248 7.79 -31.67 9.04
C ASN G 248 6.42 -31.37 8.40
N ILE G 249 6.24 -30.18 7.83
CA ILE G 249 5.16 -29.92 6.85
C ILE G 249 5.54 -30.69 5.58
N THR G 250 4.68 -31.59 5.12
CA THR G 250 4.84 -32.37 3.87
C THR G 250 3.59 -32.16 3.02
N GLU G 251 3.68 -32.56 1.75
CA GLU G 251 2.54 -32.58 0.78
C GLU G 251 1.41 -33.41 1.39
N GLU G 252 1.73 -34.61 1.88
CA GLU G 252 0.77 -35.55 2.52
C GLU G 252 0.04 -34.86 3.67
N TYR G 253 0.77 -34.27 4.62
CA TYR G 253 0.19 -33.56 5.79
C TYR G 253 -0.80 -32.49 5.28
N LEU G 254 -0.37 -31.63 4.37
CA LEU G 254 -1.16 -30.47 3.85
C LEU G 254 -2.39 -30.96 3.06
N ASN G 255 -2.23 -31.96 2.18
CA ASN G 255 -3.35 -32.55 1.40
C ASN G 255 -4.44 -33.01 2.36
N GLU G 256 -4.07 -33.69 3.43
CA GLU G 256 -5.02 -34.18 4.47
C GLU G 256 -5.68 -32.97 5.16
N GLN G 257 -4.88 -32.00 5.63
CA GLN G 257 -5.42 -30.83 6.37
C GLN G 257 -6.38 -30.04 5.47
N TYR G 258 -6.13 -30.04 4.15
CA TYR G 258 -7.02 -29.40 3.15
C TYR G 258 -8.39 -30.09 3.15
N ASP G 259 -8.41 -31.42 3.03
CA ASP G 259 -9.66 -32.22 2.96
C ASP G 259 -10.45 -32.05 4.26
N ILE G 260 -9.76 -32.02 5.40
CA ILE G 260 -10.41 -31.82 6.74
C ILE G 260 -11.04 -30.42 6.80
N ILE G 261 -10.28 -29.37 6.46
CA ILE G 261 -10.71 -27.95 6.67
C ILE G 261 -11.82 -27.61 5.67
N ALA G 263 -13.98 -29.62 4.37
CA ALA G 263 -15.18 -30.37 4.72
C ALA G 263 -15.85 -29.80 5.98
N LYS G 264 -15.13 -29.00 6.79
CA LYS G 264 -15.64 -28.48 8.09
C LYS G 264 -16.52 -27.24 7.89
N ASP G 265 -17.38 -26.98 8.87
CA ASP G 265 -18.24 -25.77 8.95
C ASP G 265 -17.55 -24.76 9.87
N TRP G 266 -17.51 -23.50 9.46
CA TRP G 266 -16.73 -22.42 10.12
C TRP G 266 -17.63 -21.22 10.39
N ASN G 267 -17.29 -20.46 11.44
CA ASN G 267 -17.97 -19.22 11.89
C ASN G 267 -17.49 -18.06 11.02
N LEU G 268 -17.75 -18.11 9.71
CA LEU G 268 -17.20 -17.17 8.70
C LEU G 268 -17.73 -15.75 8.92
N ASP G 269 -18.78 -15.56 9.72
CA ASP G 269 -19.34 -14.22 10.02
C ASP G 269 -18.28 -13.38 10.76
N LYS G 270 -17.34 -14.04 11.47
CA LYS G 270 -16.24 -13.37 12.22
C LYS G 270 -15.29 -12.63 11.28
N LEU G 271 -15.26 -12.97 9.99
CA LEU G 271 -14.46 -12.25 8.96
C LEU G 271 -15.15 -10.94 8.54
N LYS G 272 -16.38 -10.66 8.99
CA LYS G 272 -17.20 -9.51 8.50
C LYS G 272 -17.28 -8.45 9.61
N ILE G 273 -16.98 -7.18 9.26
CA ILE G 273 -16.83 -6.06 10.23
C ILE G 273 -18.11 -5.89 11.06
N ASP G 274 -19.30 -6.17 10.50
CA ASP G 274 -20.61 -5.97 11.15
C ASP G 274 -20.73 -6.85 12.40
N TYR G 275 -20.17 -8.06 12.33
CA TYR G 275 -20.00 -8.97 13.49
C TYR G 275 -19.37 -8.20 14.67
N TRP G 276 -18.31 -7.42 14.39
CA TRP G 276 -17.46 -6.77 15.42
C TRP G 276 -18.07 -5.45 15.88
N TYR G 277 -18.69 -4.67 14.99
CA TYR G 277 -19.58 -3.54 15.40
C TYR G 277 -20.61 -4.05 16.40
N GLN G 278 -21.29 -5.15 16.04
CA GLN G 278 -22.37 -5.78 16.83
C GLN G 278 -21.85 -6.13 18.23
N LYS G 279 -20.72 -6.85 18.30
CA LYS G 279 -20.11 -7.30 19.59
C LYS G 279 -19.78 -6.09 20.47
N ILE G 280 -19.22 -5.01 19.89
CA ILE G 280 -18.84 -3.79 20.67
C ILE G 280 -20.12 -3.20 21.29
N LEU G 281 -21.19 -3.15 20.49
CA LEU G 281 -22.54 -2.66 20.90
C LEU G 281 -23.07 -3.56 22.02
N GLU G 282 -23.04 -4.88 21.83
CA GLU G 282 -23.57 -5.90 22.77
C GLU G 282 -22.96 -5.70 24.16
N TYR G 283 -21.69 -5.30 24.27
CA TYR G 283 -20.96 -5.14 25.55
C TYR G 283 -21.04 -3.69 26.06
N SER G 284 -21.47 -2.75 25.22
CA SER G 284 -21.63 -1.32 25.57
C SER G 284 -22.88 -1.13 26.44
N SER H 5 -24.84 -14.60 21.37
CA SER H 5 -24.52 -14.72 22.83
C SER H 5 -25.43 -13.76 23.61
N LYS H 7 -27.69 -13.04 27.68
CA LYS H 7 -27.95 -13.36 29.08
C LYS H 7 -29.41 -13.83 29.22
N LEU H 8 -29.66 -14.86 30.03
CA LEU H 8 -31.01 -15.48 30.15
C LEU H 8 -32.01 -14.40 30.59
N ALA H 9 -31.65 -13.56 31.54
CA ALA H 9 -32.51 -12.48 32.10
C ALA H 9 -32.88 -11.48 31.00
N GLU H 10 -32.21 -11.49 29.84
CA GLU H 10 -32.44 -10.52 28.73
C GLU H 10 -33.37 -11.11 27.67
N LEU H 11 -33.80 -12.37 27.82
CA LEU H 11 -34.61 -13.08 26.80
C LEU H 11 -35.90 -12.30 26.53
N THR H 12 -36.08 -11.85 25.29
CA THR H 12 -37.28 -11.13 24.79
C THR H 12 -37.91 -11.96 23.66
N LEU H 13 -39.19 -12.30 23.80
CA LEU H 13 -39.92 -13.20 22.87
C LEU H 13 -41.00 -12.40 22.12
N GLU H 14 -41.30 -12.84 20.90
CA GLU H 14 -42.52 -12.49 20.12
C GLU H 14 -43.37 -13.76 19.99
N SER H 15 -44.64 -13.61 19.56
CA SER H 15 -45.64 -14.70 19.42
C SER H 15 -45.15 -15.79 18.44
N ASP H 16 -44.30 -15.43 17.47
CA ASP H 16 -43.85 -16.31 16.36
C ASP H 16 -42.52 -17.02 16.70
N ASP H 17 -41.88 -16.66 17.82
CA ASP H 17 -40.54 -17.18 18.21
C ASP H 17 -40.63 -18.64 18.64
N PHE H 18 -41.74 -19.04 19.29
CA PHE H 18 -41.87 -20.33 20.03
C PHE H 18 -41.69 -21.51 19.07
N ILE H 19 -40.85 -22.48 19.47
CA ILE H 19 -40.57 -23.72 18.66
C ILE H 19 -41.69 -24.73 18.93
N THR H 20 -42.23 -25.30 17.85
CA THR H 20 -43.15 -26.46 17.82
C THR H 20 -42.79 -27.31 16.60
N SER H 21 -43.05 -28.63 16.65
CA SER H 21 -42.70 -29.59 15.57
C SER H 21 -43.63 -29.37 14.37
N ASP H 22 -44.87 -28.91 14.59
CA ASP H 22 -45.82 -28.50 13.52
C ASP H 22 -45.15 -27.46 12.60
N LYS H 23 -44.49 -26.45 13.19
CA LYS H 23 -43.87 -25.32 12.45
C LYS H 23 -42.82 -25.86 11.47
N LEU H 24 -42.10 -26.91 11.86
CA LEU H 24 -41.02 -27.53 11.03
C LEU H 24 -41.65 -28.44 9.97
N PHE H 25 -42.73 -29.15 10.30
CA PHE H 25 -43.52 -29.94 9.33
C PHE H 25 -44.07 -29.01 8.25
N ASN H 26 -44.75 -27.93 8.64
CA ASN H 26 -45.33 -26.92 7.71
C ASN H 26 -44.22 -26.34 6.83
N PHE H 27 -43.15 -25.82 7.47
CA PHE H 27 -41.96 -25.26 6.80
C PHE H 27 -41.48 -26.24 5.72
N CYS H 28 -41.41 -27.52 6.05
CA CYS H 28 -40.89 -28.60 5.16
C CYS H 28 -41.82 -28.78 3.95
N LYS H 29 -43.13 -28.83 4.17
CA LYS H 29 -44.11 -28.99 3.07
C LYS H 29 -44.13 -27.71 2.23
N SER H 30 -44.02 -26.54 2.87
CA SER H 30 -44.06 -25.20 2.22
C SER H 30 -42.64 -24.72 1.89
N THR H 31 -41.94 -25.44 1.00
CA THR H 31 -40.65 -25.02 0.36
C THR H 31 -40.56 -25.67 -1.03
N GLY H 34 -36.07 -29.42 -0.97
CA GLY H 34 -36.91 -30.64 -0.90
C GLY H 34 -36.65 -31.45 0.37
N ALA H 35 -36.59 -30.78 1.52
CA ALA H 35 -36.48 -31.42 2.86
C ALA H 35 -37.81 -32.09 3.19
N LYS H 36 -37.78 -33.30 3.77
CA LYS H 36 -39.00 -34.11 4.01
C LYS H 36 -39.15 -34.38 5.50
N TYR H 37 -40.33 -34.06 6.05
CA TYR H 37 -40.75 -34.38 7.43
C TYR H 37 -41.51 -35.70 7.41
N VAL H 38 -41.02 -36.67 8.19
CA VAL H 38 -41.66 -38.00 8.37
C VAL H 38 -41.88 -38.21 9.87
N LYS H 39 -43.12 -38.46 10.29
CA LYS H 39 -43.43 -38.85 11.69
C LYS H 39 -42.58 -40.09 12.01
N THR H 40 -41.84 -40.05 13.12
CA THR H 40 -40.78 -41.03 13.46
C THR H 40 -41.32 -42.47 13.39
N ASP H 41 -42.61 -42.68 13.72
CA ASP H 41 -43.29 -44.02 13.74
C ASP H 41 -43.10 -44.72 12.39
N PHE H 42 -43.15 -43.98 11.29
CA PHE H 42 -43.10 -44.53 9.91
C PHE H 42 -41.66 -44.85 9.51
N ILE H 43 -40.67 -44.28 10.23
CA ILE H 43 -39.24 -44.69 10.12
C ILE H 43 -39.05 -45.99 10.89
N LYS H 44 -39.42 -46.01 12.19
CA LYS H 44 -39.16 -47.13 13.12
C LYS H 44 -39.78 -48.44 12.58
N PHE H 45 -40.98 -48.37 12.00
CA PHE H 45 -41.75 -49.55 11.51
C PHE H 45 -41.88 -49.54 9.98
N ARG H 46 -40.81 -49.16 9.28
CA ARG H 46 -40.79 -49.13 7.79
C ARG H 46 -40.85 -50.58 7.28
N GLN H 47 -41.54 -50.78 6.15
CA GLN H 47 -41.74 -52.11 5.51
C GLN H 47 -40.84 -52.21 4.27
N TYR H 48 -40.16 -51.10 3.95
CA TYR H 48 -39.08 -51.00 2.92
C TYR H 48 -37.90 -50.28 3.57
N GLN H 49 -36.67 -50.68 3.22
CA GLN H 49 -35.44 -50.10 3.78
C GLN H 49 -35.40 -48.58 3.55
N TYR H 50 -35.71 -48.12 2.34
CA TYR H 50 -35.48 -46.69 1.93
C TYR H 50 -36.77 -46.02 1.45
N ILE H 51 -37.94 -46.66 1.60
CA ILE H 51 -39.26 -46.12 1.17
C ILE H 51 -40.17 -46.01 2.40
N VAL H 52 -40.70 -44.81 2.66
CA VAL H 52 -41.58 -44.53 3.83
C VAL H 52 -42.71 -43.57 3.39
N SER H 53 -43.75 -43.44 4.21
CA SER H 53 -44.89 -42.51 3.97
C SER H 53 -45.60 -42.13 5.29
N ASN H 54 -46.05 -40.88 5.38
CA ASN H 54 -46.86 -40.40 6.53
C ASN H 54 -48.27 -41.02 6.47
N CYS H 55 -48.60 -41.72 5.38
CA CYS H 55 -49.80 -42.58 5.27
C CYS H 55 -51.06 -41.80 5.67
N GLY H 56 -51.13 -40.52 5.29
CA GLY H 56 -52.30 -39.66 5.55
C GLY H 56 -52.14 -38.79 6.79
N TRP H 57 -51.13 -39.05 7.63
CA TRP H 57 -50.84 -38.19 8.81
C TRP H 57 -50.58 -36.75 8.34
N ARG H 58 -51.24 -35.77 8.96
CA ARG H 58 -51.18 -34.33 8.57
C ARG H 58 -51.48 -34.20 7.07
N ASP H 59 -52.43 -34.99 6.56
CA ASP H 59 -52.94 -34.96 5.16
C ASP H 59 -51.83 -35.35 4.15
N ASP H 60 -50.71 -35.90 4.61
CA ASP H 60 -49.54 -36.24 3.76
C ASP H 60 -49.62 -37.72 3.39
N THR H 61 -49.95 -38.02 2.12
CA THR H 61 -50.03 -39.37 1.52
C THR H 61 -48.90 -39.57 0.49
N ASP H 62 -47.97 -38.61 0.38
CA ASP H 62 -46.78 -38.73 -0.49
C ASP H 62 -45.94 -39.93 -0.03
N VAL H 63 -45.48 -40.74 -0.98
CA VAL H 63 -44.45 -41.80 -0.74
C VAL H 63 -43.08 -41.14 -0.85
N VAL H 64 -42.29 -41.22 0.22
CA VAL H 64 -40.94 -40.59 0.31
C VAL H 64 -39.88 -41.62 -0.05
N PHE H 65 -39.06 -41.29 -1.06
CA PHE H 65 -37.88 -42.09 -1.50
C PHE H 65 -36.64 -41.43 -0.88
N LEU H 66 -36.05 -42.11 0.11
CA LEU H 66 -35.01 -41.53 1.01
C LEU H 66 -33.66 -41.44 0.29
N GLU H 67 -33.48 -42.19 -0.80
CA GLU H 67 -32.25 -42.11 -1.66
C GLU H 67 -32.29 -40.83 -2.50
N ASN H 68 -33.45 -40.17 -2.65
CA ASN H 68 -33.61 -38.92 -3.44
C ASN H 68 -33.84 -37.72 -2.52
N THR H 69 -33.63 -37.85 -1.20
CA THR H 69 -33.93 -36.81 -0.19
C THR H 69 -32.62 -36.22 0.33
N PRO H 70 -32.41 -34.89 0.21
CA PRO H 70 -31.18 -34.25 0.69
C PRO H 70 -31.16 -34.06 2.21
N VAL H 71 -32.32 -33.74 2.80
CA VAL H 71 -32.50 -33.52 4.27
C VAL H 71 -33.75 -34.27 4.74
N LEU H 72 -33.61 -35.05 5.82
CA LEU H 72 -34.72 -35.74 6.53
C LEU H 72 -34.98 -35.04 7.86
N VAL H 73 -36.25 -34.79 8.19
CA VAL H 73 -36.68 -34.26 9.51
C VAL H 73 -37.72 -35.24 10.10
N THR H 74 -37.49 -35.69 11.33
CA THR H 74 -38.38 -36.65 12.05
C THR H 74 -38.78 -36.04 13.39
N GLY H 75 -39.99 -36.35 13.86
CA GLY H 75 -40.49 -35.91 15.17
C GLY H 75 -41.95 -36.25 15.35
N HIS H 76 -42.64 -35.53 16.25
CA HIS H 76 -44.02 -35.81 16.72
C HIS H 76 -44.11 -37.24 17.31
N SER H 77 -43.07 -37.69 18.00
CA SER H 77 -43.00 -39.06 18.60
C SER H 77 -41.96 -39.13 19.72
N ASP H 78 -42.26 -39.92 20.76
CA ASP H 78 -41.32 -40.22 21.87
C ASP H 78 -40.19 -41.11 21.37
N TYR H 79 -40.38 -41.79 20.23
CA TYR H 79 -39.33 -42.64 19.59
C TYR H 79 -38.06 -41.82 19.34
N ASP H 80 -36.91 -42.51 19.41
CA ASP H 80 -35.57 -41.92 19.18
C ASP H 80 -35.08 -42.28 17.78
N ILE H 81 -33.99 -41.64 17.35
CA ILE H 81 -33.16 -42.07 16.18
C ILE H 81 -31.90 -42.71 16.73
N SER H 82 -31.68 -43.98 16.42
CA SER H 82 -30.68 -44.89 17.06
C SER H 82 -29.98 -45.73 15.99
N GLU H 83 -29.32 -46.82 16.40
CA GLU H 83 -28.42 -47.63 15.55
C GLU H 83 -29.27 -48.44 14.56
N ARG H 84 -30.55 -48.67 14.86
CA ARG H 84 -31.55 -49.31 13.97
C ARG H 84 -31.67 -48.53 12.64
N GLU H 85 -31.42 -47.22 12.67
CA GLU H 85 -31.63 -46.30 11.50
C GLU H 85 -30.28 -45.97 10.83
N ILE H 86 -29.22 -46.73 11.14
CA ILE H 86 -27.83 -46.48 10.63
C ILE H 86 -27.80 -46.63 9.09
N ASP H 87 -28.56 -47.58 8.53
CA ASP H 87 -28.64 -47.83 7.07
C ASP H 87 -29.21 -46.60 6.35
N ILE H 88 -30.17 -45.88 6.95
CA ILE H 88 -30.72 -44.61 6.40
C ILE H 88 -29.70 -43.48 6.61
N ILE H 89 -29.02 -43.45 7.77
CA ILE H 89 -28.00 -42.42 8.10
C ILE H 89 -26.84 -42.52 7.09
N ARG H 90 -26.48 -43.75 6.69
CA ARG H 90 -25.32 -44.03 5.81
C ARG H 90 -25.61 -43.67 4.34
N LEU H 91 -26.82 -43.24 4.00
CA LEU H 91 -27.18 -42.82 2.61
C LEU H 91 -26.34 -41.60 2.22
N PRO H 92 -25.45 -41.71 1.19
CA PRO H 92 -24.62 -40.59 0.76
C PRO H 92 -25.40 -39.30 0.47
N ASN H 93 -26.59 -39.43 -0.13
CA ASN H 93 -27.45 -38.30 -0.60
C ASN H 93 -27.98 -37.48 0.58
N ILE H 94 -28.09 -38.06 1.77
CA ILE H 94 -28.62 -37.35 2.98
C ILE H 94 -27.50 -36.49 3.56
N ARG H 95 -27.64 -35.17 3.48
CA ARG H 95 -26.67 -34.17 4.00
C ARG H 95 -26.75 -34.18 5.53
N ALA H 96 -27.95 -33.96 6.07
CA ALA H 96 -28.23 -33.91 7.53
C ALA H 96 -29.58 -34.56 7.84
N TRP H 97 -29.70 -35.12 9.06
CA TRP H 97 -30.95 -35.67 9.65
C TRP H 97 -31.28 -34.84 10.89
N PHE H 98 -32.32 -33.99 10.80
CA PHE H 98 -32.87 -33.18 11.92
C PHE H 98 -33.93 -34.01 12.64
N CYS H 99 -33.69 -34.38 13.90
CA CYS H 99 -34.57 -35.29 14.67
C CYS H 99 -34.78 -34.78 16.10
N GLN H 100 -35.94 -35.07 16.69
CA GLN H 100 -36.10 -35.02 18.17
C GLN H 100 -35.64 -36.37 18.70
N ASN H 101 -35.05 -36.39 19.91
CA ASN H 101 -34.55 -37.61 20.59
C ASN H 101 -33.47 -38.29 19.75
N ARG H 102 -32.44 -37.53 19.36
CA ARG H 102 -31.16 -38.04 18.78
C ARG H 102 -30.52 -39.02 19.76
N ASN H 103 -30.36 -40.29 19.39
CA ASN H 103 -29.82 -41.34 20.30
C ASN H 103 -28.76 -42.19 19.59
N ILE H 104 -27.91 -41.56 18.79
CA ILE H 104 -26.75 -42.21 18.10
C ILE H 104 -25.64 -41.18 17.96
N PRO H 105 -24.38 -41.50 18.36
CA PRO H 105 -23.28 -40.53 18.28
C PRO H 105 -22.75 -40.44 16.85
N HIS H 106 -23.54 -39.83 15.97
CA HIS H 106 -23.26 -39.68 14.51
C HIS H 106 -23.41 -38.22 14.13
N PRO H 107 -22.41 -37.61 13.44
CA PRO H 107 -22.41 -36.17 13.19
C PRO H 107 -23.48 -35.66 12.21
N LYS H 108 -23.94 -36.53 11.29
CA LYS H 108 -25.00 -36.21 10.30
C LYS H 108 -26.36 -36.03 10.98
N VAL H 109 -26.56 -36.61 12.17
CA VAL H 109 -27.82 -36.51 12.96
C VAL H 109 -27.76 -35.25 13.84
N ILE H 110 -28.65 -34.28 13.58
CA ILE H 110 -28.73 -32.97 14.29
C ILE H 110 -30.00 -32.96 15.14
N SER H 111 -29.85 -32.71 16.45
CA SER H 111 -30.96 -32.52 17.40
C SER H 111 -31.64 -31.18 17.10
N PHE H 112 -32.98 -31.13 17.20
CA PHE H 112 -33.73 -29.86 17.36
C PHE H 112 -34.61 -29.97 18.60
N PRO H 113 -34.88 -28.84 19.30
CA PRO H 113 -35.72 -28.86 20.50
C PRO H 113 -37.09 -29.50 20.21
N LEU H 114 -37.63 -30.22 21.18
CA LEU H 114 -39.06 -30.65 21.16
C LEU H 114 -39.94 -29.39 21.13
N GLY H 115 -39.57 -28.37 21.91
CA GLY H 115 -40.28 -27.09 22.00
C GLY H 115 -41.60 -27.24 22.73
N ILE H 116 -42.64 -26.54 22.29
CA ILE H 116 -43.98 -26.52 22.94
C ILE H 116 -44.92 -27.47 22.19
N THR H 117 -45.84 -28.08 22.93
CA THR H 117 -46.96 -28.92 22.44
C THR H 117 -47.62 -28.23 21.23
N ASN H 118 -47.80 -28.99 20.15
CA ASN H 118 -48.54 -28.54 18.92
C ASN H 118 -50.01 -28.34 19.28
N LYS H 119 -50.50 -27.10 19.30
CA LYS H 119 -51.90 -26.76 19.66
C LYS H 119 -52.83 -27.12 18.50
N ASP H 120 -52.27 -27.28 17.30
CA ASP H 120 -53.04 -27.57 16.05
C ASP H 120 -53.17 -29.09 15.88
N GLU H 121 -52.79 -29.90 16.87
CA GLU H 121 -53.12 -31.35 16.89
C GLU H 121 -54.63 -31.44 16.75
N PRO H 122 -55.17 -32.00 15.64
CA PRO H 122 -56.58 -31.81 15.26
C PRO H 122 -57.71 -32.06 16.27
N ASN H 123 -57.76 -33.18 16.99
CA ASN H 123 -58.96 -33.46 17.83
C ASN H 123 -58.54 -33.71 19.27
N SER H 124 -57.80 -32.76 19.86
CA SER H 124 -57.23 -32.88 21.22
C SER H 124 -57.32 -31.56 22.00
N GLU H 125 -58.23 -31.49 22.96
CA GLU H 125 -58.40 -30.32 23.86
C GLU H 125 -57.09 -30.12 24.66
N ILE H 126 -56.50 -31.21 25.16
CA ILE H 126 -55.26 -31.18 26.00
C ILE H 126 -54.18 -30.40 25.24
N HIS H 127 -53.96 -30.72 23.96
CA HIS H 127 -52.97 -30.04 23.07
C HIS H 127 -53.32 -28.56 22.90
N ARG H 128 -54.62 -28.25 22.75
CA ARG H 128 -55.14 -26.86 22.60
C ARG H 128 -54.78 -26.03 23.84
N ILE H 129 -54.85 -26.62 25.04
CA ILE H 129 -54.60 -25.93 26.34
C ILE H 129 -53.09 -25.75 26.52
N ILE H 130 -52.34 -26.86 26.57
CA ILE H 130 -50.88 -26.90 26.89
C ILE H 130 -50.11 -26.16 25.80
N GLY H 131 -50.50 -26.34 24.54
CA GLY H 131 -49.83 -25.76 23.36
C GLY H 131 -50.15 -24.28 23.15
N ASN H 132 -50.80 -23.64 24.13
CA ASN H 132 -51.10 -22.18 24.09
C ASN H 132 -49.83 -21.40 24.49
N THR H 133 -49.03 -21.01 23.49
CA THR H 133 -47.76 -20.26 23.61
C THR H 133 -48.04 -18.81 24.02
N ASP H 134 -49.23 -18.29 23.71
CA ASP H 134 -49.64 -16.90 24.02
C ASP H 134 -49.59 -16.70 25.54
N ARG H 135 -50.10 -17.66 26.30
CA ARG H 135 -50.11 -17.65 27.79
C ARG H 135 -48.66 -17.65 28.31
N ILE H 136 -47.73 -18.30 27.60
CA ILE H 136 -46.29 -18.34 27.98
C ILE H 136 -45.70 -16.94 27.77
N LEU H 137 -45.88 -16.38 26.56
CA LEU H 137 -45.45 -14.99 26.22
C LEU H 137 -46.02 -14.02 27.26
N GLU H 138 -47.31 -14.13 27.56
CA GLU H 138 -48.01 -13.29 28.58
C GLU H 138 -47.25 -13.33 29.91
N VAL H 139 -47.19 -14.51 30.54
CA VAL H 139 -46.50 -14.73 31.84
C VAL H 139 -45.06 -14.22 31.72
N SER H 140 -44.39 -14.47 30.59
CA SER H 140 -42.96 -14.13 30.36
C SER H 140 -42.73 -12.61 30.44
N LYS H 141 -43.77 -11.79 30.20
CA LYS H 141 -43.66 -10.31 30.17
C LYS H 141 -43.91 -9.72 31.56
N THR H 142 -44.56 -10.47 32.46
CA THR H 142 -44.88 -10.02 33.86
C THR H 142 -43.58 -9.90 34.65
N PRO H 143 -43.60 -9.27 35.85
CA PRO H 143 -42.43 -9.25 36.73
C PRO H 143 -42.12 -10.64 37.30
N LYS H 144 -40.88 -11.13 37.12
CA LYS H 144 -40.42 -12.46 37.60
C LYS H 144 -40.09 -12.38 39.10
N GLU H 145 -41.11 -12.46 39.96
CA GLU H 145 -40.95 -12.49 41.44
C GLU H 145 -40.68 -13.94 41.86
N ILE H 146 -39.45 -14.22 42.31
CA ILE H 146 -38.98 -15.56 42.78
C ILE H 146 -39.65 -15.87 44.12
N LYS H 147 -40.48 -16.92 44.16
CA LYS H 147 -41.18 -17.38 45.39
CA LYS H 147 -41.20 -17.41 45.37
C LYS H 147 -40.33 -18.45 46.08
N ASN H 148 -39.68 -19.33 45.31
CA ASN H 148 -38.78 -20.38 45.88
C ASN H 148 -37.70 -20.75 44.85
N LEU H 149 -36.85 -21.72 45.19
CA LEU H 149 -35.61 -22.02 44.42
C LEU H 149 -35.92 -22.97 43.25
N VAL H 150 -36.64 -24.08 43.52
CA VAL H 150 -36.89 -25.13 42.49
C VAL H 150 -38.39 -25.46 42.47
N TYR H 151 -38.94 -25.57 41.25
CA TYR H 151 -40.32 -26.01 40.98
C TYR H 151 -40.28 -27.48 40.57
N ASN H 153 -42.87 -30.40 39.43
CA ASN H 153 -44.18 -30.85 39.02
C ASN H 153 -43.98 -31.98 38.01
N ILE H 154 -43.93 -33.22 38.48
CA ILE H 154 -43.55 -34.38 37.61
C ILE H 154 -44.46 -35.56 37.94
N THR H 155 -44.92 -36.25 36.89
CA THR H 155 -45.57 -37.57 36.95
C THR H 155 -44.45 -38.61 36.85
N VAL H 156 -44.32 -39.43 37.89
CA VAL H 156 -43.16 -40.36 38.09
C VAL H 156 -43.19 -41.47 37.03
N LYS H 157 -44.38 -41.97 36.69
CA LYS H 157 -44.57 -43.22 35.89
C LYS H 157 -44.06 -43.04 34.45
N ASN H 158 -43.83 -41.80 34.00
CA ASN H 158 -43.30 -41.50 32.65
C ASN H 158 -41.86 -42.01 32.50
N PHE H 159 -41.03 -41.96 33.56
CA PHE H 159 -39.67 -42.59 33.61
C PHE H 159 -39.21 -42.71 35.06
N PRO H 160 -39.70 -43.74 35.79
CA PRO H 160 -39.47 -43.87 37.22
C PRO H 160 -38.01 -43.84 37.70
N GLU H 161 -37.10 -44.49 36.96
N GLU H 161 -37.11 -44.49 36.95
CA GLU H 161 -35.70 -44.72 37.40
CA GLU H 161 -35.69 -44.72 37.35
C GLU H 161 -35.01 -43.38 37.70
C GLU H 161 -35.05 -43.37 37.73
N GLU H 162 -35.39 -42.31 37.00
CA GLU H 162 -34.91 -40.92 37.29
C GLU H 162 -35.95 -40.22 38.18
N ARG H 163 -37.22 -40.26 37.80
CA ARG H 163 -38.27 -39.36 38.36
C ARG H 163 -38.61 -39.76 39.80
N GLN H 164 -38.58 -41.06 40.13
CA GLN H 164 -38.86 -41.55 41.51
C GLN H 164 -37.81 -40.97 42.46
N ARG H 165 -36.55 -40.86 42.01
CA ARG H 165 -35.42 -40.37 42.83
C ARG H 165 -35.65 -38.89 43.18
N ILE H 166 -36.02 -38.08 42.18
CA ILE H 166 -36.31 -36.63 42.36
C ILE H 166 -37.39 -36.48 43.44
N VAL H 167 -38.52 -37.18 43.29
CA VAL H 167 -39.65 -37.09 44.25
C VAL H 167 -39.16 -37.56 45.63
N ASP H 168 -38.55 -38.74 45.73
CA ASP H 168 -38.13 -39.30 47.05
C ASP H 168 -37.15 -38.34 47.74
N LEU H 169 -36.23 -37.73 46.98
CA LEU H 169 -35.08 -36.98 47.55
C LEU H 169 -35.49 -35.57 47.97
N TYR H 170 -36.33 -34.88 47.20
CA TYR H 170 -36.44 -33.40 47.23
C TYR H 170 -37.87 -32.91 47.50
N SER H 171 -38.86 -33.80 47.58
CA SER H 171 -40.30 -33.43 47.79
C SER H 171 -40.46 -32.56 49.05
N ASP H 172 -39.83 -32.94 50.17
CA ASP H 172 -40.09 -32.33 51.50
C ASP H 172 -39.08 -31.22 51.80
N LYS H 173 -38.28 -30.80 50.81
CA LYS H 173 -37.29 -29.72 50.96
C LYS H 173 -38.02 -28.38 51.00
N SER H 174 -37.57 -27.46 51.88
CA SER H 174 -38.15 -26.10 52.05
C SER H 174 -37.84 -25.24 50.82
N TRP H 175 -36.78 -25.57 50.08
CA TRP H 175 -36.37 -24.82 48.85
C TRP H 175 -37.04 -25.40 47.60
N VAL H 176 -37.97 -26.36 47.77
CA VAL H 176 -38.78 -26.96 46.65
C VAL H 176 -40.26 -26.60 46.85
N THR H 177 -40.94 -26.19 45.78
CA THR H 177 -42.41 -26.05 45.73
C THR H 177 -42.96 -27.17 44.84
N ILE H 178 -43.84 -27.99 45.41
CA ILE H 178 -44.60 -29.05 44.69
C ILE H 178 -45.79 -28.37 44.00
N GLY H 179 -45.88 -28.54 42.68
CA GLY H 179 -47.06 -28.18 41.87
C GLY H 179 -47.82 -29.42 41.45
N LYS H 180 -49.12 -29.46 41.70
CA LYS H 180 -50.02 -30.55 41.23
C LYS H 180 -51.16 -29.88 40.44
N GLY H 181 -50.83 -29.45 39.20
CA GLY H 181 -51.72 -28.66 38.33
C GLY H 181 -52.88 -29.49 37.78
N GLU H 182 -53.88 -28.81 37.23
CA GLU H 182 -55.07 -29.43 36.58
C GLU H 182 -55.10 -28.99 35.11
N VAL H 183 -55.53 -29.89 34.22
CA VAL H 183 -55.57 -29.67 32.75
C VAL H 183 -56.77 -28.77 32.41
N SER H 184 -56.55 -27.46 32.39
CA SER H 184 -57.53 -26.42 32.02
C SER H 184 -56.78 -25.12 31.68
N GLU H 185 -57.45 -24.20 30.97
CA GLU H 185 -56.87 -22.90 30.57
C GLU H 185 -56.40 -22.16 31.83
N GLU H 186 -57.20 -22.17 32.90
CA GLU H 186 -56.83 -21.54 34.20
C GLU H 186 -55.68 -22.32 34.83
N GLY H 187 -55.71 -23.65 34.80
CA GLY H 187 -54.68 -24.54 35.36
C GLY H 187 -53.34 -24.36 34.68
N HIS H 188 -53.33 -24.16 33.35
CA HIS H 188 -52.13 -23.91 32.51
C HIS H 188 -51.51 -22.56 32.88
N ARG H 189 -52.36 -21.54 33.07
CA ARG H 189 -51.97 -20.18 33.52
C ARG H 189 -51.25 -20.28 34.88
N LYS H 190 -51.88 -20.95 35.84
CA LYS H 190 -51.34 -21.22 37.21
C LYS H 190 -49.96 -21.90 37.08
N PHE H 191 -49.89 -23.00 36.34
CA PHE H 191 -48.68 -23.83 36.09
C PHE H 191 -47.52 -22.94 35.63
N LEU H 192 -47.75 -22.11 34.62
CA LEU H 192 -46.72 -21.22 34.01
C LEU H 192 -46.27 -20.15 35.03
N GLU H 193 -47.22 -19.59 35.78
CA GLU H 193 -46.96 -18.56 36.82
C GLU H 193 -46.07 -19.15 37.92
N ASP H 194 -46.45 -20.32 38.45
CA ASP H 194 -45.66 -21.07 39.46
C ASP H 194 -44.23 -21.21 38.94
N TYR H 196 -42.65 -19.73 36.63
CA TYR H 196 -42.02 -18.43 36.40
C TYR H 196 -41.40 -17.89 37.69
N ALA H 197 -42.00 -18.18 38.84
CA ALA H 197 -41.58 -17.67 40.17
C ALA H 197 -40.52 -18.59 40.78
N HIS H 198 -39.76 -19.33 39.98
CA HIS H 198 -38.67 -20.22 40.46
C HIS H 198 -37.41 -19.99 39.64
N LYS H 199 -36.25 -20.09 40.30
CA LYS H 199 -34.92 -19.95 39.65
C LYS H 199 -34.68 -21.20 38.80
N PHE H 200 -35.11 -22.36 39.29
CA PHE H 200 -34.93 -23.68 38.63
C PHE H 200 -36.26 -24.41 38.50
N CYS H 201 -36.28 -25.34 37.55
CA CYS H 201 -37.35 -26.34 37.35
C CYS H 201 -36.70 -27.72 37.13
N PHE H 202 -37.16 -28.75 37.84
CA PHE H 202 -36.82 -30.16 37.52
C PHE H 202 -37.37 -30.49 36.13
N ALA H 203 -36.51 -30.84 35.17
CA ALA H 203 -36.91 -31.19 33.78
C ALA H 203 -36.36 -32.55 33.39
N PRO H 204 -36.66 -33.63 34.13
CA PRO H 204 -36.15 -34.96 33.80
C PRO H 204 -36.80 -35.53 32.54
N ARG H 205 -36.09 -36.41 31.83
CA ARG H 205 -36.62 -37.14 30.65
C ARG H 205 -37.90 -37.89 31.04
N GLY H 206 -38.80 -38.08 30.07
CA GLY H 206 -40.02 -38.88 30.22
C GLY H 206 -39.93 -40.16 29.40
N ASN H 207 -41.04 -40.59 28.80
CA ASN H 207 -41.09 -41.78 27.92
C ASN H 207 -40.13 -41.53 26.75
N GLY H 208 -40.14 -40.30 26.20
CA GLY H 208 -39.11 -39.78 25.29
C GLY H 208 -38.04 -39.05 26.07
N ILE H 209 -36.82 -38.96 25.52
CA ILE H 209 -35.65 -38.32 26.19
C ILE H 209 -35.91 -36.82 26.31
N ASP H 210 -36.39 -36.17 25.24
CA ASP H 210 -36.70 -34.72 25.24
C ASP H 210 -38.11 -34.53 25.81
N THR H 211 -38.32 -33.44 26.54
CA THR H 211 -39.61 -33.09 27.21
C THR H 211 -39.96 -31.63 26.92
N HIS H 212 -41.27 -31.32 26.93
CA HIS H 212 -41.80 -29.94 26.79
C HIS H 212 -41.31 -29.08 27.95
N ARG H 213 -41.19 -29.67 29.14
CA ARG H 213 -40.90 -28.93 30.40
C ARG H 213 -39.59 -28.15 30.26
N LEU H 214 -38.58 -28.74 29.62
CA LEU H 214 -37.23 -28.16 29.44
C LEU H 214 -37.38 -26.78 28.78
N TRP H 215 -38.15 -26.74 27.67
CA TRP H 215 -38.29 -25.57 26.76
C TRP H 215 -39.26 -24.56 27.38
N GLU H 216 -40.37 -25.03 27.95
CA GLU H 216 -41.32 -24.21 28.72
C GLU H 216 -40.55 -23.43 29.80
N SER H 217 -39.61 -24.10 30.47
CA SER H 217 -38.75 -23.53 31.53
C SER H 217 -37.87 -22.43 30.95
N LEU H 218 -37.18 -22.73 29.83
CA LEU H 218 -36.21 -21.81 29.17
C LEU H 218 -36.94 -20.54 28.68
N TYR H 219 -38.14 -20.65 28.10
CA TYR H 219 -38.95 -19.50 27.61
C TYR H 219 -39.31 -18.59 28.80
N LEU H 220 -39.62 -19.18 29.96
CA LEU H 220 -40.01 -18.44 31.20
C LEU H 220 -38.76 -17.93 31.94
N ARG H 221 -37.57 -18.16 31.38
CA ARG H 221 -36.25 -17.75 31.95
C ARG H 221 -36.03 -18.44 33.30
N THR H 222 -36.60 -19.63 33.49
CA THR H 222 -36.30 -20.56 34.61
C THR H 222 -35.28 -21.59 34.10
N ILE H 223 -34.27 -21.94 34.90
CA ILE H 223 -33.20 -22.89 34.52
C ILE H 223 -33.74 -24.31 34.69
N PRO H 224 -33.86 -25.11 33.59
CA PRO H 224 -34.26 -26.50 33.69
C PRO H 224 -33.10 -27.36 34.20
N ILE H 225 -33.38 -28.34 35.06
CA ILE H 225 -32.36 -29.36 35.48
C ILE H 225 -32.68 -30.68 34.76
N VAL H 226 -31.70 -31.20 34.02
CA VAL H 226 -31.82 -32.37 33.08
C VAL H 226 -30.58 -33.24 33.25
N LYS H 227 -30.74 -34.57 33.32
CA LYS H 227 -29.61 -35.54 33.33
C LYS H 227 -28.93 -35.50 31.96
N LYS H 228 -27.59 -35.52 31.93
CA LYS H 228 -26.78 -35.56 30.68
C LYS H 228 -27.23 -36.79 29.87
N HIS H 229 -27.27 -36.64 28.55
CA HIS H 229 -27.66 -37.67 27.57
C HIS H 229 -27.17 -37.23 26.19
N ILE H 230 -26.85 -38.19 25.32
CA ILE H 230 -26.42 -37.93 23.91
C ILE H 230 -27.46 -37.07 23.19
N ALA H 231 -28.74 -37.16 23.59
CA ALA H 231 -29.86 -36.41 22.99
C ALA H 231 -29.81 -34.93 23.36
N GLU H 233 -26.72 -33.30 24.09
CA GLU H 233 -25.33 -32.88 24.10
C GLU H 233 -25.13 -31.67 23.17
N GLN H 234 -26.05 -31.43 22.25
CA GLN H 234 -25.99 -30.30 21.29
C GLN H 234 -26.70 -29.07 21.87
N PHE H 235 -27.19 -29.14 23.10
CA PHE H 235 -27.90 -28.02 23.76
C PHE H 235 -27.07 -27.47 24.94
N THR H 236 -25.78 -27.79 24.99
CA THR H 236 -24.86 -27.33 26.07
C THR H 236 -24.56 -25.83 25.92
N ASP H 237 -24.98 -25.19 24.82
CA ASP H 237 -24.86 -23.72 24.61
C ASP H 237 -26.15 -23.00 25.05
N LEU H 238 -27.06 -23.70 25.75
CA LEU H 238 -28.25 -23.06 26.38
C LEU H 238 -28.14 -23.19 27.89
N PRO H 239 -28.78 -22.28 28.67
CA PRO H 239 -28.63 -22.27 30.13
C PRO H 239 -29.43 -23.40 30.79
N ILE H 240 -29.10 -24.65 30.44
CA ILE H 240 -29.64 -25.91 31.05
C ILE H 240 -28.62 -26.42 32.07
N LEU H 241 -29.04 -26.63 33.32
CA LEU H 241 -28.18 -27.29 34.34
C LEU H 241 -28.19 -28.80 34.08
N PHE H 242 -27.15 -29.30 33.42
CA PHE H 242 -26.94 -30.74 33.11
C PHE H 242 -26.29 -31.43 34.31
N VAL H 243 -26.86 -32.55 34.75
CA VAL H 243 -26.43 -33.29 35.98
C VAL H 243 -25.99 -34.70 35.59
N ASN H 244 -24.96 -35.22 36.27
CA ASN H 244 -24.44 -36.61 36.11
C ASN H 244 -25.47 -37.59 36.70
N ASP H 245 -26.13 -37.21 37.79
CA ASP H 245 -27.14 -38.03 38.49
C ASP H 245 -28.11 -37.10 39.23
N TRP H 246 -29.03 -37.64 40.03
CA TRP H 246 -30.14 -36.89 40.67
C TRP H 246 -29.89 -36.75 42.17
N GLU H 247 -28.70 -37.15 42.63
CA GLU H 247 -28.35 -37.25 44.07
C GLU H 247 -27.49 -36.05 44.48
N ASN H 248 -27.69 -35.55 45.71
CA ASN H 248 -26.84 -34.54 46.39
C ASN H 248 -27.01 -33.16 45.73
N ILE H 249 -28.18 -32.87 45.16
CA ILE H 249 -28.66 -31.48 44.92
C ILE H 249 -28.97 -30.86 46.28
N THR H 250 -28.24 -29.81 46.64
CA THR H 250 -28.43 -29.00 47.87
C THR H 250 -28.72 -27.56 47.46
N GLU H 251 -29.19 -26.76 48.41
CA GLU H 251 -29.43 -25.30 48.26
C GLU H 251 -28.13 -24.63 47.80
N GLU H 252 -27.02 -24.92 48.49
CA GLU H 252 -25.68 -24.34 48.20
C GLU H 252 -25.29 -24.65 46.75
N TYR H 253 -25.43 -25.90 46.31
CA TYR H 253 -25.09 -26.34 44.93
C TYR H 253 -25.85 -25.49 43.91
N LEU H 254 -27.18 -25.38 44.06
CA LEU H 254 -28.05 -24.69 43.07
C LEU H 254 -27.76 -23.17 43.10
N ASN H 255 -27.57 -22.59 44.29
CA ASN H 255 -27.29 -21.14 44.46
C ASN H 255 -26.03 -20.78 43.68
N GLU H 256 -25.01 -21.64 43.74
CA GLU H 256 -23.74 -21.49 42.98
C GLU H 256 -24.03 -21.64 41.48
N GLN H 257 -24.74 -22.70 41.07
CA GLN H 257 -25.04 -22.97 39.64
C GLN H 257 -25.89 -21.83 39.06
N TYR H 258 -26.79 -21.25 39.87
CA TYR H 258 -27.61 -20.06 39.50
C TYR H 258 -26.68 -18.87 39.19
N ASP H 259 -25.76 -18.56 40.11
CA ASP H 259 -24.79 -17.44 39.98
C ASP H 259 -23.93 -17.65 38.72
N ILE H 260 -23.47 -18.88 38.48
CA ILE H 260 -22.62 -19.21 37.29
C ILE H 260 -23.46 -19.02 36.01
N ILE H 261 -24.68 -19.55 35.97
CA ILE H 261 -25.50 -19.63 34.71
C ILE H 261 -26.06 -18.23 34.37
N ALA H 263 -24.58 -15.42 34.98
CA ALA H 263 -23.49 -14.56 34.56
C ALA H 263 -22.96 -14.97 33.18
N LYS H 264 -23.22 -16.20 32.73
CA LYS H 264 -22.72 -16.72 31.43
C LYS H 264 -23.52 -16.12 30.25
N ASP H 265 -22.90 -16.06 29.08
CA ASP H 265 -23.56 -15.77 27.79
C ASP H 265 -23.92 -17.11 27.14
N TRP H 266 -25.13 -17.20 26.56
CA TRP H 266 -25.67 -18.43 25.94
C TRP H 266 -26.25 -18.13 24.56
N ASN H 267 -26.34 -19.17 23.73
CA ASN H 267 -26.83 -19.12 22.33
C ASN H 267 -28.36 -19.14 22.35
N LEU H 268 -28.99 -18.12 22.94
CA LEU H 268 -30.46 -18.01 23.17
C LEU H 268 -31.23 -17.92 21.85
N ASP H 269 -30.54 -17.77 20.70
CA ASP H 269 -31.15 -17.77 19.34
C ASP H 269 -31.70 -19.16 19.04
N LYS H 270 -31.16 -20.22 19.65
CA LYS H 270 -31.60 -21.62 19.47
C LYS H 270 -33.02 -21.82 20.01
N LEU H 271 -33.50 -20.94 20.89
CA LEU H 271 -34.92 -20.95 21.39
C LEU H 271 -35.87 -20.38 20.32
N LYS H 272 -35.36 -19.60 19.35
CA LYS H 272 -36.17 -18.95 18.28
C LYS H 272 -36.31 -19.91 17.09
N ILE H 273 -37.53 -20.11 16.58
CA ILE H 273 -37.84 -21.07 15.48
C ILE H 273 -37.06 -20.69 14.21
N ASP H 274 -36.90 -19.39 13.94
CA ASP H 274 -36.21 -18.83 12.75
C ASP H 274 -34.81 -19.44 12.63
N TYR H 275 -34.12 -19.61 13.75
CA TYR H 275 -32.81 -20.28 13.85
C TYR H 275 -32.86 -21.65 13.17
N TRP H 276 -33.94 -22.41 13.40
CA TRP H 276 -34.08 -23.82 12.93
C TRP H 276 -34.62 -23.85 11.50
N TYR H 277 -35.56 -22.97 11.14
CA TYR H 277 -35.93 -22.69 9.73
C TYR H 277 -34.65 -22.45 8.92
N GLN H 278 -33.83 -21.48 9.35
CA GLN H 278 -32.60 -21.08 8.63
C GLN H 278 -31.64 -22.27 8.55
N LYS H 279 -31.47 -23.00 9.65
CA LYS H 279 -30.50 -24.12 9.76
C LYS H 279 -30.86 -25.21 8.74
N ILE H 280 -32.15 -25.49 8.57
CA ILE H 280 -32.67 -26.49 7.58
C ILE H 280 -32.35 -25.98 6.17
N LEU H 281 -32.48 -24.67 5.91
CA LEU H 281 -32.17 -24.06 4.59
C LEU H 281 -30.71 -24.33 4.24
N GLU H 282 -29.79 -24.11 5.18
CA GLU H 282 -28.32 -24.23 4.97
C GLU H 282 -28.01 -25.55 4.23
N TYR H 283 -28.77 -26.62 4.51
CA TYR H 283 -28.74 -27.91 3.79
C TYR H 283 -29.90 -27.94 2.80
N SER H 284 -29.72 -27.37 1.60
CA SER H 284 -30.75 -27.21 0.55
C SER H 284 -31.42 -28.55 0.24
#